data_7HMM
# 
_entry.id   7HMM 
# 
_audit_conform.dict_name       mmcif_pdbx.dic 
_audit_conform.dict_version    5.399 
_audit_conform.dict_location   http://mmcif.pdb.org/dictionaries/ascii/mmcif_pdbx.dic 
# 
loop_
_database_2.database_id 
_database_2.database_code 
_database_2.pdbx_database_accession 
_database_2.pdbx_DOI 
PDB   7HMM         pdb_00007hmm 10.2210/pdb7hmm/pdb 
WWPDB D_1001407664 ?            ?                   
# 
_pdbx_audit_revision_history.ordinal             1 
_pdbx_audit_revision_history.data_content_type   'Structure model' 
_pdbx_audit_revision_history.major_revision      1 
_pdbx_audit_revision_history.minor_revision      0 
_pdbx_audit_revision_history.revision_date       2024-11-27 
# 
_pdbx_audit_revision_details.ordinal             1 
_pdbx_audit_revision_details.revision_ordinal    1 
_pdbx_audit_revision_details.data_content_type   'Structure model' 
_pdbx_audit_revision_details.provider            repository 
_pdbx_audit_revision_details.type                'Initial release' 
_pdbx_audit_revision_details.description         ? 
_pdbx_audit_revision_details.details             ? 
# 
_pdbx_database_status.entry_id                        7HMM 
_pdbx_database_status.status_code                     REL 
_pdbx_database_status.status_code_sf                  REL 
_pdbx_database_status.status_code_mr                  ? 
_pdbx_database_status.status_code_cs                  ? 
_pdbx_database_status.recvd_initial_deposition_date   2024-11-04 
_pdbx_database_status.status_code_nmr_data            ? 
_pdbx_database_status.deposit_site                    RCSB 
_pdbx_database_status.process_site                    RCSB 
_pdbx_database_status.SG_entry                        ? 
_pdbx_database_status.pdb_format_compatible           Y 
_pdbx_database_status.methods_development_category    ? 
# 
_pdbx_contact_author.id                 1 
_pdbx_contact_author.email              knapp@pharmchem.uni-frankfurt.de 
_pdbx_contact_author.name_first         Stefan 
_pdbx_contact_author.name_last          Knapp 
_pdbx_contact_author.role               'principal investigator/group leader' 
_pdbx_contact_author.identifier_ORCID   0000-0001-5995-6494 
_pdbx_contact_author.name_mi            ? 
# 
loop_
_audit_author.name 
_audit_author.pdbx_ordinal 
'Kim, Y.'                              1 
'Marples, P.'                          2 
'Fearon, D.'                           3 
'von Delft, F.'                        4 
'Knapp, S.'                            5 
'Kraemer, A.'                          6 
'Structural Genomics Consortium (SGC)' 7 
# 
_citation.id                        primary 
_citation.title                     'PanDDA analysis group deposition' 
_citation.journal_abbrev            'To Be Published' 
_citation.journal_volume            ? 
_citation.page_first                ? 
_citation.page_last                 ? 
_citation.year                      ? 
_citation.journal_id_ASTM           ? 
_citation.country                   ? 
_citation.journal_id_ISSN           ? 
_citation.journal_id_CSD            0353 
_citation.book_publisher            ? 
_citation.pdbx_database_id_PubMed   ? 
_citation.pdbx_database_id_DOI      ? 
# 
loop_
_citation_author.citation_id 
_citation_author.name 
_citation_author.identifier_ORCID 
_citation_author.ordinal 
primary 'Kim, Y.'                              ? 1 
primary 'Marples, P.'                          ? 2 
primary 'Fearon, D.'                           ? 3 
primary 'von Delft, F.'                        ? 4 
primary 'Knapp, S.'                            ? 5 
primary 'Kraemer, A.'                          ? 6 
primary 'Structural Genomics Consortium (SGC)' ? 7 
# 
loop_
_entity.id 
_entity.type 
_entity.src_method 
_entity.pdbx_description 
_entity.formula_weight 
_entity.pdbx_number_of_molecules 
_entity.pdbx_ec 
_entity.pdbx_mutation 
_entity.pdbx_fragment 
_entity.details 
1 polymer     man 'E3 ubiquitin-protein ligase TRIM21' 21596.361 1   2.3.2.27 ? ? ? 
2 non-polymer syn N-methyl-4-sulfamoylbenzamide        214.242   1   ?        ? ? ? 
3 non-polymer syn 1,2-ETHANEDIOL                       62.068    1   ?        ? ? ? 
4 non-polymer syn 'SULFATE ION'                        96.063    1   ?        ? ? ? 
5 water       nat water                                18.015    144 ?        ? ? ? 
# 
_entity_name_com.entity_id   1 
_entity_name_com.name        
;52 kDa Ro protein,52 kDa ribonucleoprotein autoantigen Ro/SS-A,Ro(SS-A),Sjoegren syndrome type A antigen,SS-A,Tripartite motif-containing protein 21
;
# 
_entity_poly.entity_id                      1 
_entity_poly.type                           'polypeptide(L)' 
_entity_poly.nstd_linkage                   no 
_entity_poly.nstd_monomer                   no 
_entity_poly.pdbx_seq_one_letter_code       
;MHHHHHHMVHITLDRNTANSWLIISKDRRQVRMGDTHQNVSDNKERFSNYPMVLGAQRFSSGKMYWEVDVTQKEAWDLGV
CRDSVQRKGQFSLSPENGFWTIWLWQDSYEAGTSPQTTLHIQVPPCQIGIFVDYEAGVVSFYNITDHGSLIYTFSECVFA
GPLRPFFNVGFNYSGGNAAPLKLCPLKM
;
_entity_poly.pdbx_seq_one_letter_code_can   
;MHHHHHHMVHITLDRNTANSWLIISKDRRQVRMGDTHQNVSDNKERFSNYPMVLGAQRFSSGKMYWEVDVTQKEAWDLGV
CRDSVQRKGQFSLSPENGFWTIWLWQDSYEAGTSPQTTLHIQVPPCQIGIFVDYEAGVVSFYNITDHGSLIYTFSECVFA
GPLRPFFNVGFNYSGGNAAPLKLCPLKM
;
_entity_poly.pdbx_strand_id                 B 
_entity_poly.pdbx_target_identifier         ? 
# 
loop_
_pdbx_entity_nonpoly.entity_id 
_pdbx_entity_nonpoly.name 
_pdbx_entity_nonpoly.comp_id 
2 N-methyl-4-sulfamoylbenzamide W0Y 
3 1,2-ETHANEDIOL                EDO 
4 'SULFATE ION'                 SO4 
5 water                         HOH 
# 
loop_
_entity_poly_seq.entity_id 
_entity_poly_seq.num 
_entity_poly_seq.mon_id 
_entity_poly_seq.hetero 
1 1   MET n 
1 2   HIS n 
1 3   HIS n 
1 4   HIS n 
1 5   HIS n 
1 6   HIS n 
1 7   HIS n 
1 8   MET n 
1 9   VAL n 
1 10  HIS n 
1 11  ILE n 
1 12  THR n 
1 13  LEU n 
1 14  ASP n 
1 15  ARG n 
1 16  ASN n 
1 17  THR n 
1 18  ALA n 
1 19  ASN n 
1 20  SER n 
1 21  TRP n 
1 22  LEU n 
1 23  ILE n 
1 24  ILE n 
1 25  SER n 
1 26  LYS n 
1 27  ASP n 
1 28  ARG n 
1 29  ARG n 
1 30  GLN n 
1 31  VAL n 
1 32  ARG n 
1 33  MET n 
1 34  GLY n 
1 35  ASP n 
1 36  THR n 
1 37  HIS n 
1 38  GLN n 
1 39  ASN n 
1 40  VAL n 
1 41  SER n 
1 42  ASP n 
1 43  ASN n 
1 44  LYS n 
1 45  GLU n 
1 46  ARG n 
1 47  PHE n 
1 48  SER n 
1 49  ASN n 
1 50  TYR n 
1 51  PRO n 
1 52  MET n 
1 53  VAL n 
1 54  LEU n 
1 55  GLY n 
1 56  ALA n 
1 57  GLN n 
1 58  ARG n 
1 59  PHE n 
1 60  SER n 
1 61  SER n 
1 62  GLY n 
1 63  LYS n 
1 64  MET n 
1 65  TYR n 
1 66  TRP n 
1 67  GLU n 
1 68  VAL n 
1 69  ASP n 
1 70  VAL n 
1 71  THR n 
1 72  GLN n 
1 73  LYS n 
1 74  GLU n 
1 75  ALA n 
1 76  TRP n 
1 77  ASP n 
1 78  LEU n 
1 79  GLY n 
1 80  VAL n 
1 81  CYS n 
1 82  ARG n 
1 83  ASP n 
1 84  SER n 
1 85  VAL n 
1 86  GLN n 
1 87  ARG n 
1 88  LYS n 
1 89  GLY n 
1 90  GLN n 
1 91  PHE n 
1 92  SER n 
1 93  LEU n 
1 94  SER n 
1 95  PRO n 
1 96  GLU n 
1 97  ASN n 
1 98  GLY n 
1 99  PHE n 
1 100 TRP n 
1 101 THR n 
1 102 ILE n 
1 103 TRP n 
1 104 LEU n 
1 105 TRP n 
1 106 GLN n 
1 107 ASP n 
1 108 SER n 
1 109 TYR n 
1 110 GLU n 
1 111 ALA n 
1 112 GLY n 
1 113 THR n 
1 114 SER n 
1 115 PRO n 
1 116 GLN n 
1 117 THR n 
1 118 THR n 
1 119 LEU n 
1 120 HIS n 
1 121 ILE n 
1 122 GLN n 
1 123 VAL n 
1 124 PRO n 
1 125 PRO n 
1 126 CYS n 
1 127 GLN n 
1 128 ILE n 
1 129 GLY n 
1 130 ILE n 
1 131 PHE n 
1 132 VAL n 
1 133 ASP n 
1 134 TYR n 
1 135 GLU n 
1 136 ALA n 
1 137 GLY n 
1 138 VAL n 
1 139 VAL n 
1 140 SER n 
1 141 PHE n 
1 142 TYR n 
1 143 ASN n 
1 144 ILE n 
1 145 THR n 
1 146 ASP n 
1 147 HIS n 
1 148 GLY n 
1 149 SER n 
1 150 LEU n 
1 151 ILE n 
1 152 TYR n 
1 153 THR n 
1 154 PHE n 
1 155 SER n 
1 156 GLU n 
1 157 CYS n 
1 158 VAL n 
1 159 PHE n 
1 160 ALA n 
1 161 GLY n 
1 162 PRO n 
1 163 LEU n 
1 164 ARG n 
1 165 PRO n 
1 166 PHE n 
1 167 PHE n 
1 168 ASN n 
1 169 VAL n 
1 170 GLY n 
1 171 PHE n 
1 172 ASN n 
1 173 TYR n 
1 174 SER n 
1 175 GLY n 
1 176 GLY n 
1 177 ASN n 
1 178 ALA n 
1 179 ALA n 
1 180 PRO n 
1 181 LEU n 
1 182 LYS n 
1 183 LEU n 
1 184 CYS n 
1 185 PRO n 
1 186 LEU n 
1 187 LYS n 
1 188 MET n 
# 
_entity_src_gen.entity_id                          1 
_entity_src_gen.pdbx_src_id                        1 
_entity_src_gen.pdbx_alt_source_flag               sample 
_entity_src_gen.pdbx_seq_type                      'Biological sequence' 
_entity_src_gen.pdbx_beg_seq_num                   1 
_entity_src_gen.pdbx_end_seq_num                   188 
_entity_src_gen.gene_src_common_name               'house mouse' 
_entity_src_gen.gene_src_genus                     ? 
_entity_src_gen.pdbx_gene_src_gene                 'Trim21, Ro52, Ssa1' 
_entity_src_gen.gene_src_species                   ? 
_entity_src_gen.gene_src_strain                    ? 
_entity_src_gen.gene_src_tissue                    ? 
_entity_src_gen.gene_src_tissue_fraction           ? 
_entity_src_gen.gene_src_details                   ? 
_entity_src_gen.pdbx_gene_src_fragment             ? 
_entity_src_gen.pdbx_gene_src_scientific_name      'Mus musculus' 
_entity_src_gen.pdbx_gene_src_ncbi_taxonomy_id     10090 
_entity_src_gen.pdbx_gene_src_variant              ? 
_entity_src_gen.pdbx_gene_src_cell_line            ? 
_entity_src_gen.pdbx_gene_src_atcc                 ? 
_entity_src_gen.pdbx_gene_src_organ                ? 
_entity_src_gen.pdbx_gene_src_organelle            ? 
_entity_src_gen.pdbx_gene_src_cell                 ? 
_entity_src_gen.pdbx_gene_src_cellular_location    ? 
_entity_src_gen.host_org_common_name               ? 
_entity_src_gen.pdbx_host_org_scientific_name      'Escherichia coli' 
_entity_src_gen.pdbx_host_org_ncbi_taxonomy_id     562 
_entity_src_gen.host_org_genus                     ? 
_entity_src_gen.pdbx_host_org_gene                 ? 
_entity_src_gen.pdbx_host_org_organ                ? 
_entity_src_gen.host_org_species                   ? 
_entity_src_gen.pdbx_host_org_tissue               ? 
_entity_src_gen.pdbx_host_org_tissue_fraction      ? 
_entity_src_gen.pdbx_host_org_strain               ? 
_entity_src_gen.pdbx_host_org_variant              ? 
_entity_src_gen.pdbx_host_org_cell_line            ? 
_entity_src_gen.pdbx_host_org_atcc                 ? 
_entity_src_gen.pdbx_host_org_culture_collection   ? 
_entity_src_gen.pdbx_host_org_cell                 ? 
_entity_src_gen.pdbx_host_org_organelle            ? 
_entity_src_gen.pdbx_host_org_cellular_location    ? 
_entity_src_gen.pdbx_host_org_vector_type          ? 
_entity_src_gen.pdbx_host_org_vector               ? 
_entity_src_gen.host_org_details                   ? 
_entity_src_gen.expression_system_id               ? 
_entity_src_gen.plasmid_name                       ? 
_entity_src_gen.plasmid_details                    ? 
_entity_src_gen.pdbx_description                   ? 
# 
loop_
_chem_comp.id 
_chem_comp.type 
_chem_comp.mon_nstd_flag 
_chem_comp.name 
_chem_comp.pdbx_synonyms 
_chem_comp.formula 
_chem_comp.formula_weight 
ALA 'L-peptide linking' y ALANINE                       ?                 'C3 H7 N O2'     89.093  
ARG 'L-peptide linking' y ARGININE                      ?                 'C6 H15 N4 O2 1' 175.209 
ASN 'L-peptide linking' y ASPARAGINE                    ?                 'C4 H8 N2 O3'    132.118 
ASP 'L-peptide linking' y 'ASPARTIC ACID'               ?                 'C4 H7 N O4'     133.103 
CYS 'L-peptide linking' y CYSTEINE                      ?                 'C3 H7 N O2 S'   121.158 
EDO non-polymer         . 1,2-ETHANEDIOL                'ETHYLENE GLYCOL' 'C2 H6 O2'       62.068  
GLN 'L-peptide linking' y GLUTAMINE                     ?                 'C5 H10 N2 O3'   146.144 
GLU 'L-peptide linking' y 'GLUTAMIC ACID'               ?                 'C5 H9 N O4'     147.129 
GLY 'peptide linking'   y GLYCINE                       ?                 'C2 H5 N O2'     75.067  
HIS 'L-peptide linking' y HISTIDINE                     ?                 'C6 H10 N3 O2 1' 156.162 
HOH non-polymer         . WATER                         ?                 'H2 O'           18.015  
ILE 'L-peptide linking' y ISOLEUCINE                    ?                 'C6 H13 N O2'    131.173 
LEU 'L-peptide linking' y LEUCINE                       ?                 'C6 H13 N O2'    131.173 
LYS 'L-peptide linking' y LYSINE                        ?                 'C6 H15 N2 O2 1' 147.195 
MET 'L-peptide linking' y METHIONINE                    ?                 'C5 H11 N O2 S'  149.211 
PHE 'L-peptide linking' y PHENYLALANINE                 ?                 'C9 H11 N O2'    165.189 
PRO 'L-peptide linking' y PROLINE                       ?                 'C5 H9 N O2'     115.130 
SER 'L-peptide linking' y SERINE                        ?                 'C3 H7 N O3'     105.093 
SO4 non-polymer         . 'SULFATE ION'                 ?                 'O4 S -2'        96.063  
THR 'L-peptide linking' y THREONINE                     ?                 'C4 H9 N O3'     119.119 
TRP 'L-peptide linking' y TRYPTOPHAN                    ?                 'C11 H12 N2 O2'  204.225 
TYR 'L-peptide linking' y TYROSINE                      ?                 'C9 H11 N O3'    181.189 
VAL 'L-peptide linking' y VALINE                        ?                 'C5 H11 N O2'    117.146 
W0Y non-polymer         . N-methyl-4-sulfamoylbenzamide ?                 'C8 H10 N2 O3 S' 214.242 
# 
loop_
_pdbx_poly_seq_scheme.asym_id 
_pdbx_poly_seq_scheme.entity_id 
_pdbx_poly_seq_scheme.seq_id 
_pdbx_poly_seq_scheme.mon_id 
_pdbx_poly_seq_scheme.ndb_seq_num 
_pdbx_poly_seq_scheme.pdb_seq_num 
_pdbx_poly_seq_scheme.auth_seq_num 
_pdbx_poly_seq_scheme.pdb_mon_id 
_pdbx_poly_seq_scheme.auth_mon_id 
_pdbx_poly_seq_scheme.pdb_strand_id 
_pdbx_poly_seq_scheme.pdb_ins_code 
_pdbx_poly_seq_scheme.hetero 
A 1 1   MET 1   7   ?   ?   ?   B . n 
A 1 2   HIS 2   8   8   HIS HIS B . n 
A 1 3   HIS 3   9   9   HIS HIS B . n 
A 1 4   HIS 4   10  10  HIS HIS B . n 
A 1 5   HIS 5   11  11  HIS HIS B . n 
A 1 6   HIS 6   12  12  HIS HIS B . n 
A 1 7   HIS 7   13  13  HIS HIS B . n 
A 1 8   MET 8   14  14  MET MET B . n 
A 1 9   VAL 9   15  15  VAL VAL B . n 
A 1 10  HIS 10  16  16  HIS HIS B . n 
A 1 11  ILE 11  17  17  ILE ILE B . n 
A 1 12  THR 12  18  18  THR THR B . n 
A 1 13  LEU 13  19  19  LEU LEU B . n 
A 1 14  ASP 14  20  20  ASP ASP B . n 
A 1 15  ARG 15  21  21  ARG ARG B . n 
A 1 16  ASN 16  22  22  ASN ASN B . n 
A 1 17  THR 17  23  23  THR THR B . n 
A 1 18  ALA 18  24  24  ALA ALA B . n 
A 1 19  ASN 19  25  25  ASN ASN B . n 
A 1 20  SER 20  26  26  SER SER B . n 
A 1 21  TRP 21  27  27  TRP TRP B . n 
A 1 22  LEU 22  28  28  LEU LEU B . n 
A 1 23  ILE 23  29  29  ILE ILE B . n 
A 1 24  ILE 24  30  30  ILE ILE B . n 
A 1 25  SER 25  31  31  SER SER B . n 
A 1 26  LYS 26  32  32  LYS LYS B . n 
A 1 27  ASP 27  33  33  ASP ASP B . n 
A 1 28  ARG 28  34  34  ARG ARG B . n 
A 1 29  ARG 29  35  35  ARG ARG B . n 
A 1 30  GLN 30  36  36  GLN GLN B . n 
A 1 31  VAL 31  37  37  VAL VAL B . n 
A 1 32  ARG 32  38  38  ARG ARG B . n 
A 1 33  MET 33  39  39  MET MET B . n 
A 1 34  GLY 34  40  40  GLY GLY B . n 
A 1 35  ASP 35  41  41  ASP ASP B . n 
A 1 36  THR 36  42  42  THR THR B . n 
A 1 37  HIS 37  43  43  HIS HIS B . n 
A 1 38  GLN 38  44  44  GLN GLN B . n 
A 1 39  ASN 39  45  45  ASN ASN B . n 
A 1 40  VAL 40  46  46  VAL VAL B . n 
A 1 41  SER 41  47  47  SER SER B . n 
A 1 42  ASP 42  48  48  ASP ASP B . n 
A 1 43  ASN 43  49  49  ASN ASN B . n 
A 1 44  LYS 44  50  50  LYS LYS B . n 
A 1 45  GLU 45  51  51  GLU GLU B . n 
A 1 46  ARG 46  52  52  ARG ARG B . n 
A 1 47  PHE 47  53  53  PHE PHE B . n 
A 1 48  SER 48  54  54  SER SER B . n 
A 1 49  ASN 49  55  55  ASN ASN B . n 
A 1 50  TYR 50  56  56  TYR TYR B . n 
A 1 51  PRO 51  57  57  PRO PRO B . n 
A 1 52  MET 52  58  58  MET MET B . n 
A 1 53  VAL 53  59  59  VAL VAL B . n 
A 1 54  LEU 54  60  60  LEU LEU B . n 
A 1 55  GLY 55  61  61  GLY GLY B . n 
A 1 56  ALA 56  62  62  ALA ALA B . n 
A 1 57  GLN 57  63  63  GLN GLN B . n 
A 1 58  ARG 58  64  64  ARG ARG B . n 
A 1 59  PHE 59  65  65  PHE PHE B . n 
A 1 60  SER 60  66  66  SER SER B . n 
A 1 61  SER 61  67  67  SER SER B . n 
A 1 62  GLY 62  68  68  GLY GLY B . n 
A 1 63  LYS 63  69  69  LYS LYS B . n 
A 1 64  MET 64  70  70  MET MET B . n 
A 1 65  TYR 65  71  71  TYR TYR B . n 
A 1 66  TRP 66  72  72  TRP TRP B . n 
A 1 67  GLU 67  73  73  GLU GLU B . n 
A 1 68  VAL 68  74  74  VAL VAL B . n 
A 1 69  ASP 69  75  75  ASP ASP B . n 
A 1 70  VAL 70  76  76  VAL VAL B . n 
A 1 71  THR 71  77  77  THR THR B . n 
A 1 72  GLN 72  78  78  GLN GLN B . n 
A 1 73  LYS 73  79  79  LYS LYS B . n 
A 1 74  GLU 74  80  80  GLU GLU B . n 
A 1 75  ALA 75  81  81  ALA ALA B . n 
A 1 76  TRP 76  82  82  TRP TRP B . n 
A 1 77  ASP 77  83  83  ASP ASP B . n 
A 1 78  LEU 78  84  84  LEU LEU B . n 
A 1 79  GLY 79  85  85  GLY GLY B . n 
A 1 80  VAL 80  86  86  VAL VAL B . n 
A 1 81  CYS 81  87  87  CYS CYS B . n 
A 1 82  ARG 82  88  88  ARG ARG B . n 
A 1 83  ASP 83  89  89  ASP ASP B . n 
A 1 84  SER 84  90  90  SER SER B . n 
A 1 85  VAL 85  91  91  VAL VAL B . n 
A 1 86  GLN 86  92  92  GLN GLN B . n 
A 1 87  ARG 87  93  93  ARG ARG B . n 
A 1 88  LYS 88  94  94  LYS LYS B . n 
A 1 89  GLY 89  95  95  GLY GLY B . n 
A 1 90  GLN 90  96  96  GLN GLN B . n 
A 1 91  PHE 91  97  97  PHE PHE B . n 
A 1 92  SER 92  98  98  SER SER B . n 
A 1 93  LEU 93  99  99  LEU LEU B . n 
A 1 94  SER 94  100 100 SER SER B . n 
A 1 95  PRO 95  101 101 PRO PRO B . n 
A 1 96  GLU 96  102 102 GLU GLU B . n 
A 1 97  ASN 97  103 103 ASN ASN B . n 
A 1 98  GLY 98  104 104 GLY GLY B . n 
A 1 99  PHE 99  105 105 PHE PHE B . n 
A 1 100 TRP 100 106 106 TRP TRP B . n 
A 1 101 THR 101 107 107 THR THR B . n 
A 1 102 ILE 102 108 108 ILE ILE B . n 
A 1 103 TRP 103 109 109 TRP TRP B . n 
A 1 104 LEU 104 110 110 LEU LEU B . n 
A 1 105 TRP 105 111 111 TRP TRP B . n 
A 1 106 GLN 106 112 112 GLN GLN B . n 
A 1 107 ASP 107 113 113 ASP ASP B . n 
A 1 108 SER 108 114 114 SER SER B . n 
A 1 109 TYR 109 115 115 TYR TYR B . n 
A 1 110 GLU 110 116 116 GLU GLU B . n 
A 1 111 ALA 111 117 117 ALA ALA B . n 
A 1 112 GLY 112 118 118 GLY GLY B . n 
A 1 113 THR 113 119 119 THR THR B . n 
A 1 114 SER 114 120 120 SER SER B . n 
A 1 115 PRO 115 121 121 PRO PRO B . n 
A 1 116 GLN 116 122 122 GLN GLN B . n 
A 1 117 THR 117 123 123 THR THR B . n 
A 1 118 THR 118 124 124 THR THR B . n 
A 1 119 LEU 119 125 125 LEU LEU B . n 
A 1 120 HIS 120 126 126 HIS HIS B . n 
A 1 121 ILE 121 127 127 ILE ILE B . n 
A 1 122 GLN 122 128 128 GLN GLN B . n 
A 1 123 VAL 123 129 129 VAL VAL B . n 
A 1 124 PRO 124 130 130 PRO PRO B . n 
A 1 125 PRO 125 131 131 PRO PRO B . n 
A 1 126 CYS 126 132 132 CYS CYS B . n 
A 1 127 GLN 127 133 133 GLN GLN B . n 
A 1 128 ILE 128 134 134 ILE ILE B . n 
A 1 129 GLY 129 135 135 GLY GLY B . n 
A 1 130 ILE 130 136 136 ILE ILE B . n 
A 1 131 PHE 131 137 137 PHE PHE B . n 
A 1 132 VAL 132 138 138 VAL VAL B . n 
A 1 133 ASP 133 139 139 ASP ASP B . n 
A 1 134 TYR 134 140 140 TYR TYR B . n 
A 1 135 GLU 135 141 141 GLU GLU B . n 
A 1 136 ALA 136 142 142 ALA ALA B . n 
A 1 137 GLY 137 143 143 GLY GLY B . n 
A 1 138 VAL 138 144 144 VAL VAL B . n 
A 1 139 VAL 139 145 145 VAL VAL B . n 
A 1 140 SER 140 146 146 SER SER B . n 
A 1 141 PHE 141 147 147 PHE PHE B . n 
A 1 142 TYR 142 148 148 TYR TYR B . n 
A 1 143 ASN 143 149 149 ASN ASN B . n 
A 1 144 ILE 144 150 150 ILE ILE B . n 
A 1 145 THR 145 151 151 THR THR B . n 
A 1 146 ASP 146 152 152 ASP ASP B . n 
A 1 147 HIS 147 153 153 HIS HIS B . n 
A 1 148 GLY 148 154 154 GLY GLY B . n 
A 1 149 SER 149 155 155 SER SER B . n 
A 1 150 LEU 150 156 156 LEU LEU B . n 
A 1 151 ILE 151 157 157 ILE ILE B . n 
A 1 152 TYR 152 158 158 TYR TYR B . n 
A 1 153 THR 153 159 159 THR THR B . n 
A 1 154 PHE 154 160 160 PHE PHE B . n 
A 1 155 SER 155 161 161 SER SER B . n 
A 1 156 GLU 156 162 162 GLU GLU B . n 
A 1 157 CYS 157 163 163 CYS CYS B . n 
A 1 158 VAL 158 164 164 VAL VAL B . n 
A 1 159 PHE 159 165 165 PHE PHE B . n 
A 1 160 ALA 160 166 166 ALA ALA B . n 
A 1 161 GLY 161 167 167 GLY GLY B . n 
A 1 162 PRO 162 168 168 PRO PRO B . n 
A 1 163 LEU 163 169 169 LEU LEU B . n 
A 1 164 ARG 164 170 170 ARG ARG B . n 
A 1 165 PRO 165 171 171 PRO PRO B . n 
A 1 166 PHE 166 172 172 PHE PHE B . n 
A 1 167 PHE 167 173 173 PHE PHE B . n 
A 1 168 ASN 168 174 174 ASN ASN B . n 
A 1 169 VAL 169 175 175 VAL VAL B . n 
A 1 170 GLY 170 176 176 GLY GLY B . n 
A 1 171 PHE 171 177 177 PHE PHE B . n 
A 1 172 ASN 172 178 178 ASN ASN B . n 
A 1 173 TYR 173 179 179 TYR TYR B . n 
A 1 174 SER 174 180 180 SER SER B . n 
A 1 175 GLY 175 181 181 GLY GLY B . n 
A 1 176 GLY 176 182 182 GLY GLY B . n 
A 1 177 ASN 177 183 183 ASN ASN B . n 
A 1 178 ALA 178 184 184 ALA ALA B . n 
A 1 179 ALA 179 185 185 ALA ALA B . n 
A 1 180 PRO 180 186 186 PRO PRO B . n 
A 1 181 LEU 181 187 187 LEU LEU B . n 
A 1 182 LYS 182 188 188 LYS LYS B . n 
A 1 183 LEU 183 189 189 LEU LEU B . n 
A 1 184 CYS 184 190 190 CYS CYS B . n 
A 1 185 PRO 185 191 191 PRO PRO B . n 
A 1 186 LEU 186 192 192 LEU LEU B . n 
A 1 187 LYS 187 193 ?   ?   ?   B . n 
A 1 188 MET 188 194 ?   ?   ?   B . n 
# 
_pdbx_entity_instance_feature.ordinal        1 
_pdbx_entity_instance_feature.comp_id        W0Y 
_pdbx_entity_instance_feature.asym_id        ? 
_pdbx_entity_instance_feature.seq_num        ? 
_pdbx_entity_instance_feature.auth_comp_id   W0Y 
_pdbx_entity_instance_feature.auth_asym_id   ? 
_pdbx_entity_instance_feature.auth_seq_num   ? 
_pdbx_entity_instance_feature.feature_type   'SUBJECT OF INVESTIGATION' 
_pdbx_entity_instance_feature.details        ? 
# 
loop_
_pdbx_nonpoly_scheme.asym_id 
_pdbx_nonpoly_scheme.entity_id 
_pdbx_nonpoly_scheme.mon_id 
_pdbx_nonpoly_scheme.ndb_seq_num 
_pdbx_nonpoly_scheme.pdb_seq_num 
_pdbx_nonpoly_scheme.auth_seq_num 
_pdbx_nonpoly_scheme.pdb_mon_id 
_pdbx_nonpoly_scheme.auth_mon_id 
_pdbx_nonpoly_scheme.pdb_strand_id 
_pdbx_nonpoly_scheme.pdb_ins_code 
B 2 W0Y 1   201 302 W0Y LIG B . 
C 3 EDO 1   202 305 EDO EDO B . 
D 4 SO4 1   203 1   SO4 SO4 B . 
E 5 HOH 1   301 29  HOH HOH B . 
E 5 HOH 2   302 107 HOH HOH B . 
E 5 HOH 3   303 2   HOH HOH B . 
E 5 HOH 4   304 12  HOH HOH B . 
E 5 HOH 5   305 9   HOH HOH B . 
E 5 HOH 6   306 11  HOH HOH B . 
E 5 HOH 7   307 51  HOH HOH B . 
E 5 HOH 8   308 99  HOH HOH B . 
E 5 HOH 9   309 40  HOH HOH B . 
E 5 HOH 10  310 63  HOH HOH B . 
E 5 HOH 11  311 133 HOH HOH B . 
E 5 HOH 12  312 33  HOH HOH B . 
E 5 HOH 13  313 1   HOH HOH B . 
E 5 HOH 14  314 21  HOH HOH B . 
E 5 HOH 15  315 26  HOH HOH B . 
E 5 HOH 16  316 16  HOH HOH B . 
E 5 HOH 17  317 184 HOH HOH B . 
E 5 HOH 18  318 129 HOH HOH B . 
E 5 HOH 19  319 27  HOH HOH B . 
E 5 HOH 20  320 90  HOH HOH B . 
E 5 HOH 21  321 25  HOH HOH B . 
E 5 HOH 22  322 16  HOH HOH B . 
E 5 HOH 23  323 102 HOH HOH B . 
E 5 HOH 24  324 95  HOH HOH B . 
E 5 HOH 25  325 100 HOH HOH B . 
E 5 HOH 26  326 31  HOH HOH B . 
E 5 HOH 27  327 5   HOH HOH B . 
E 5 HOH 28  328 11  HOH HOH B . 
E 5 HOH 29  329 10  HOH HOH B . 
E 5 HOH 30  330 4   HOH HOH B . 
E 5 HOH 31  331 34  HOH HOH B . 
E 5 HOH 32  332 18  HOH HOH B . 
E 5 HOH 33  333 39  HOH HOH B . 
E 5 HOH 34  334 2   HOH HOH B . 
E 5 HOH 35  335 55  HOH HOH B . 
E 5 HOH 36  336 27  HOH HOH B . 
E 5 HOH 37  337 19  HOH HOH B . 
E 5 HOH 38  338 68  HOH HOH B . 
E 5 HOH 39  339 7   HOH HOH B . 
E 5 HOH 40  340 36  HOH HOH B . 
E 5 HOH 41  341 80  HOH HOH B . 
E 5 HOH 42  342 58  HOH HOH B . 
E 5 HOH 43  343 22  HOH HOH B . 
E 5 HOH 44  344 62  HOH HOH B . 
E 5 HOH 45  345 26  HOH HOH B . 
E 5 HOH 46  346 70  HOH HOH B . 
E 5 HOH 47  347 43  HOH HOH B . 
E 5 HOH 48  348 29  HOH HOH B . 
E 5 HOH 49  349 20  HOH HOH B . 
E 5 HOH 50  350 126 HOH HOH B . 
E 5 HOH 51  351 66  HOH HOH B . 
E 5 HOH 52  352 86  HOH HOH B . 
E 5 HOH 53  353 157 HOH HOH B . 
E 5 HOH 54  354 72  HOH HOH B . 
E 5 HOH 55  355 89  HOH HOH B . 
E 5 HOH 56  356 50  HOH HOH B . 
E 5 HOH 57  357 267 HOH HOH B . 
E 5 HOH 58  358 10  HOH HOH B . 
E 5 HOH 59  359 73  HOH HOH B . 
E 5 HOH 60  360 33  HOH HOH B . 
E 5 HOH 61  361 6   HOH HOH B . 
E 5 HOH 62  362 76  HOH HOH B . 
E 5 HOH 63  363 32  HOH HOH B . 
E 5 HOH 64  364 211 HOH HOH B . 
E 5 HOH 65  365 137 HOH HOH B . 
E 5 HOH 66  366 61  HOH HOH B . 
E 5 HOH 67  367 1   HOH HOH B . 
E 5 HOH 68  368 81  HOH HOH B . 
E 5 HOH 69  369 47  HOH HOH B . 
E 5 HOH 70  370 263 HOH HOH B . 
E 5 HOH 71  371 4   HOH HOH B . 
E 5 HOH 72  372 172 HOH HOH B . 
E 5 HOH 73  373 304 HOH HOH B . 
E 5 HOH 74  374 71  HOH HOH B . 
E 5 HOH 75  375 15  HOH HOH B . 
E 5 HOH 76  376 32  HOH HOH B . 
E 5 HOH 77  377 8   HOH HOH B . 
E 5 HOH 78  378 59  HOH HOH B . 
E 5 HOH 79  379 24  HOH HOH B . 
E 5 HOH 80  380 156 HOH HOH B . 
E 5 HOH 81  381 28  HOH HOH B . 
E 5 HOH 82  382 60  HOH HOH B . 
E 5 HOH 83  383 3   HOH HOH B . 
E 5 HOH 84  384 25  HOH HOH B . 
E 5 HOH 85  385 14  HOH HOH B . 
E 5 HOH 86  386 214 HOH HOH B . 
E 5 HOH 87  387 85  HOH HOH B . 
E 5 HOH 88  388 23  HOH HOH B . 
E 5 HOH 89  389 3   HOH HOH B . 
E 5 HOH 90  390 97  HOH HOH B . 
E 5 HOH 91  391 154 HOH HOH B . 
E 5 HOH 92  392 303 HOH HOH B . 
E 5 HOH 93  393 30  HOH HOH B . 
E 5 HOH 94  394 64  HOH HOH B . 
E 5 HOH 95  395 281 HOH HOH B . 
E 5 HOH 96  396 8   HOH HOH B . 
E 5 HOH 97  397 46  HOH HOH B . 
E 5 HOH 98  398 42  HOH HOH B . 
E 5 HOH 99  399 13  HOH HOH B . 
E 5 HOH 100 400 48  HOH HOH B . 
E 5 HOH 101 401 12  HOH HOH B . 
E 5 HOH 102 402 49  HOH HOH B . 
E 5 HOH 103 403 45  HOH HOH B . 
E 5 HOH 104 404 197 HOH HOH B . 
E 5 HOH 105 405 93  HOH HOH B . 
E 5 HOH 106 406 20  HOH HOH B . 
E 5 HOH 107 407 56  HOH HOH B . 
E 5 HOH 108 408 17  HOH HOH B . 
E 5 HOH 109 409 7   HOH HOH B . 
E 5 HOH 110 410 120 HOH HOH B . 
E 5 HOH 111 411 125 HOH HOH B . 
E 5 HOH 112 412 15  HOH HOH B . 
E 5 HOH 113 413 114 HOH HOH B . 
E 5 HOH 114 414 257 HOH HOH B . 
E 5 HOH 115 415 69  HOH HOH B . 
E 5 HOH 116 416 82  HOH HOH B . 
E 5 HOH 117 417 57  HOH HOH B . 
E 5 HOH 118 418 41  HOH HOH B . 
E 5 HOH 119 419 53  HOH HOH B . 
E 5 HOH 120 420 54  HOH HOH B . 
E 5 HOH 121 421 38  HOH HOH B . 
E 5 HOH 122 422 44  HOH HOH B . 
E 5 HOH 123 423 22  HOH HOH B . 
E 5 HOH 124 424 140 HOH HOH B . 
E 5 HOH 125 425 5   HOH HOH B . 
E 5 HOH 126 426 103 HOH HOH B . 
E 5 HOH 127 427 112 HOH HOH B . 
E 5 HOH 128 428 18  HOH HOH B . 
E 5 HOH 129 429 19  HOH HOH B . 
E 5 HOH 130 430 30  HOH HOH B . 
E 5 HOH 131 431 266 HOH HOH B . 
E 5 HOH 132 432 115 HOH HOH B . 
E 5 HOH 133 433 21  HOH HOH B . 
E 5 HOH 134 434 23  HOH HOH B . 
E 5 HOH 135 435 98  HOH HOH B . 
E 5 HOH 136 436 13  HOH HOH B . 
E 5 HOH 137 437 104 HOH HOH B . 
E 5 HOH 138 438 166 HOH HOH B . 
E 5 HOH 139 439 205 HOH HOH B . 
E 5 HOH 140 440 127 HOH HOH B . 
E 5 HOH 141 441 14  HOH HOH B . 
E 5 HOH 142 442 131 HOH HOH B . 
E 5 HOH 143 443 270 HOH HOH B . 
E 5 HOH 144 444 259 HOH HOH B . 
# 
loop_
_pdbx_unobs_or_zero_occ_atoms.id 
_pdbx_unobs_or_zero_occ_atoms.PDB_model_num 
_pdbx_unobs_or_zero_occ_atoms.polymer_flag 
_pdbx_unobs_or_zero_occ_atoms.occupancy_flag 
_pdbx_unobs_or_zero_occ_atoms.auth_asym_id 
_pdbx_unobs_or_zero_occ_atoms.auth_comp_id 
_pdbx_unobs_or_zero_occ_atoms.auth_seq_id 
_pdbx_unobs_or_zero_occ_atoms.PDB_ins_code 
_pdbx_unobs_or_zero_occ_atoms.auth_atom_id 
_pdbx_unobs_or_zero_occ_atoms.label_alt_id 
_pdbx_unobs_or_zero_occ_atoms.label_asym_id 
_pdbx_unobs_or_zero_occ_atoms.label_comp_id 
_pdbx_unobs_or_zero_occ_atoms.label_seq_id 
_pdbx_unobs_or_zero_occ_atoms.label_atom_id 
1 1 Y 1 B LEU 192 ? CG  ? A LEU 186 CG  
2 1 Y 1 B LEU 192 ? CD1 ? A LEU 186 CD1 
3 1 Y 1 B LEU 192 ? CD2 ? A LEU 186 CD2 
# 
loop_
_software.pdbx_ordinal 
_software.name 
_software.version 
_software.date 
_software.type 
_software.contact_author 
_software.contact_author_email 
_software.classification 
_software.location 
_software.language 
_software.citation_id 
1 REFMAC      5.8.0267 ?               program 'Garib N. Murshudov' garib@ysbl.york.ac.uk    refinement        
http://www.ccp4.ac.uk/dist/html/refmac5.html        Fortran_77 ? 
2 Aimless     0.7.7    23/04/21        program 'Phil Evans'         ?                        'data scaling'    
http://www.mrc-lmb.cam.ac.uk/harry/pre/aimless.html ?          ? 
3 PDB_EXTRACT 3.23     'SEP. 23, 2016' package PDB                  deposit@deposit.rcsb.org 'data extraction' 
http://sw-tools.pdb.org/apps/PDB_EXTRACT/           C++        ? 
4 XDS         .        ?               program ?                    ?                        'data reduction'  ? ?          ? 
5 REFMAC      .        ?               program ?                    ?                        phasing           ? ?          ? 
# 
_cell.entry_id           7HMM 
_cell.length_a           95.548 
_cell.length_b           95.548 
_cell.length_c           45.794 
_cell.angle_alpha        90.000 
_cell.angle_beta         90.000 
_cell.angle_gamma        90.000 
_cell.Z_PDB              8 
_cell.pdbx_unique_axis   ? 
# 
_symmetry.entry_id                         7HMM 
_symmetry.space_group_name_H-M             'I 4' 
_symmetry.pdbx_full_space_group_name_H-M   ? 
_symmetry.cell_setting                     ? 
_symmetry.Int_Tables_number                79 
# 
_exptl.crystals_number   1 
_exptl.entry_id          7HMM 
_exptl.method            'X-RAY DIFFRACTION' 
# 
_exptl_crystal.id                    1 
_exptl_crystal.pdbx_mosaicity        0.000 
_exptl_crystal.pdbx_mosaicity_esd    ? 
_exptl_crystal.density_Matthews      2.42 
_exptl_crystal.density_diffrn        ? 
_exptl_crystal.density_meas          ? 
_exptl_crystal.density_meas_temp     ? 
_exptl_crystal.density_percent_sol   49.17 
_exptl_crystal.size_max              ? 
_exptl_crystal.size_mid              ? 
_exptl_crystal.size_min              ? 
_exptl_crystal.size_rad              ? 
_exptl_crystal.description           ? 
# 
_exptl_crystal_grow.crystal_id      1 
_exptl_crystal_grow.method          'VAPOR DIFFUSION, SITTING DROP' 
_exptl_crystal_grow.pH              8 
_exptl_crystal_grow.temp            293 
_exptl_crystal_grow.pdbx_details    '4 % PEG 400, 2 M AmmSO4, 0.1 M HEPES pH 8' 
_exptl_crystal_grow.temp_details    ? 
_exptl_crystal_grow.pdbx_pH_range   ? 
# 
_diffrn.id                     1 
_diffrn.ambient_temp           100 
_diffrn.crystal_id             1 
_diffrn.ambient_temp_details   ? 
# 
_diffrn_detector.detector               PIXEL 
_diffrn_detector.type                   'DECTRIS EIGER2 XE 9M' 
_diffrn_detector.pdbx_collection_date   2024-05-24 
_diffrn_detector.diffrn_id              1 
_diffrn_detector.details                ? 
# 
_diffrn_radiation.diffrn_id                        1 
_diffrn_radiation.wavelength_id                    1 
_diffrn_radiation.pdbx_diffrn_protocol             'SINGLE WAVELENGTH' 
_diffrn_radiation.pdbx_monochromatic_or_laue_m_l   ? 
_diffrn_radiation.monochromator                    ? 
_diffrn_radiation.pdbx_scattering_type             x-ray 
# 
_diffrn_radiation_wavelength.id           1 
_diffrn_radiation_wavelength.wavelength   0.92124 
_diffrn_radiation_wavelength.wt           1.0 
# 
_diffrn_source.diffrn_id                   1 
_diffrn_source.source                      SYNCHROTRON 
_diffrn_source.type                        'DIAMOND BEAMLINE I04-1' 
_diffrn_source.pdbx_wavelength_list        0.92124 
_diffrn_source.pdbx_synchrotron_site       Diamond 
_diffrn_source.pdbx_synchrotron_beamline   I04-1 
_diffrn_source.pdbx_wavelength             ? 
# 
_reflns.entry_id                     7HMM 
_reflns.pdbx_diffrn_id               1 
_reflns.pdbx_ordinal                 1 
_reflns.observed_criterion_sigma_I   ? 
_reflns.observed_criterion_sigma_F   ? 
_reflns.d_resolution_low             67.550 
_reflns.d_resolution_high            1.280 
_reflns.number_obs                   52550 
_reflns.number_all                   ? 
_reflns.percent_possible_obs         98.700 
_reflns.pdbx_Rmerge_I_obs            0.071 
_reflns.pdbx_Rsym_value              ? 
_reflns.pdbx_netI_over_sigmaI        16.900 
_reflns.B_iso_Wilson_estimate        ? 
_reflns.pdbx_redundancy              10.900 
_reflns.pdbx_Rrim_I_all              0.074 
_reflns.pdbx_Rpim_I_all              0.021 
_reflns.pdbx_CC_half                 0.999 
_reflns.pdbx_netI_over_av_sigmaI     ? 
_reflns.pdbx_number_measured_all     571923 
_reflns.pdbx_scaling_rejects         0 
_reflns.pdbx_chi_squared             ? 
_reflns.Rmerge_F_all                 ? 
_reflns.Rmerge_F_obs                 ? 
_reflns.observed_criterion_F_max     ? 
_reflns.observed_criterion_F_min     ? 
_reflns.observed_criterion_I_max     ? 
_reflns.observed_criterion_I_min     ? 
_reflns.pdbx_d_res_high_opt          ? 
_reflns.pdbx_d_res_low_opt           ? 
_reflns.details                      ? 
# 
loop_
_reflns_shell.pdbx_diffrn_id 
_reflns_shell.pdbx_ordinal 
_reflns_shell.d_res_high 
_reflns_shell.d_res_low 
_reflns_shell.number_measured_obs 
_reflns_shell.number_measured_all 
_reflns_shell.number_unique_obs 
_reflns_shell.pdbx_rejects 
_reflns_shell.Rmerge_I_obs 
_reflns_shell.meanI_over_sigI_obs 
_reflns_shell.pdbx_Rsym_value 
_reflns_shell.pdbx_chi_squared 
_reflns_shell.pdbx_redundancy 
_reflns_shell.percent_possible_obs 
_reflns_shell.pdbx_netI_over_sigmaI_obs 
_reflns_shell.number_possible 
_reflns_shell.number_unique_all 
_reflns_shell.Rmerge_F_all 
_reflns_shell.Rmerge_F_obs 
_reflns_shell.Rmerge_I_all 
_reflns_shell.meanI_over_sigI_all 
_reflns_shell.percent_possible_all 
_reflns_shell.pdbx_Rrim_I_all 
_reflns_shell.pdbx_Rpim_I_all 
_reflns_shell.pdbx_CC_half 
1 1 1.280 1.300  ? 7725 2255 ? 1.283 ? ? ? 3.400  ? 0.500  ? ? ? ? ? ? 86.600 1.530 0.811 0.289 
1 2 7.010 67.550 ? 4394 357  ? 0.045 ? ? ? 12.300 ? 93.200 ? ? ? ? ? ? 99.900 0.048 0.014 0.995 
# 
_refine.entry_id                                 7HMM 
_refine.pdbx_refine_id                           'X-RAY DIFFRACTION' 
_refine.ls_d_res_high                            1.2800 
_refine.ls_d_res_low                             67.5600 
_refine.pdbx_ls_sigma_F                          0.000 
_refine.pdbx_data_cutoff_high_absF               ? 
_refine.pdbx_data_cutoff_low_absF                ? 
_refine.ls_percent_reflns_obs                    98.3500 
_refine.ls_number_reflns_obs                     49892 
_refine.ls_number_reflns_all                     ? 
_refine.pdbx_ls_cross_valid_method               THROUGHOUT 
_refine.ls_matrix_type                           ? 
_refine.pdbx_R_Free_selection_details            RANDOM 
_refine.details                                  
'HYDROGENS HAVE BEEN ADDED IN THE RIDING POSITIONS U VALUES      : REFINED INDIVIDUALLY' 
_refine.ls_R_factor_all                          ? 
_refine.ls_R_factor_obs                          0.1817 
_refine.ls_R_factor_R_work                       0.1808 
_refine.ls_wR_factor_R_work                      ? 
_refine.ls_R_factor_R_free                       0.1985 
_refine.ls_wR_factor_R_free                      ? 
_refine.ls_percent_reflns_R_free                 4.9000 
_refine.ls_number_reflns_R_free                  2551 
_refine.ls_number_reflns_R_work                  ? 
_refine.ls_R_factor_R_free_error                 ? 
_refine.B_iso_mean                               17.4860 
_refine.solvent_model_param_bsol                 ? 
_refine.solvent_model_param_ksol                 ? 
_refine.pdbx_isotropic_thermal_model             ? 
_refine.aniso_B[1][1]                            0.1300 
_refine.aniso_B[2][2]                            0.1300 
_refine.aniso_B[3][3]                            -0.2700 
_refine.aniso_B[1][2]                            -0.0000 
_refine.aniso_B[1][3]                            -0.0000 
_refine.aniso_B[2][3]                            0.0000 
_refine.correlation_coeff_Fo_to_Fc               0.9690 
_refine.correlation_coeff_Fo_to_Fc_free          0.9630 
_refine.overall_SU_R_Cruickshank_DPI             ? 
_refine.pdbx_overall_SU_R_free_Cruickshank_DPI   ? 
_refine.pdbx_overall_SU_R_Blow_DPI               ? 
_refine.pdbx_overall_SU_R_free_Blow_DPI          ? 
_refine.overall_SU_R_free                        ? 
_refine.pdbx_overall_ESU_R                       0.0520 
_refine.pdbx_overall_ESU_R_Free                  0.0520 
_refine.overall_SU_ML                            0.0430 
_refine.overall_SU_B                             1.0940 
_refine.solvent_model_details                    MASK 
_refine.pdbx_solvent_vdw_probe_radii             1.2000 
_refine.pdbx_solvent_ion_probe_radii             0.8000 
_refine.pdbx_solvent_shrinkage_radii             0.8000 
_refine.ls_number_parameters                     ? 
_refine.ls_number_restraints                     ? 
_refine.pdbx_starting_model                      ? 
_refine.pdbx_method_to_determine_struct          'FOURIER SYNTHESIS' 
_refine.pdbx_stereochemistry_target_values       'MAXIMUM LIKELIHOOD' 
_refine.pdbx_stereochem_target_val_spec_case     ? 
_refine.overall_FOM_work_R_set                   ? 
_refine.B_iso_max                                95.420 
_refine.B_iso_min                                8.420 
_refine.pdbx_overall_phase_error                 ? 
_refine.occupancy_max                            ? 
_refine.occupancy_min                            ? 
_refine.pdbx_diffrn_id                           1 
_refine.pdbx_TLS_residual_ADP_flag               ? 
_refine.pdbx_ls_sigma_I                          ? 
_refine.pdbx_data_cutoff_high_rms_absF           ? 
_refine.ls_R_factor_R_free_error_details         ? 
# 
_refine_hist.cycle_id                         final 
_refine_hist.pdbx_refine_id                   'X-RAY DIFFRACTION' 
_refine_hist.d_res_high                       1.2800 
_refine_hist.d_res_low                        67.5600 
_refine_hist.pdbx_number_atoms_ligand         23 
_refine_hist.number_atoms_solvent             144 
_refine_hist.number_atoms_total               1660 
_refine_hist.pdbx_number_residues_total       185 
_refine_hist.pdbx_B_iso_mean_ligand           40.02 
_refine_hist.pdbx_B_iso_mean_solvent          28.38 
_refine_hist.pdbx_number_atoms_protein        1493 
_refine_hist.pdbx_number_atoms_nucleic_acid   0 
# 
loop_
_refine_ls_restr.pdbx_refine_id 
_refine_ls_restr.type 
_refine_ls_restr.number 
_refine_ls_restr.dev_ideal 
_refine_ls_restr.dev_ideal_target 
_refine_ls_restr.weight 
_refine_ls_restr.pdbx_restraint_function 
'X-RAY DIFFRACTION' r_bond_refined_d       2130 0.013  0.013  ? ? 
'X-RAY DIFFRACTION' r_bond_other_d         1665 0.001  0.015  ? ? 
'X-RAY DIFFRACTION' r_angle_refined_deg    2628 1.837  1.639  ? ? 
'X-RAY DIFFRACTION' r_angle_other_deg      3839 1.457  1.582  ? ? 
'X-RAY DIFFRACTION' r_dihedral_angle_1_deg 247  7.676  5.000  ? ? 
'X-RAY DIFFRACTION' r_dihedral_angle_2_deg 115  27.698 21.217 ? ? 
'X-RAY DIFFRACTION' r_dihedral_angle_3_deg 297  12.129 15.000 ? ? 
'X-RAY DIFFRACTION' r_dihedral_angle_4_deg 15   20.863 15.000 ? ? 
'X-RAY DIFFRACTION' r_chiral_restr         231  0.092  0.200  ? ? 
'X-RAY DIFFRACTION' r_gen_planes_refined   2350 0.011  0.020  ? ? 
'X-RAY DIFFRACTION' r_gen_planes_other     520  0.002  0.020  ? ? 
'X-RAY DIFFRACTION' r_mcbond_it            1011 1.613  1.549  ? ? 
'X-RAY DIFFRACTION' r_mcbond_other         1005 1.605  1.535  ? ? 
'X-RAY DIFFRACTION' r_mcangle_it           1183 2.659  2.309  ? ? 
# 
_refine_ls_shell.d_res_high                       1.2800 
_refine_ls_shell.d_res_low                        1.3130 
_refine_ls_shell.pdbx_total_number_of_bins_used   20 
_refine_ls_shell.percent_reflns_obs               84.2700 
_refine_ls_shell.number_reflns_R_work             3091 
_refine_ls_shell.R_factor_all                     ? 
_refine_ls_shell.R_factor_R_work                  0.3480 
_refine_ls_shell.R_factor_R_free                  0.3600 
_refine_ls_shell.percent_reflns_R_free            ? 
_refine_ls_shell.number_reflns_R_free             204 
_refine_ls_shell.R_factor_R_free_error            ? 
_refine_ls_shell.number_reflns_all                3295 
_refine_ls_shell.number_reflns_obs                ? 
_refine_ls_shell.pdbx_refine_id                   'X-RAY DIFFRACTION' 
# 
_struct.entry_id                  7HMM 
_struct.title                     'PanDDA analysis group deposition -- Crystal Structure of TRIM21 in complex with Z165170770' 
_struct.pdbx_model_details        ? 
_struct.pdbx_CASP_flag            ? 
_struct.pdbx_model_type_details   ? 
# 
_struct_keywords.entry_id        7HMM 
_struct_keywords.text            'SGC - Diamond I04-1 fragment screening, PanDDA, XChemExplorer, TRIM21, LIGASE' 
_struct_keywords.pdbx_keywords   LIGASE 
# 
loop_
_struct_asym.id 
_struct_asym.pdbx_blank_PDB_chainid_flag 
_struct_asym.pdbx_modified 
_struct_asym.entity_id 
_struct_asym.details 
A N N 1 ? 
B N N 2 ? 
C N N 3 ? 
D N N 4 ? 
E N N 5 ? 
# 
_struct_ref.id                         1 
_struct_ref.db_name                    UNP 
_struct_ref.db_code                    RO52_MOUSE 
_struct_ref.pdbx_db_accession          Q62191 
_struct_ref.pdbx_db_isoform            ? 
_struct_ref.entity_id                  1 
_struct_ref.pdbx_seq_one_letter_code   
;VHITLDRNTANSWLIISKDRRQVRMGDTHQNVSDNKERFSNYPMVLGAQRFSSGKMYWEVDVTQKEAWDLGVCRDSVQRK
GQFSLSPENGFWTIWLWQDSYEAGTSPQTTLHIQVPPCQIGIFVDYEAGVVSFYNITDHGSLIYTFSECVFAGPLRPFFN
VGFNYSGGNAAPLKLCPLKM
;
_struct_ref.pdbx_align_begin           291 
# 
_struct_ref_seq.align_id                      1 
_struct_ref_seq.ref_id                        1 
_struct_ref_seq.pdbx_PDB_id_code              7HMM 
_struct_ref_seq.pdbx_strand_id                B 
_struct_ref_seq.seq_align_beg                 9 
_struct_ref_seq.pdbx_seq_align_beg_ins_code   ? 
_struct_ref_seq.seq_align_end                 188 
_struct_ref_seq.pdbx_seq_align_end_ins_code   ? 
_struct_ref_seq.pdbx_db_accession             Q62191 
_struct_ref_seq.db_align_beg                  291 
_struct_ref_seq.pdbx_db_align_beg_ins_code    ? 
_struct_ref_seq.db_align_end                  470 
_struct_ref_seq.pdbx_db_align_end_ins_code    ? 
_struct_ref_seq.pdbx_auth_seq_align_beg       15 
_struct_ref_seq.pdbx_auth_seq_align_end       194 
# 
loop_
_struct_ref_seq_dif.align_id 
_struct_ref_seq_dif.pdbx_pdb_id_code 
_struct_ref_seq_dif.mon_id 
_struct_ref_seq_dif.pdbx_pdb_strand_id 
_struct_ref_seq_dif.seq_num 
_struct_ref_seq_dif.pdbx_pdb_ins_code 
_struct_ref_seq_dif.pdbx_seq_db_name 
_struct_ref_seq_dif.pdbx_seq_db_accession_code 
_struct_ref_seq_dif.db_mon_id 
_struct_ref_seq_dif.pdbx_seq_db_seq_num 
_struct_ref_seq_dif.details 
_struct_ref_seq_dif.pdbx_auth_seq_num 
_struct_ref_seq_dif.pdbx_ordinal 
1 7HMM MET B 1 ? UNP Q62191 ? ? 'initiating methionine' 7  1 
1 7HMM HIS B 2 ? UNP Q62191 ? ? 'expression tag'        8  2 
1 7HMM HIS B 3 ? UNP Q62191 ? ? 'expression tag'        9  3 
1 7HMM HIS B 4 ? UNP Q62191 ? ? 'expression tag'        10 4 
1 7HMM HIS B 5 ? UNP Q62191 ? ? 'expression tag'        11 5 
1 7HMM HIS B 6 ? UNP Q62191 ? ? 'expression tag'        12 6 
1 7HMM HIS B 7 ? UNP Q62191 ? ? 'expression tag'        13 7 
1 7HMM MET B 8 ? UNP Q62191 ? ? 'expression tag'        14 8 
# 
_pdbx_struct_assembly.id                   1 
_pdbx_struct_assembly.details              author_defined_assembly 
_pdbx_struct_assembly.method_details       ? 
_pdbx_struct_assembly.oligomeric_details   monomeric 
_pdbx_struct_assembly.oligomeric_count     1 
# 
_pdbx_struct_assembly_gen.assembly_id       1 
_pdbx_struct_assembly_gen.oper_expression   1 
_pdbx_struct_assembly_gen.asym_id_list      A,B,C,D,E 
# 
_pdbx_struct_oper_list.id                   1 
_pdbx_struct_oper_list.type                 'identity operation' 
_pdbx_struct_oper_list.name                 1_555 
_pdbx_struct_oper_list.symmetry_operation   x,y,z 
_pdbx_struct_oper_list.matrix[1][1]         1.0000000000 
_pdbx_struct_oper_list.matrix[1][2]         0.0000000000 
_pdbx_struct_oper_list.matrix[1][3]         0.0000000000 
_pdbx_struct_oper_list.vector[1]            0.0000000000 
_pdbx_struct_oper_list.matrix[2][1]         0.0000000000 
_pdbx_struct_oper_list.matrix[2][2]         1.0000000000 
_pdbx_struct_oper_list.matrix[2][3]         0.0000000000 
_pdbx_struct_oper_list.vector[2]            0.0000000000 
_pdbx_struct_oper_list.matrix[3][1]         0.0000000000 
_pdbx_struct_oper_list.matrix[3][2]         0.0000000000 
_pdbx_struct_oper_list.matrix[3][3]         1.0000000000 
_pdbx_struct_oper_list.vector[3]            0.0000000000 
# 
loop_
_struct_conf.conf_type_id 
_struct_conf.id 
_struct_conf.pdbx_PDB_helix_id 
_struct_conf.beg_label_comp_id 
_struct_conf.beg_label_asym_id 
_struct_conf.beg_label_seq_id 
_struct_conf.pdbx_beg_PDB_ins_code 
_struct_conf.end_label_comp_id 
_struct_conf.end_label_asym_id 
_struct_conf.end_label_seq_id 
_struct_conf.pdbx_end_PDB_ins_code 
_struct_conf.beg_auth_comp_id 
_struct_conf.beg_auth_asym_id 
_struct_conf.beg_auth_seq_id 
_struct_conf.end_auth_comp_id 
_struct_conf.end_auth_asym_id 
_struct_conf.end_auth_seq_id 
_struct_conf.pdbx_PDB_helix_class 
_struct_conf.details 
_struct_conf.pdbx_PDB_helix_length 
HELX_P HELX_P1 AA1 HIS A 4  ? MET A 8  ? HIS B 10  MET B 14  5 ? 5 
HELX_P HELX_P2 AA2 ASP A 14 ? ALA A 18 ? ASP B 20  ALA B 24  5 ? 5 
HELX_P HELX_P3 AA3 SER A 94 ? ASN A 97 ? SER B 100 ASN B 103 5 ? 4 
# 
_struct_conf_type.id          HELX_P 
_struct_conf_type.criteria    ? 
_struct_conf_type.reference   ? 
# 
_struct_mon_prot_cis.pdbx_id                1 
_struct_mon_prot_cis.label_comp_id          SER 
_struct_mon_prot_cis.label_seq_id           114 
_struct_mon_prot_cis.label_asym_id          A 
_struct_mon_prot_cis.label_alt_id           . 
_struct_mon_prot_cis.pdbx_PDB_ins_code      ? 
_struct_mon_prot_cis.auth_comp_id           SER 
_struct_mon_prot_cis.auth_seq_id            120 
_struct_mon_prot_cis.auth_asym_id           B 
_struct_mon_prot_cis.pdbx_label_comp_id_2   PRO 
_struct_mon_prot_cis.pdbx_label_seq_id_2    115 
_struct_mon_prot_cis.pdbx_label_asym_id_2   A 
_struct_mon_prot_cis.pdbx_PDB_ins_code_2    ? 
_struct_mon_prot_cis.pdbx_auth_comp_id_2    PRO 
_struct_mon_prot_cis.pdbx_auth_seq_id_2     121 
_struct_mon_prot_cis.pdbx_auth_asym_id_2    B 
_struct_mon_prot_cis.pdbx_PDB_model_num     1 
_struct_mon_prot_cis.pdbx_omega_angle       -1.03 
# 
loop_
_struct_sheet.id 
_struct_sheet.type 
_struct_sheet.number_strands 
_struct_sheet.details 
AA1 ? 7 ? 
AA2 ? 6 ? 
# 
loop_
_struct_sheet_order.sheet_id 
_struct_sheet_order.range_id_1 
_struct_sheet_order.range_id_2 
_struct_sheet_order.offset 
_struct_sheet_order.sense 
AA1 1 2 ? anti-parallel 
AA1 2 3 ? anti-parallel 
AA1 3 4 ? anti-parallel 
AA1 4 5 ? anti-parallel 
AA1 5 6 ? anti-parallel 
AA1 6 7 ? anti-parallel 
AA2 1 2 ? anti-parallel 
AA2 2 3 ? anti-parallel 
AA2 3 4 ? anti-parallel 
AA2 4 5 ? anti-parallel 
AA2 5 6 ? anti-parallel 
# 
loop_
_struct_sheet_range.sheet_id 
_struct_sheet_range.id 
_struct_sheet_range.beg_label_comp_id 
_struct_sheet_range.beg_label_asym_id 
_struct_sheet_range.beg_label_seq_id 
_struct_sheet_range.pdbx_beg_PDB_ins_code 
_struct_sheet_range.end_label_comp_id 
_struct_sheet_range.end_label_asym_id 
_struct_sheet_range.end_label_seq_id 
_struct_sheet_range.pdbx_end_PDB_ins_code 
_struct_sheet_range.beg_auth_comp_id 
_struct_sheet_range.beg_auth_asym_id 
_struct_sheet_range.beg_auth_seq_id 
_struct_sheet_range.end_auth_comp_id 
_struct_sheet_range.end_auth_asym_id 
_struct_sheet_range.end_auth_seq_id 
AA1 1 LEU A 22  ? ILE A 24  ? LEU B 28  ILE B 30  
AA1 2 GLN A 30  ? MET A 33  ? GLN B 36  MET B 39  
AA1 3 LEU A 181 ? LEU A 183 ? LEU B 187 LEU B 189 
AA1 4 LYS A 63  ? ASP A 69  ? LYS B 69  ASP B 75  
AA1 5 GLN A 127 ? ASP A 133 ? GLN B 133 ASP B 139 
AA1 6 VAL A 138 ? ASN A 143 ? VAL B 144 ASN B 149 
AA1 7 SER A 149 ? PHE A 154 ? SER B 155 PHE B 160 
AA2 1 MET A 52  ? LEU A 54  ? MET B 58  LEU B 60  
AA2 2 LEU A 163 ? ASN A 168 ? LEU B 169 ASN B 174 
AA2 3 TRP A 76  ? ARG A 82  ? TRP B 82  ARG B 88  
AA2 4 PHE A 99  ? TRP A 105 ? PHE B 105 TRP B 111 
AA2 5 SER A 108 ? ALA A 111 ? SER B 114 ALA B 117 
AA2 6 THR A 117 ? THR A 118 ? THR B 123 THR B 124 
# 
loop_
_pdbx_struct_sheet_hbond.sheet_id 
_pdbx_struct_sheet_hbond.range_id_1 
_pdbx_struct_sheet_hbond.range_id_2 
_pdbx_struct_sheet_hbond.range_1_label_atom_id 
_pdbx_struct_sheet_hbond.range_1_label_comp_id 
_pdbx_struct_sheet_hbond.range_1_label_asym_id 
_pdbx_struct_sheet_hbond.range_1_label_seq_id 
_pdbx_struct_sheet_hbond.range_1_PDB_ins_code 
_pdbx_struct_sheet_hbond.range_1_auth_atom_id 
_pdbx_struct_sheet_hbond.range_1_auth_comp_id 
_pdbx_struct_sheet_hbond.range_1_auth_asym_id 
_pdbx_struct_sheet_hbond.range_1_auth_seq_id 
_pdbx_struct_sheet_hbond.range_2_label_atom_id 
_pdbx_struct_sheet_hbond.range_2_label_comp_id 
_pdbx_struct_sheet_hbond.range_2_label_asym_id 
_pdbx_struct_sheet_hbond.range_2_label_seq_id 
_pdbx_struct_sheet_hbond.range_2_PDB_ins_code 
_pdbx_struct_sheet_hbond.range_2_auth_atom_id 
_pdbx_struct_sheet_hbond.range_2_auth_comp_id 
_pdbx_struct_sheet_hbond.range_2_auth_asym_id 
_pdbx_struct_sheet_hbond.range_2_auth_seq_id 
AA1 1 2 N ILE A 23  ? N ILE B 29  O ARG A 32  ? O ARG B 38  
AA1 2 3 N VAL A 31  ? N VAL B 37  O LEU A 181 ? O LEU B 187 
AA1 3 4 O LYS A 182 ? O LYS B 188 N ASP A 69  ? N ASP B 75  
AA1 4 5 N TRP A 66  ? N TRP B 72  O ILE A 130 ? O ILE B 136 
AA1 5 6 N PHE A 131 ? N PHE B 137 O SER A 140 ? O SER B 146 
AA1 6 7 N PHE A 141 ? N PHE B 147 O ILE A 151 ? O ILE B 157 
AA2 1 2 N VAL A 53  ? N VAL B 59  O PHE A 167 ? O PHE B 173 
AA2 2 3 O ARG A 164 ? O ARG B 170 N CYS A 81  ? N CYS B 87  
AA2 3 4 N VAL A 80  ? N VAL B 86  O TRP A 100 ? O TRP B 106 
AA2 4 5 N TRP A 105 ? N TRP B 111 O SER A 108 ? O SER B 114 
AA2 5 6 N ALA A 111 ? N ALA B 117 O THR A 117 ? O THR B 123 
# 
_pdbx_entry_details.entry_id                   7HMM 
_pdbx_entry_details.compound_details           ? 
_pdbx_entry_details.source_details             ? 
_pdbx_entry_details.nonpolymer_details         ? 
_pdbx_entry_details.sequence_details           ? 
_pdbx_entry_details.has_ligand_of_interest     Y 
_pdbx_entry_details.has_protein_modification   N 
# 
_pdbx_validate_rmsd_angle.id                         1 
_pdbx_validate_rmsd_angle.PDB_model_num              1 
_pdbx_validate_rmsd_angle.auth_atom_id_1             CG 
_pdbx_validate_rmsd_angle.auth_asym_id_1             B 
_pdbx_validate_rmsd_angle.auth_comp_id_1             ARG 
_pdbx_validate_rmsd_angle.auth_seq_id_1              64 
_pdbx_validate_rmsd_angle.PDB_ins_code_1             ? 
_pdbx_validate_rmsd_angle.label_alt_id_1             ? 
_pdbx_validate_rmsd_angle.auth_atom_id_2             CD 
_pdbx_validate_rmsd_angle.auth_asym_id_2             B 
_pdbx_validate_rmsd_angle.auth_comp_id_2             ARG 
_pdbx_validate_rmsd_angle.auth_seq_id_2              64 
_pdbx_validate_rmsd_angle.PDB_ins_code_2             ? 
_pdbx_validate_rmsd_angle.label_alt_id_2             ? 
_pdbx_validate_rmsd_angle.auth_atom_id_3             NE 
_pdbx_validate_rmsd_angle.auth_asym_id_3             B 
_pdbx_validate_rmsd_angle.auth_comp_id_3             ARG 
_pdbx_validate_rmsd_angle.auth_seq_id_3              64 
_pdbx_validate_rmsd_angle.PDB_ins_code_3             ? 
_pdbx_validate_rmsd_angle.label_alt_id_3             ? 
_pdbx_validate_rmsd_angle.angle_value                126.78 
_pdbx_validate_rmsd_angle.angle_target_value         111.80 
_pdbx_validate_rmsd_angle.angle_deviation            14.98 
_pdbx_validate_rmsd_angle.angle_standard_deviation   2.10 
_pdbx_validate_rmsd_angle.linker_flag                N 
# 
loop_
_pdbx_validate_torsion.id 
_pdbx_validate_torsion.PDB_model_num 
_pdbx_validate_torsion.auth_comp_id 
_pdbx_validate_torsion.auth_asym_id 
_pdbx_validate_torsion.auth_seq_id 
_pdbx_validate_torsion.PDB_ins_code 
_pdbx_validate_torsion.label_alt_id 
_pdbx_validate_torsion.phi 
_pdbx_validate_torsion.psi 
1 1 ASN B 45  ? ? 77.49   37.43 
2 1 ASP B 152 ? ? -105.57 51.60 
# 
_pdbx_struct_special_symmetry.id              1 
_pdbx_struct_special_symmetry.PDB_model_num   1 
_pdbx_struct_special_symmetry.auth_asym_id    B 
_pdbx_struct_special_symmetry.auth_comp_id    HOH 
_pdbx_struct_special_symmetry.auth_seq_id     413 
_pdbx_struct_special_symmetry.PDB_ins_code    ? 
_pdbx_struct_special_symmetry.label_asym_id   E 
_pdbx_struct_special_symmetry.label_comp_id   HOH 
_pdbx_struct_special_symmetry.label_seq_id    . 
# 
_phasing.method   MR 
# 
loop_
_pdbx_unobs_or_zero_occ_residues.id 
_pdbx_unobs_or_zero_occ_residues.PDB_model_num 
_pdbx_unobs_or_zero_occ_residues.polymer_flag 
_pdbx_unobs_or_zero_occ_residues.occupancy_flag 
_pdbx_unobs_or_zero_occ_residues.auth_asym_id 
_pdbx_unobs_or_zero_occ_residues.auth_comp_id 
_pdbx_unobs_or_zero_occ_residues.auth_seq_id 
_pdbx_unobs_or_zero_occ_residues.PDB_ins_code 
_pdbx_unobs_or_zero_occ_residues.label_asym_id 
_pdbx_unobs_or_zero_occ_residues.label_comp_id 
_pdbx_unobs_or_zero_occ_residues.label_seq_id 
1 1 Y 1 B MET 7   ? A MET 1   
2 1 Y 1 B LYS 193 ? A LYS 187 
3 1 Y 1 B MET 194 ? A MET 188 
# 
loop_
_chem_comp_atom.comp_id 
_chem_comp_atom.atom_id 
_chem_comp_atom.type_symbol 
_chem_comp_atom.pdbx_aromatic_flag 
_chem_comp_atom.pdbx_stereo_config 
_chem_comp_atom.pdbx_ordinal 
ALA N    N N N 1   
ALA CA   C N S 2   
ALA C    C N N 3   
ALA O    O N N 4   
ALA CB   C N N 5   
ALA OXT  O N N 6   
ALA H    H N N 7   
ALA H2   H N N 8   
ALA HA   H N N 9   
ALA HB1  H N N 10  
ALA HB2  H N N 11  
ALA HB3  H N N 12  
ALA HXT  H N N 13  
ARG N    N N N 14  
ARG CA   C N S 15  
ARG C    C N N 16  
ARG O    O N N 17  
ARG CB   C N N 18  
ARG CG   C N N 19  
ARG CD   C N N 20  
ARG NE   N N N 21  
ARG CZ   C N N 22  
ARG NH1  N N N 23  
ARG NH2  N N N 24  
ARG OXT  O N N 25  
ARG H    H N N 26  
ARG H2   H N N 27  
ARG HA   H N N 28  
ARG HB2  H N N 29  
ARG HB3  H N N 30  
ARG HG2  H N N 31  
ARG HG3  H N N 32  
ARG HD2  H N N 33  
ARG HD3  H N N 34  
ARG HE   H N N 35  
ARG HH11 H N N 36  
ARG HH12 H N N 37  
ARG HH21 H N N 38  
ARG HH22 H N N 39  
ARG HXT  H N N 40  
ASN N    N N N 41  
ASN CA   C N S 42  
ASN C    C N N 43  
ASN O    O N N 44  
ASN CB   C N N 45  
ASN CG   C N N 46  
ASN OD1  O N N 47  
ASN ND2  N N N 48  
ASN OXT  O N N 49  
ASN H    H N N 50  
ASN H2   H N N 51  
ASN HA   H N N 52  
ASN HB2  H N N 53  
ASN HB3  H N N 54  
ASN HD21 H N N 55  
ASN HD22 H N N 56  
ASN HXT  H N N 57  
ASP N    N N N 58  
ASP CA   C N S 59  
ASP C    C N N 60  
ASP O    O N N 61  
ASP CB   C N N 62  
ASP CG   C N N 63  
ASP OD1  O N N 64  
ASP OD2  O N N 65  
ASP OXT  O N N 66  
ASP H    H N N 67  
ASP H2   H N N 68  
ASP HA   H N N 69  
ASP HB2  H N N 70  
ASP HB3  H N N 71  
ASP HD2  H N N 72  
ASP HXT  H N N 73  
CYS N    N N N 74  
CYS CA   C N R 75  
CYS C    C N N 76  
CYS O    O N N 77  
CYS CB   C N N 78  
CYS SG   S N N 79  
CYS OXT  O N N 80  
CYS H    H N N 81  
CYS H2   H N N 82  
CYS HA   H N N 83  
CYS HB2  H N N 84  
CYS HB3  H N N 85  
CYS HG   H N N 86  
CYS HXT  H N N 87  
EDO C1   C N N 88  
EDO O1   O N N 89  
EDO C2   C N N 90  
EDO O2   O N N 91  
EDO H11  H N N 92  
EDO H12  H N N 93  
EDO HO1  H N N 94  
EDO H21  H N N 95  
EDO H22  H N N 96  
EDO HO2  H N N 97  
GLN N    N N N 98  
GLN CA   C N S 99  
GLN C    C N N 100 
GLN O    O N N 101 
GLN CB   C N N 102 
GLN CG   C N N 103 
GLN CD   C N N 104 
GLN OE1  O N N 105 
GLN NE2  N N N 106 
GLN OXT  O N N 107 
GLN H    H N N 108 
GLN H2   H N N 109 
GLN HA   H N N 110 
GLN HB2  H N N 111 
GLN HB3  H N N 112 
GLN HG2  H N N 113 
GLN HG3  H N N 114 
GLN HE21 H N N 115 
GLN HE22 H N N 116 
GLN HXT  H N N 117 
GLU N    N N N 118 
GLU CA   C N S 119 
GLU C    C N N 120 
GLU O    O N N 121 
GLU CB   C N N 122 
GLU CG   C N N 123 
GLU CD   C N N 124 
GLU OE1  O N N 125 
GLU OE2  O N N 126 
GLU OXT  O N N 127 
GLU H    H N N 128 
GLU H2   H N N 129 
GLU HA   H N N 130 
GLU HB2  H N N 131 
GLU HB3  H N N 132 
GLU HG2  H N N 133 
GLU HG3  H N N 134 
GLU HE2  H N N 135 
GLU HXT  H N N 136 
GLY N    N N N 137 
GLY CA   C N N 138 
GLY C    C N N 139 
GLY O    O N N 140 
GLY OXT  O N N 141 
GLY H    H N N 142 
GLY H2   H N N 143 
GLY HA2  H N N 144 
GLY HA3  H N N 145 
GLY HXT  H N N 146 
HIS N    N N N 147 
HIS CA   C N S 148 
HIS C    C N N 149 
HIS O    O N N 150 
HIS CB   C N N 151 
HIS CG   C Y N 152 
HIS ND1  N Y N 153 
HIS CD2  C Y N 154 
HIS CE1  C Y N 155 
HIS NE2  N Y N 156 
HIS OXT  O N N 157 
HIS H    H N N 158 
HIS H2   H N N 159 
HIS HA   H N N 160 
HIS HB2  H N N 161 
HIS HB3  H N N 162 
HIS HD1  H N N 163 
HIS HD2  H N N 164 
HIS HE1  H N N 165 
HIS HE2  H N N 166 
HIS HXT  H N N 167 
HOH O    O N N 168 
HOH H1   H N N 169 
HOH H2   H N N 170 
ILE N    N N N 171 
ILE CA   C N S 172 
ILE C    C N N 173 
ILE O    O N N 174 
ILE CB   C N S 175 
ILE CG1  C N N 176 
ILE CG2  C N N 177 
ILE CD1  C N N 178 
ILE OXT  O N N 179 
ILE H    H N N 180 
ILE H2   H N N 181 
ILE HA   H N N 182 
ILE HB   H N N 183 
ILE HG12 H N N 184 
ILE HG13 H N N 185 
ILE HG21 H N N 186 
ILE HG22 H N N 187 
ILE HG23 H N N 188 
ILE HD11 H N N 189 
ILE HD12 H N N 190 
ILE HD13 H N N 191 
ILE HXT  H N N 192 
LEU N    N N N 193 
LEU CA   C N S 194 
LEU C    C N N 195 
LEU O    O N N 196 
LEU CB   C N N 197 
LEU CG   C N N 198 
LEU CD1  C N N 199 
LEU CD2  C N N 200 
LEU OXT  O N N 201 
LEU H    H N N 202 
LEU H2   H N N 203 
LEU HA   H N N 204 
LEU HB2  H N N 205 
LEU HB3  H N N 206 
LEU HG   H N N 207 
LEU HD11 H N N 208 
LEU HD12 H N N 209 
LEU HD13 H N N 210 
LEU HD21 H N N 211 
LEU HD22 H N N 212 
LEU HD23 H N N 213 
LEU HXT  H N N 214 
LYS N    N N N 215 
LYS CA   C N S 216 
LYS C    C N N 217 
LYS O    O N N 218 
LYS CB   C N N 219 
LYS CG   C N N 220 
LYS CD   C N N 221 
LYS CE   C N N 222 
LYS NZ   N N N 223 
LYS OXT  O N N 224 
LYS H    H N N 225 
LYS H2   H N N 226 
LYS HA   H N N 227 
LYS HB2  H N N 228 
LYS HB3  H N N 229 
LYS HG2  H N N 230 
LYS HG3  H N N 231 
LYS HD2  H N N 232 
LYS HD3  H N N 233 
LYS HE2  H N N 234 
LYS HE3  H N N 235 
LYS HZ1  H N N 236 
LYS HZ2  H N N 237 
LYS HZ3  H N N 238 
LYS HXT  H N N 239 
MET N    N N N 240 
MET CA   C N S 241 
MET C    C N N 242 
MET O    O N N 243 
MET CB   C N N 244 
MET CG   C N N 245 
MET SD   S N N 246 
MET CE   C N N 247 
MET OXT  O N N 248 
MET H    H N N 249 
MET H2   H N N 250 
MET HA   H N N 251 
MET HB2  H N N 252 
MET HB3  H N N 253 
MET HG2  H N N 254 
MET HG3  H N N 255 
MET HE1  H N N 256 
MET HE2  H N N 257 
MET HE3  H N N 258 
MET HXT  H N N 259 
PHE N    N N N 260 
PHE CA   C N S 261 
PHE C    C N N 262 
PHE O    O N N 263 
PHE CB   C N N 264 
PHE CG   C Y N 265 
PHE CD1  C Y N 266 
PHE CD2  C Y N 267 
PHE CE1  C Y N 268 
PHE CE2  C Y N 269 
PHE CZ   C Y N 270 
PHE OXT  O N N 271 
PHE H    H N N 272 
PHE H2   H N N 273 
PHE HA   H N N 274 
PHE HB2  H N N 275 
PHE HB3  H N N 276 
PHE HD1  H N N 277 
PHE HD2  H N N 278 
PHE HE1  H N N 279 
PHE HE2  H N N 280 
PHE HZ   H N N 281 
PHE HXT  H N N 282 
PRO N    N N N 283 
PRO CA   C N S 284 
PRO C    C N N 285 
PRO O    O N N 286 
PRO CB   C N N 287 
PRO CG   C N N 288 
PRO CD   C N N 289 
PRO OXT  O N N 290 
PRO H    H N N 291 
PRO HA   H N N 292 
PRO HB2  H N N 293 
PRO HB3  H N N 294 
PRO HG2  H N N 295 
PRO HG3  H N N 296 
PRO HD2  H N N 297 
PRO HD3  H N N 298 
PRO HXT  H N N 299 
SER N    N N N 300 
SER CA   C N S 301 
SER C    C N N 302 
SER O    O N N 303 
SER CB   C N N 304 
SER OG   O N N 305 
SER OXT  O N N 306 
SER H    H N N 307 
SER H2   H N N 308 
SER HA   H N N 309 
SER HB2  H N N 310 
SER HB3  H N N 311 
SER HG   H N N 312 
SER HXT  H N N 313 
SO4 S    S N N 314 
SO4 O1   O N N 315 
SO4 O2   O N N 316 
SO4 O3   O N N 317 
SO4 O4   O N N 318 
THR N    N N N 319 
THR CA   C N S 320 
THR C    C N N 321 
THR O    O N N 322 
THR CB   C N R 323 
THR OG1  O N N 324 
THR CG2  C N N 325 
THR OXT  O N N 326 
THR H    H N N 327 
THR H2   H N N 328 
THR HA   H N N 329 
THR HB   H N N 330 
THR HG1  H N N 331 
THR HG21 H N N 332 
THR HG22 H N N 333 
THR HG23 H N N 334 
THR HXT  H N N 335 
TRP N    N N N 336 
TRP CA   C N S 337 
TRP C    C N N 338 
TRP O    O N N 339 
TRP CB   C N N 340 
TRP CG   C Y N 341 
TRP CD1  C Y N 342 
TRP CD2  C Y N 343 
TRP NE1  N Y N 344 
TRP CE2  C Y N 345 
TRP CE3  C Y N 346 
TRP CZ2  C Y N 347 
TRP CZ3  C Y N 348 
TRP CH2  C Y N 349 
TRP OXT  O N N 350 
TRP H    H N N 351 
TRP H2   H N N 352 
TRP HA   H N N 353 
TRP HB2  H N N 354 
TRP HB3  H N N 355 
TRP HD1  H N N 356 
TRP HE1  H N N 357 
TRP HE3  H N N 358 
TRP HZ2  H N N 359 
TRP HZ3  H N N 360 
TRP HH2  H N N 361 
TRP HXT  H N N 362 
TYR N    N N N 363 
TYR CA   C N S 364 
TYR C    C N N 365 
TYR O    O N N 366 
TYR CB   C N N 367 
TYR CG   C Y N 368 
TYR CD1  C Y N 369 
TYR CD2  C Y N 370 
TYR CE1  C Y N 371 
TYR CE2  C Y N 372 
TYR CZ   C Y N 373 
TYR OH   O N N 374 
TYR OXT  O N N 375 
TYR H    H N N 376 
TYR H2   H N N 377 
TYR HA   H N N 378 
TYR HB2  H N N 379 
TYR HB3  H N N 380 
TYR HD1  H N N 381 
TYR HD2  H N N 382 
TYR HE1  H N N 383 
TYR HE2  H N N 384 
TYR HH   H N N 385 
TYR HXT  H N N 386 
VAL N    N N N 387 
VAL CA   C N S 388 
VAL C    C N N 389 
VAL O    O N N 390 
VAL CB   C N N 391 
VAL CG1  C N N 392 
VAL CG2  C N N 393 
VAL OXT  O N N 394 
VAL H    H N N 395 
VAL H2   H N N 396 
VAL HA   H N N 397 
VAL HB   H N N 398 
VAL HG11 H N N 399 
VAL HG12 H N N 400 
VAL HG13 H N N 401 
VAL HG21 H N N 402 
VAL HG22 H N N 403 
VAL HG23 H N N 404 
VAL HXT  H N N 405 
W0Y N1   N N N 406 
W0Y C4   C Y N 407 
W0Y C5   C Y N 408 
W0Y C6   C Y N 409 
W0Y C7   C Y N 410 
W0Y O2   O N N 411 
W0Y S    S N N 412 
W0Y O1   O N N 413 
W0Y C3   C Y N 414 
W0Y C2   C Y N 415 
W0Y C1   C N N 416 
W0Y O    O N N 417 
W0Y N    N N N 418 
W0Y C    C N N 419 
W0Y H1   H N N 420 
W0Y H2   H N N 421 
W0Y H3   H N N 422 
W0Y H4   H N N 423 
W0Y H5   H N N 424 
W0Y H6   H N N 425 
W0Y H7   H N N 426 
W0Y H8   H N N 427 
W0Y H9   H N N 428 
W0Y H10  H N N 429 
# 
loop_
_chem_comp_bond.comp_id 
_chem_comp_bond.atom_id_1 
_chem_comp_bond.atom_id_2 
_chem_comp_bond.value_order 
_chem_comp_bond.pdbx_aromatic_flag 
_chem_comp_bond.pdbx_stereo_config 
_chem_comp_bond.pdbx_ordinal 
ALA N   CA   sing N N 1   
ALA N   H    sing N N 2   
ALA N   H2   sing N N 3   
ALA CA  C    sing N N 4   
ALA CA  CB   sing N N 5   
ALA CA  HA   sing N N 6   
ALA C   O    doub N N 7   
ALA C   OXT  sing N N 8   
ALA CB  HB1  sing N N 9   
ALA CB  HB2  sing N N 10  
ALA CB  HB3  sing N N 11  
ALA OXT HXT  sing N N 12  
ARG N   CA   sing N N 13  
ARG N   H    sing N N 14  
ARG N   H2   sing N N 15  
ARG CA  C    sing N N 16  
ARG CA  CB   sing N N 17  
ARG CA  HA   sing N N 18  
ARG C   O    doub N N 19  
ARG C   OXT  sing N N 20  
ARG CB  CG   sing N N 21  
ARG CB  HB2  sing N N 22  
ARG CB  HB3  sing N N 23  
ARG CG  CD   sing N N 24  
ARG CG  HG2  sing N N 25  
ARG CG  HG3  sing N N 26  
ARG CD  NE   sing N N 27  
ARG CD  HD2  sing N N 28  
ARG CD  HD3  sing N N 29  
ARG NE  CZ   sing N N 30  
ARG NE  HE   sing N N 31  
ARG CZ  NH1  sing N N 32  
ARG CZ  NH2  doub N N 33  
ARG NH1 HH11 sing N N 34  
ARG NH1 HH12 sing N N 35  
ARG NH2 HH21 sing N N 36  
ARG NH2 HH22 sing N N 37  
ARG OXT HXT  sing N N 38  
ASN N   CA   sing N N 39  
ASN N   H    sing N N 40  
ASN N   H2   sing N N 41  
ASN CA  C    sing N N 42  
ASN CA  CB   sing N N 43  
ASN CA  HA   sing N N 44  
ASN C   O    doub N N 45  
ASN C   OXT  sing N N 46  
ASN CB  CG   sing N N 47  
ASN CB  HB2  sing N N 48  
ASN CB  HB3  sing N N 49  
ASN CG  OD1  doub N N 50  
ASN CG  ND2  sing N N 51  
ASN ND2 HD21 sing N N 52  
ASN ND2 HD22 sing N N 53  
ASN OXT HXT  sing N N 54  
ASP N   CA   sing N N 55  
ASP N   H    sing N N 56  
ASP N   H2   sing N N 57  
ASP CA  C    sing N N 58  
ASP CA  CB   sing N N 59  
ASP CA  HA   sing N N 60  
ASP C   O    doub N N 61  
ASP C   OXT  sing N N 62  
ASP CB  CG   sing N N 63  
ASP CB  HB2  sing N N 64  
ASP CB  HB3  sing N N 65  
ASP CG  OD1  doub N N 66  
ASP CG  OD2  sing N N 67  
ASP OD2 HD2  sing N N 68  
ASP OXT HXT  sing N N 69  
CYS N   CA   sing N N 70  
CYS N   H    sing N N 71  
CYS N   H2   sing N N 72  
CYS CA  C    sing N N 73  
CYS CA  CB   sing N N 74  
CYS CA  HA   sing N N 75  
CYS C   O    doub N N 76  
CYS C   OXT  sing N N 77  
CYS CB  SG   sing N N 78  
CYS CB  HB2  sing N N 79  
CYS CB  HB3  sing N N 80  
CYS SG  HG   sing N N 81  
CYS OXT HXT  sing N N 82  
EDO C1  O1   sing N N 83  
EDO C1  C2   sing N N 84  
EDO C1  H11  sing N N 85  
EDO C1  H12  sing N N 86  
EDO O1  HO1  sing N N 87  
EDO C2  O2   sing N N 88  
EDO C2  H21  sing N N 89  
EDO C2  H22  sing N N 90  
EDO O2  HO2  sing N N 91  
GLN N   CA   sing N N 92  
GLN N   H    sing N N 93  
GLN N   H2   sing N N 94  
GLN CA  C    sing N N 95  
GLN CA  CB   sing N N 96  
GLN CA  HA   sing N N 97  
GLN C   O    doub N N 98  
GLN C   OXT  sing N N 99  
GLN CB  CG   sing N N 100 
GLN CB  HB2  sing N N 101 
GLN CB  HB3  sing N N 102 
GLN CG  CD   sing N N 103 
GLN CG  HG2  sing N N 104 
GLN CG  HG3  sing N N 105 
GLN CD  OE1  doub N N 106 
GLN CD  NE2  sing N N 107 
GLN NE2 HE21 sing N N 108 
GLN NE2 HE22 sing N N 109 
GLN OXT HXT  sing N N 110 
GLU N   CA   sing N N 111 
GLU N   H    sing N N 112 
GLU N   H2   sing N N 113 
GLU CA  C    sing N N 114 
GLU CA  CB   sing N N 115 
GLU CA  HA   sing N N 116 
GLU C   O    doub N N 117 
GLU C   OXT  sing N N 118 
GLU CB  CG   sing N N 119 
GLU CB  HB2  sing N N 120 
GLU CB  HB3  sing N N 121 
GLU CG  CD   sing N N 122 
GLU CG  HG2  sing N N 123 
GLU CG  HG3  sing N N 124 
GLU CD  OE1  doub N N 125 
GLU CD  OE2  sing N N 126 
GLU OE2 HE2  sing N N 127 
GLU OXT HXT  sing N N 128 
GLY N   CA   sing N N 129 
GLY N   H    sing N N 130 
GLY N   H2   sing N N 131 
GLY CA  C    sing N N 132 
GLY CA  HA2  sing N N 133 
GLY CA  HA3  sing N N 134 
GLY C   O    doub N N 135 
GLY C   OXT  sing N N 136 
GLY OXT HXT  sing N N 137 
HIS N   CA   sing N N 138 
HIS N   H    sing N N 139 
HIS N   H2   sing N N 140 
HIS CA  C    sing N N 141 
HIS CA  CB   sing N N 142 
HIS CA  HA   sing N N 143 
HIS C   O    doub N N 144 
HIS C   OXT  sing N N 145 
HIS CB  CG   sing N N 146 
HIS CB  HB2  sing N N 147 
HIS CB  HB3  sing N N 148 
HIS CG  ND1  sing Y N 149 
HIS CG  CD2  doub Y N 150 
HIS ND1 CE1  doub Y N 151 
HIS ND1 HD1  sing N N 152 
HIS CD2 NE2  sing Y N 153 
HIS CD2 HD2  sing N N 154 
HIS CE1 NE2  sing Y N 155 
HIS CE1 HE1  sing N N 156 
HIS NE2 HE2  sing N N 157 
HIS OXT HXT  sing N N 158 
HOH O   H1   sing N N 159 
HOH O   H2   sing N N 160 
ILE N   CA   sing N N 161 
ILE N   H    sing N N 162 
ILE N   H2   sing N N 163 
ILE CA  C    sing N N 164 
ILE CA  CB   sing N N 165 
ILE CA  HA   sing N N 166 
ILE C   O    doub N N 167 
ILE C   OXT  sing N N 168 
ILE CB  CG1  sing N N 169 
ILE CB  CG2  sing N N 170 
ILE CB  HB   sing N N 171 
ILE CG1 CD1  sing N N 172 
ILE CG1 HG12 sing N N 173 
ILE CG1 HG13 sing N N 174 
ILE CG2 HG21 sing N N 175 
ILE CG2 HG22 sing N N 176 
ILE CG2 HG23 sing N N 177 
ILE CD1 HD11 sing N N 178 
ILE CD1 HD12 sing N N 179 
ILE CD1 HD13 sing N N 180 
ILE OXT HXT  sing N N 181 
LEU N   CA   sing N N 182 
LEU N   H    sing N N 183 
LEU N   H2   sing N N 184 
LEU CA  C    sing N N 185 
LEU CA  CB   sing N N 186 
LEU CA  HA   sing N N 187 
LEU C   O    doub N N 188 
LEU C   OXT  sing N N 189 
LEU CB  CG   sing N N 190 
LEU CB  HB2  sing N N 191 
LEU CB  HB3  sing N N 192 
LEU CG  CD1  sing N N 193 
LEU CG  CD2  sing N N 194 
LEU CG  HG   sing N N 195 
LEU CD1 HD11 sing N N 196 
LEU CD1 HD12 sing N N 197 
LEU CD1 HD13 sing N N 198 
LEU CD2 HD21 sing N N 199 
LEU CD2 HD22 sing N N 200 
LEU CD2 HD23 sing N N 201 
LEU OXT HXT  sing N N 202 
LYS N   CA   sing N N 203 
LYS N   H    sing N N 204 
LYS N   H2   sing N N 205 
LYS CA  C    sing N N 206 
LYS CA  CB   sing N N 207 
LYS CA  HA   sing N N 208 
LYS C   O    doub N N 209 
LYS C   OXT  sing N N 210 
LYS CB  CG   sing N N 211 
LYS CB  HB2  sing N N 212 
LYS CB  HB3  sing N N 213 
LYS CG  CD   sing N N 214 
LYS CG  HG2  sing N N 215 
LYS CG  HG3  sing N N 216 
LYS CD  CE   sing N N 217 
LYS CD  HD2  sing N N 218 
LYS CD  HD3  sing N N 219 
LYS CE  NZ   sing N N 220 
LYS CE  HE2  sing N N 221 
LYS CE  HE3  sing N N 222 
LYS NZ  HZ1  sing N N 223 
LYS NZ  HZ2  sing N N 224 
LYS NZ  HZ3  sing N N 225 
LYS OXT HXT  sing N N 226 
MET N   CA   sing N N 227 
MET N   H    sing N N 228 
MET N   H2   sing N N 229 
MET CA  C    sing N N 230 
MET CA  CB   sing N N 231 
MET CA  HA   sing N N 232 
MET C   O    doub N N 233 
MET C   OXT  sing N N 234 
MET CB  CG   sing N N 235 
MET CB  HB2  sing N N 236 
MET CB  HB3  sing N N 237 
MET CG  SD   sing N N 238 
MET CG  HG2  sing N N 239 
MET CG  HG3  sing N N 240 
MET SD  CE   sing N N 241 
MET CE  HE1  sing N N 242 
MET CE  HE2  sing N N 243 
MET CE  HE3  sing N N 244 
MET OXT HXT  sing N N 245 
PHE N   CA   sing N N 246 
PHE N   H    sing N N 247 
PHE N   H2   sing N N 248 
PHE CA  C    sing N N 249 
PHE CA  CB   sing N N 250 
PHE CA  HA   sing N N 251 
PHE C   O    doub N N 252 
PHE C   OXT  sing N N 253 
PHE CB  CG   sing N N 254 
PHE CB  HB2  sing N N 255 
PHE CB  HB3  sing N N 256 
PHE CG  CD1  doub Y N 257 
PHE CG  CD2  sing Y N 258 
PHE CD1 CE1  sing Y N 259 
PHE CD1 HD1  sing N N 260 
PHE CD2 CE2  doub Y N 261 
PHE CD2 HD2  sing N N 262 
PHE CE1 CZ   doub Y N 263 
PHE CE1 HE1  sing N N 264 
PHE CE2 CZ   sing Y N 265 
PHE CE2 HE2  sing N N 266 
PHE CZ  HZ   sing N N 267 
PHE OXT HXT  sing N N 268 
PRO N   CA   sing N N 269 
PRO N   CD   sing N N 270 
PRO N   H    sing N N 271 
PRO CA  C    sing N N 272 
PRO CA  CB   sing N N 273 
PRO CA  HA   sing N N 274 
PRO C   O    doub N N 275 
PRO C   OXT  sing N N 276 
PRO CB  CG   sing N N 277 
PRO CB  HB2  sing N N 278 
PRO CB  HB3  sing N N 279 
PRO CG  CD   sing N N 280 
PRO CG  HG2  sing N N 281 
PRO CG  HG3  sing N N 282 
PRO CD  HD2  sing N N 283 
PRO CD  HD3  sing N N 284 
PRO OXT HXT  sing N N 285 
SER N   CA   sing N N 286 
SER N   H    sing N N 287 
SER N   H2   sing N N 288 
SER CA  C    sing N N 289 
SER CA  CB   sing N N 290 
SER CA  HA   sing N N 291 
SER C   O    doub N N 292 
SER C   OXT  sing N N 293 
SER CB  OG   sing N N 294 
SER CB  HB2  sing N N 295 
SER CB  HB3  sing N N 296 
SER OG  HG   sing N N 297 
SER OXT HXT  sing N N 298 
SO4 S   O1   doub N N 299 
SO4 S   O2   doub N N 300 
SO4 S   O3   sing N N 301 
SO4 S   O4   sing N N 302 
THR N   CA   sing N N 303 
THR N   H    sing N N 304 
THR N   H2   sing N N 305 
THR CA  C    sing N N 306 
THR CA  CB   sing N N 307 
THR CA  HA   sing N N 308 
THR C   O    doub N N 309 
THR C   OXT  sing N N 310 
THR CB  OG1  sing N N 311 
THR CB  CG2  sing N N 312 
THR CB  HB   sing N N 313 
THR OG1 HG1  sing N N 314 
THR CG2 HG21 sing N N 315 
THR CG2 HG22 sing N N 316 
THR CG2 HG23 sing N N 317 
THR OXT HXT  sing N N 318 
TRP N   CA   sing N N 319 
TRP N   H    sing N N 320 
TRP N   H2   sing N N 321 
TRP CA  C    sing N N 322 
TRP CA  CB   sing N N 323 
TRP CA  HA   sing N N 324 
TRP C   O    doub N N 325 
TRP C   OXT  sing N N 326 
TRP CB  CG   sing N N 327 
TRP CB  HB2  sing N N 328 
TRP CB  HB3  sing N N 329 
TRP CG  CD1  doub Y N 330 
TRP CG  CD2  sing Y N 331 
TRP CD1 NE1  sing Y N 332 
TRP CD1 HD1  sing N N 333 
TRP CD2 CE2  doub Y N 334 
TRP CD2 CE3  sing Y N 335 
TRP NE1 CE2  sing Y N 336 
TRP NE1 HE1  sing N N 337 
TRP CE2 CZ2  sing Y N 338 
TRP CE3 CZ3  doub Y N 339 
TRP CE3 HE3  sing N N 340 
TRP CZ2 CH2  doub Y N 341 
TRP CZ2 HZ2  sing N N 342 
TRP CZ3 CH2  sing Y N 343 
TRP CZ3 HZ3  sing N N 344 
TRP CH2 HH2  sing N N 345 
TRP OXT HXT  sing N N 346 
TYR N   CA   sing N N 347 
TYR N   H    sing N N 348 
TYR N   H2   sing N N 349 
TYR CA  C    sing N N 350 
TYR CA  CB   sing N N 351 
TYR CA  HA   sing N N 352 
TYR C   O    doub N N 353 
TYR C   OXT  sing N N 354 
TYR CB  CG   sing N N 355 
TYR CB  HB2  sing N N 356 
TYR CB  HB3  sing N N 357 
TYR CG  CD1  doub Y N 358 
TYR CG  CD2  sing Y N 359 
TYR CD1 CE1  sing Y N 360 
TYR CD1 HD1  sing N N 361 
TYR CD2 CE2  doub Y N 362 
TYR CD2 HD2  sing N N 363 
TYR CE1 CZ   doub Y N 364 
TYR CE1 HE1  sing N N 365 
TYR CE2 CZ   sing Y N 366 
TYR CE2 HE2  sing N N 367 
TYR CZ  OH   sing N N 368 
TYR OH  HH   sing N N 369 
TYR OXT HXT  sing N N 370 
VAL N   CA   sing N N 371 
VAL N   H    sing N N 372 
VAL N   H2   sing N N 373 
VAL CA  C    sing N N 374 
VAL CA  CB   sing N N 375 
VAL CA  HA   sing N N 376 
VAL C   O    doub N N 377 
VAL C   OXT  sing N N 378 
VAL CB  CG1  sing N N 379 
VAL CB  CG2  sing N N 380 
VAL CB  HB   sing N N 381 
VAL CG1 HG11 sing N N 382 
VAL CG1 HG12 sing N N 383 
VAL CG1 HG13 sing N N 384 
VAL CG2 HG21 sing N N 385 
VAL CG2 HG22 sing N N 386 
VAL CG2 HG23 sing N N 387 
VAL OXT HXT  sing N N 388 
W0Y O2  S    doub N N 389 
W0Y O1  S    doub N N 390 
W0Y S   N1   sing N N 391 
W0Y S   C5   sing N N 392 
W0Y C4  C5   doub Y N 393 
W0Y C4  C3   sing Y N 394 
W0Y C5  C6   sing Y N 395 
W0Y C3  C2   doub Y N 396 
W0Y C6  C7   doub Y N 397 
W0Y C2  C7   sing Y N 398 
W0Y C2  C1   sing N N 399 
W0Y O   C1   doub N N 400 
W0Y C1  N    sing N N 401 
W0Y N   C    sing N N 402 
W0Y N1  H1   sing N N 403 
W0Y N1  H2   sing N N 404 
W0Y C4  H3   sing N N 405 
W0Y C6  H4   sing N N 406 
W0Y C7  H5   sing N N 407 
W0Y C3  H6   sing N N 408 
W0Y N   H7   sing N N 409 
W0Y C   H8   sing N N 410 
W0Y C   H9   sing N N 411 
W0Y C   H10  sing N N 412 
# 
_pdbx_audit_support.ordinal                1 
_pdbx_audit_support.funding_organization   'European Union (EU)' 
_pdbx_audit_support.grant_number           875510 
_pdbx_audit_support.country                'European Union' 
# 
_pdbx_deposit_group.group_id            G_1002320 
_pdbx_deposit_group.group_description   
;PRYSPRY domain of murine TRIM21 screened against the DSI-poised Fragment Library by X-ray Crystallography at the XChem facility of Diamon Light Source
;
_pdbx_deposit_group.group_title         'PanDDA analysis group deposition' 
_pdbx_deposit_group.group_type          'changed state' 
# 
_pdbx_initial_refinement_model.id               1 
_pdbx_initial_refinement_model.entity_id_list   ? 
_pdbx_initial_refinement_model.type             'experimental model' 
_pdbx_initial_refinement_model.source_name      PDB 
_pdbx_initial_refinement_model.accession_code   2VOK 
_pdbx_initial_refinement_model.details          ? 
# 
_atom_sites.entry_id                    7HMM 
_atom_sites.fract_transf_matrix[1][1]   0.00879768 
_atom_sites.fract_transf_matrix[1][2]   -0.00420329 
_atom_sites.fract_transf_matrix[1][3]   0.00380398 
_atom_sites.fract_transf_matrix[2][1]   0.00412509 
_atom_sites.fract_transf_matrix[2][2]   -0.00007077 
_atom_sites.fract_transf_matrix[2][3]   -0.00961851 
_atom_sites.fract_transf_matrix[3][1]   0.00811355 
_atom_sites.fract_transf_matrix[3][2]   0.01999798 
_atom_sites.fract_transf_matrix[3][3]   0.00333253 
_atom_sites.fract_transf_vector[1]      -0.298691 
_atom_sites.fract_transf_vector[2]      -0.117356 
_atom_sites.fract_transf_vector[3]      -0.503780 
# 
loop_
_atom_type.symbol 
C 
N 
O 
S 
# 
loop_
_atom_site.group_PDB 
_atom_site.id 
_atom_site.type_symbol 
_atom_site.label_atom_id 
_atom_site.label_alt_id 
_atom_site.label_comp_id 
_atom_site.label_asym_id 
_atom_site.label_entity_id 
_atom_site.label_seq_id 
_atom_site.pdbx_PDB_ins_code 
_atom_site.Cartn_x 
_atom_site.Cartn_y 
_atom_site.Cartn_z 
_atom_site.occupancy 
_atom_site.B_iso_or_equiv 
_atom_site.pdbx_formal_charge 
_atom_site.auth_seq_id 
_atom_site.auth_comp_id 
_atom_site.auth_asym_id 
_atom_site.auth_atom_id 
_atom_site.pdbx_PDB_model_num 
ATOM   1    N N   . HIS A 1 2   ? 17.028  5.695   9.373   1.00 91.88 ? 8   HIS B N   1 
ATOM   2    C CA  . HIS A 1 2   ? 16.681  4.285   9.748   1.00 84.51 ? 8   HIS B CA  1 
ATOM   3    C C   . HIS A 1 2   ? 17.722  3.316   9.165   1.00 84.96 ? 8   HIS B C   1 
ATOM   4    O O   . HIS A 1 2   ? 18.309  3.635   8.103   1.00 90.03 ? 8   HIS B O   1 
ATOM   5    C CB  . HIS A 1 2   ? 15.247  3.941   9.302   1.00 77.05 ? 8   HIS B CB  1 
ATOM   6    C CG  . HIS A 1 2   ? 15.071  3.787   7.825   1.00 71.30 ? 8   HIS B CG  1 
ATOM   7    N ND1 . HIS A 1 2   ? 15.263  2.579   7.178   1.00 69.08 ? 8   HIS B ND1 1 
ATOM   8    C CD2 . HIS A 1 2   ? 14.709  4.671   6.869   1.00 67.61 ? 8   HIS B CD2 1 
ATOM   9    C CE1 . HIS A 1 2   ? 15.044  2.732   5.889   1.00 68.14 ? 8   HIS B CE1 1 
ATOM   10   N NE2 . HIS A 1 2   ? 14.696  4.002   5.671   1.00 65.84 ? 8   HIS B NE2 1 
ATOM   11   N N   . HIS A 1 3   ? 17.920  2.175   9.834   1.00 82.21 ? 9   HIS B N   1 
ATOM   12   C CA  . HIS A 1 3   ? 18.801  1.053   9.404   1.00 79.62 ? 9   HIS B CA  1 
ATOM   13   C C   . HIS A 1 3   ? 17.951  -0.212  9.198   1.00 68.31 ? 9   HIS B C   1 
ATOM   14   O O   . HIS A 1 3   ? 18.391  -1.297  9.636   1.00 67.50 ? 9   HIS B O   1 
ATOM   15   C CB  . HIS A 1 3   ? 19.952  0.883   10.414  1.00 85.80 ? 9   HIS B CB  1 
ATOM   16   C CG  . HIS A 1 3   ? 20.746  2.134   10.627  1.00 92.82 ? 9   HIS B CG  1 
ATOM   17   N ND1 . HIS A 1 3   ? 21.589  2.653   9.656   1.00 93.83 ? 9   HIS B ND1 1 
ATOM   18   C CD2 . HIS A 1 3   ? 20.819  2.980   11.678  1.00 95.42 ? 9   HIS B CD2 1 
ATOM   19   C CE1 . HIS A 1 3   ? 22.152  3.758   10.105  1.00 93.50 ? 9   HIS B CE1 1 
ATOM   20   N NE2 . HIS A 1 3   ? 21.698  3.979   11.345  1.00 95.06 ? 9   HIS B NE2 1 
ATOM   21   N N   . HIS A 1 4   ? 16.787  -0.067  8.540   1.00 56.04 ? 10  HIS B N   1 
ATOM   22   C CA  . HIS A 1 4   ? 15.761  -1.127  8.302   1.00 45.20 ? 10  HIS B CA  1 
ATOM   23   C C   . HIS A 1 4   ? 16.010  -1.822  6.958   1.00 43.03 ? 10  HIS B C   1 
ATOM   24   O O   . HIS A 1 4   ? 15.479  -2.937  6.767   1.00 37.46 ? 10  HIS B O   1 
ATOM   25   C CB  . HIS A 1 4   ? 14.340  -0.533  8.339   1.00 40.82 ? 10  HIS B CB  1 
ATOM   26   C CG  . HIS A 1 4   ? 13.943  0.014   9.670   1.00 39.54 ? 10  HIS B CG  1 
ATOM   27   N ND1 . HIS A 1 4   ? 14.206  -0.651  10.871  1.00 38.25 ? 10  HIS B ND1 1 
ATOM   28   C CD2 . HIS A 1 4   ? 13.297  1.148   10.007  1.00 38.12 ? 10  HIS B CD2 1 
ATOM   29   C CE1 . HIS A 1 4   ? 13.730  0.053   11.877  1.00 43.85 ? 10  HIS B CE1 1 
ATOM   30   N NE2 . HIS A 1 4   ? 13.161  1.156   11.374  1.00 41.80 ? 10  HIS B NE2 1 
ATOM   31   N N   . HIS A 1 5   ? 16.795  -1.190  6.072   1.00 44.77 ? 11  HIS B N   1 
ATOM   32   C CA  . HIS A 1 5   ? 17.115  -1.667  4.694   1.00 50.76 ? 11  HIS B CA  1 
ATOM   33   C C   . HIS A 1 5   ? 17.500  -3.159  4.685   1.00 48.27 ? 11  HIS B C   1 
ATOM   34   O O   . HIS A 1 5   ? 17.126  -3.847  3.702   1.00 46.56 ? 11  HIS B O   1 
ATOM   35   C CB  . HIS A 1 5   ? 18.227  -0.823  4.040   1.00 59.98 ? 11  HIS B CB  1 
ATOM   36   C CG  . HIS A 1 5   ? 18.002  0.653   4.075   1.00 73.85 ? 11  HIS B CG  1 
ATOM   37   N ND1 . HIS A 1 5   ? 18.699  1.487   4.942   1.00 86.45 ? 11  HIS B ND1 1 
ATOM   38   C CD2 . HIS A 1 5   ? 17.179  1.453   3.359   1.00 81.02 ? 11  HIS B CD2 1 
ATOM   39   C CE1 . HIS A 1 5   ? 18.306  2.735   4.761   1.00 87.59 ? 11  HIS B CE1 1 
ATOM   40   N NE2 . HIS A 1 5   ? 17.374  2.742   3.793   1.00 85.70 ? 11  HIS B NE2 1 
ATOM   41   N N   . HIS A 1 6   ? 18.202  -3.654  5.723   1.00 44.98 ? 12  HIS B N   1 
ATOM   42   C CA  . HIS A 1 6   ? 18.739  -5.045  5.809   1.00 43.04 ? 12  HIS B CA  1 
ATOM   43   C C   . HIS A 1 6   ? 17.649  -6.089  6.105   1.00 38.79 ? 12  HIS B C   1 
ATOM   44   O O   . HIS A 1 6   ? 17.980  -7.279  6.060   1.00 39.87 ? 12  HIS B O   1 
ATOM   45   C CB  . HIS A 1 6   ? 19.887  -5.133  6.827   1.00 52.55 ? 12  HIS B CB  1 
ATOM   46   C CG  . HIS A 1 6   ? 19.480  -5.060  8.260   1.00 54.46 ? 12  HIS B CG  1 
ATOM   47   N ND1 . HIS A 1 6   ? 19.270  -6.190  9.032   1.00 62.87 ? 12  HIS B ND1 1 
ATOM   48   C CD2 . HIS A 1 6   ? 19.282  -4.004  9.078   1.00 60.30 ? 12  HIS B CD2 1 
ATOM   49   C CE1 . HIS A 1 6   ? 18.945  -5.831  10.260  1.00 57.07 ? 12  HIS B CE1 1 
ATOM   50   N NE2 . HIS A 1 6   ? 18.946  -4.496  10.316  1.00 61.39 ? 12  HIS B NE2 1 
ATOM   51   N N   . HIS A 1 7   ? 16.408  -5.687  6.424   1.00 29.49 ? 13  HIS B N   1 
ATOM   52   C CA  . HIS A 1 7   ? 15.215  -6.585  6.495   1.00 25.49 ? 13  HIS B CA  1 
ATOM   53   C C   . HIS A 1 7   ? 14.451  -6.546  5.180   1.00 23.34 ? 13  HIS B C   1 
ATOM   54   O O   . HIS A 1 7   ? 13.257  -6.877  5.187   1.00 19.41 ? 13  HIS B O   1 
ATOM   55   C CB  . HIS A 1 7   ? 14.292  -6.170  7.634   1.00 23.78 ? 13  HIS B CB  1 
ATOM   56   C CG  . HIS A 1 7   ? 14.993  -6.205  8.950   1.00 25.26 ? 13  HIS B CG  1 
ATOM   57   N ND1 . HIS A 1 7   ? 15.411  -7.403  9.503   1.00 25.53 ? 13  HIS B ND1 1 
ATOM   58   C CD2 . HIS A 1 7   ? 15.314  -5.215  9.805   1.00 27.25 ? 13  HIS B CD2 1 
ATOM   59   C CE1 . HIS A 1 7   ? 16.001  -7.139  10.664  1.00 25.24 ? 13  HIS B CE1 1 
ATOM   60   N NE2 . HIS A 1 7   ? 15.965  -5.810  10.878  1.00 29.18 ? 13  HIS B NE2 1 
ATOM   61   N N   . MET A 1 8   ? 15.100  -6.101  4.116   1.00 23.20 ? 14  MET B N   1 
ATOM   62   C CA  . MET A 1 8   ? 14.485  -5.959  2.776   1.00 26.38 ? 14  MET B CA  1 
ATOM   63   C C   . MET A 1 8   ? 13.892  -7.304  2.349   1.00 24.36 ? 14  MET B C   1 
ATOM   64   O O   . MET A 1 8   ? 14.532  -8.379  2.531   1.00 27.29 ? 14  MET B O   1 
ATOM   65   C CB  . MET A 1 8   ? 15.528  -5.497  1.754   1.00 31.83 ? 14  MET B CB  1 
ATOM   66   C CG  . MET A 1 8   ? 15.006  -5.363  0.323   1.00 39.45 ? 14  MET B CG  1 
ATOM   67   S SD  . MET A 1 8   ? 13.870  -3.951  0.046   1.00 49.46 ? 14  MET B SD  1 
ATOM   68   C CE  . MET A 1 8   ? 15.036  -2.600  -0.106  1.00 38.51 ? 14  MET B CE  1 
ATOM   69   N N   . VAL A 1 9   ? 12.685  -7.274  1.791   1.00 19.58 ? 15  VAL B N   1 
ATOM   70   C CA  . VAL A 1 9   ? 11.964  -8.464  1.273   1.00 21.01 ? 15  VAL B CA  1 
ATOM   71   C C   . VAL A 1 9   ? 11.568  -8.148  -0.182  1.00 20.97 ? 15  VAL B C   1 
ATOM   72   O O   . VAL A 1 9   ? 11.269  -6.962  -0.513  1.00 20.78 ? 15  VAL B O   1 
ATOM   73   C CB  . VAL A 1 9   ? 10.761  -8.889  2.137   1.00 21.82 ? 15  VAL B CB  1 
ATOM   74   C CG1 . VAL A 1 9   ? 11.236  -9.429  3.482   1.00 24.08 ? 15  VAL B CG1 1 
ATOM   75   C CG2 . VAL A 1 9   ? 9.749   -7.774  2.366   1.00 22.54 ? 15  VAL B CG2 1 
ATOM   76   N N   . HIS A 1 10  ? 11.522  -9.179  -1.027  1.00 20.97 ? 16  HIS B N   1 
ATOM   77   C CA  . HIS A 1 10  ? 11.141  -9.061  -2.453  1.00 20.26 ? 16  HIS B CA  1 
ATOM   78   C C   . HIS A 1 10  ? 9.626   -9.245  -2.537  1.00 20.34 ? 16  HIS B C   1 
ATOM   79   O O   . HIS A 1 10  ? 9.111   -10.357 -2.344  1.00 23.84 ? 16  HIS B O   1 
ATOM   80   C CB  . HIS A 1 10  ? 11.884  -10.081 -3.317  1.00 21.13 ? 16  HIS B CB  1 
ATOM   81   C CG  . HIS A 1 10  ? 11.643  -9.978  -4.791  1.00 27.17 ? 16  HIS B CG  1 
ATOM   82   N ND1 . HIS A 1 10  ? 12.288  -9.047  -5.579  1.00 31.21 ? 16  HIS B ND1 1 
ATOM   83   C CD2 . HIS A 1 10  ? 10.840  -10.698 -5.615  1.00 31.28 ? 16  HIS B CD2 1 
ATOM   84   C CE1 . HIS A 1 10  ? 11.903  -9.192  -6.844  1.00 28.08 ? 16  HIS B CE1 1 
ATOM   85   N NE2 . HIS A 1 10  ? 10.985  -10.195 -6.888  1.00 32.22 ? 16  HIS B NE2 1 
ATOM   86   N N   . ILE A 1 11  ? 8.918   -8.147  -2.733  1.00 15.71 ? 17  ILE B N   1 
ATOM   87   C CA  . ILE A 1 11  ? 7.446   -8.207  -2.811  1.00 17.10 ? 17  ILE B CA  1 
ATOM   88   C C   . ILE A 1 11  ? 7.021   -8.352  -4.285  1.00 16.30 ? 17  ILE B C   1 
ATOM   89   O O   . ILE A 1 11  ? 7.639   -7.747  -5.138  1.00 16.56 ? 17  ILE B O   1 
ATOM   90   C CB  . ILE A 1 11  ? 6.846   -6.937  -2.180  1.00 16.05 ? 17  ILE B CB  1 
ATOM   91   C CG1 . ILE A 1 11  ? 7.240   -6.815  -0.699  1.00 16.69 ? 17  ILE B CG1 1 
ATOM   92   C CG2 . ILE A 1 11  ? 5.338   -6.924  -2.370  1.00 15.70 ? 17  ILE B CG2 1 
ATOM   93   C CD1 . ILE A 1 11  ? 6.908   -8.033  0.175   1.00 16.65 ? 17  ILE B CD1 1 
ATOM   94   N N   . THR A 1 12  ? 6.015   -9.175  -4.506  1.00 15.17 ? 18  THR B N   1 
ATOM   95   C CA  . THR A 1 12  ? 5.355   -9.267  -5.839  1.00 16.18 ? 18  THR B CA  1 
ATOM   96   C C   . THR A 1 12  ? 3.853   -9.131  -5.646  1.00 15.77 ? 18  THR B C   1 
ATOM   97   O O   . THR A 1 12  ? 3.309   -9.379  -4.551  1.00 17.25 ? 18  THR B O   1 
ATOM   98   C CB  . THR A 1 12  ? 5.722   -10.573 -6.552  1.00 18.97 ? 18  THR B CB  1 
ATOM   99   O OG1 . THR A 1 12  ? 5.295   -11.659 -5.767  1.00 19.94 ? 18  THR B OG1 1 
ATOM   100  C CG2 . THR A 1 12  ? 7.200   -10.694 -6.894  1.00 20.86 ? 18  THR B CG2 1 
ATOM   101  N N   . LEU A 1 13  ? 3.188   -8.629  -6.693  1.00 14.28 ? 19  LEU B N   1 
ATOM   102  C CA  . LEU A 1 13  ? 1.736   -8.387  -6.628  1.00 15.03 ? 19  LEU B CA  1 
ATOM   103  C C   . LEU A 1 13  ? 0.950   -9.647  -6.971  1.00 13.90 ? 19  LEU B C   1 
ATOM   104  O O   . LEU A 1 13  ? 1.378   -10.383 -7.923  1.00 16.29 ? 19  LEU B O   1 
ATOM   105  C CB  . LEU A 1 13  ? 1.416   -7.259  -7.589  1.00 14.78 ? 19  LEU B CB  1 
ATOM   106  C CG  . LEU A 1 13  ? 2.123   -5.955  -7.235  1.00 15.77 ? 19  LEU B CG  1 
ATOM   107  C CD1 . LEU A 1 13  ? 1.984   -4.877  -8.308  1.00 17.22 ? 19  LEU B CD1 1 
ATOM   108  C CD2 . LEU A 1 13  ? 1.651   -5.438  -5.871  1.00 17.12 ? 19  LEU B CD2 1 
ATOM   109  N N   . ASP A 1 14  ? -0.154  -9.845  -6.328  1.00 13.61 ? 20  ASP B N   1 
ATOM   110  C CA  . ASP A 1 14  ? -1.071  -11.000 -6.530  1.00 14.20 ? 20  ASP B CA  1 
ATOM   111  C C   . ASP A 1 14  ? -2.235  -10.549 -7.456  1.00 15.12 ? 20  ASP B C   1 
ATOM   112  O O   . ASP A 1 14  ? -3.184  -9.917  -6.989  1.00 14.20 ? 20  ASP B O   1 
ATOM   113  C CB  . ASP A 1 14  ? -1.566  -11.596 -5.203  1.00 14.45 ? 20  ASP B CB  1 
ATOM   114  C CG  . ASP A 1 14  ? -2.491  -12.795 -5.300  1.00 20.63 ? 20  ASP B CG  1 
ATOM   115  O OD1 . ASP A 1 14  ? -2.914  -13.071 -6.434  1.00 18.81 ? 20  ASP B OD1 1 
ATOM   116  O OD2 . ASP A 1 14  ? -2.890  -13.365 -4.248  1.00 18.92 ? 20  ASP B OD2 1 
ATOM   117  N N   A ARG A 1 15  ? -2.106  -10.880 -8.751  0.25 16.25 ? 21  ARG B N   1 
ATOM   118  N N   B ARG A 1 15  ? -2.134  -10.875 -8.750  0.25 16.54 ? 21  ARG B N   1 
ATOM   119  C CA  A ARG A 1 15  ? -3.095  -10.630 -9.846  0.25 17.66 ? 21  ARG B CA  1 
ATOM   120  C CA  B ARG A 1 15  ? -3.124  -10.492 -9.799  0.25 17.89 ? 21  ARG B CA  1 
ATOM   121  C C   A ARG A 1 15  ? -4.528  -10.962 -9.434  0.25 16.74 ? 21  ARG B C   1 
ATOM   122  C C   B ARG A 1 15  ? -4.544  -10.967 -9.456  0.25 16.77 ? 21  ARG B C   1 
ATOM   123  O O   A ARG A 1 15  ? -5.477  -10.280 -9.917  0.25 17.30 ? 21  ARG B O   1 
ATOM   124  O O   B ARG A 1 15  ? -5.513  -10.362 -9.984  0.25 16.14 ? 21  ARG B O   1 
ATOM   125  C CB  A ARG A 1 15  ? -2.821  -11.550 -11.045 0.25 18.88 ? 21  ARG B CB  1 
ATOM   126  C CB  B ARG A 1 15  ? -2.742  -11.108 -11.154 0.25 20.33 ? 21  ARG B CB  1 
ATOM   127  C CG  A ARG A 1 15  ? -1.397  -11.502 -11.571 0.25 21.03 ? 21  ARG B CG  1 
ATOM   128  C CG  B ARG A 1 15  ? -1.503  -10.516 -11.803 0.25 22.68 ? 21  ARG B CG  1 
ATOM   129  C CD  A ARG A 1 15  ? -1.242  -12.168 -12.931 0.25 20.96 ? 21  ARG B CD  1 
ATOM   130  C CD  B ARG A 1 15  ? -0.292  -11.431 -11.706 0.25 26.08 ? 21  ARG B CD  1 
ATOM   131  N NE  A ARG A 1 15  ? -0.063  -11.616 -13.570 0.25 20.71 ? 21  ARG B NE  1 
ATOM   132  N NE  B ARG A 1 15  ? -0.143  -12.400 -12.797 0.25 28.06 ? 21  ARG B NE  1 
ATOM   133  C CZ  A ARG A 1 15  ? -0.070  -10.449 -14.176 0.25 19.61 ? 21  ARG B CZ  1 
ATOM   134  C CZ  B ARG A 1 15  ? -0.323  -13.718 -12.694 0.25 30.89 ? 21  ARG B CZ  1 
ATOM   135  N NH1 A ARG A 1 15  ? -1.210  -9.793  -14.263 0.25 20.89 ? 21  ARG B NH1 1 
ATOM   136  N NH1 B ARG A 1 15  ? -0.680  -14.273 -11.550 0.25 32.29 ? 21  ARG B NH1 1 
ATOM   137  N NH2 A ARG A 1 15  ? 1.027   -9.958  -14.711 0.25 20.98 ? 21  ARG B NH2 1 
ATOM   138  N NH2 B ARG A 1 15  ? -0.148  -14.485 -13.754 0.25 33.04 ? 21  ARG B NH2 1 
ATOM   139  N N   . ASN A 1 16  ? -4.695  -12.039 -8.661  1.00 16.46 ? 22  ASN B N   1 
ATOM   140  C CA  . ASN A 1 16  ? -6.025  -12.572 -8.328  1.00 17.58 ? 22  ASN B CA  1 
ATOM   141  C C   . ASN A 1 16  ? -6.788  -11.655 -7.391  1.00 16.07 ? 22  ASN B C   1 
ATOM   142  O O   . ASN A 1 16  ? -7.994  -11.722 -7.368  1.00 15.78 ? 22  ASN B O   1 
ATOM   143  C CB  . ASN A 1 16  ? -5.901  -14.010 -7.826  1.00 21.48 ? 22  ASN B CB  1 
ATOM   144  C CG  . ASN A 1 16  ? -5.612  -14.967 -8.967  1.00 27.74 ? 22  ASN B CG  1 
ATOM   145  O OD1 . ASN A 1 16  ? -5.861  -14.670 -10.143 1.00 35.08 ? 22  ASN B OD1 1 
ATOM   146  N ND2 . ASN A 1 16  ? -5.050  -16.110 -8.622  1.00 38.25 ? 22  ASN B ND2 1 
ATOM   147  N N   . THR A 1 17  ? -6.069  -10.805 -6.622  1.00 13.65 ? 23  THR B N   1 
ATOM   148  C CA  . THR A 1 17  ? -6.673  -9.873  -5.669  1.00 13.52 ? 23  THR B CA  1 
ATOM   149  C C   . THR A 1 17  ? -6.963  -8.523  -6.326  1.00 12.43 ? 23  THR B C   1 
ATOM   150  O O   . THR A 1 17  ? -7.645  -7.701  -5.700  1.00 12.67 ? 23  THR B O   1 
ATOM   151  C CB  . THR A 1 17  ? -5.789  -9.634  -4.430  1.00 13.30 ? 23  THR B CB  1 
ATOM   152  O OG1 . THR A 1 17  ? -4.606  -8.913  -4.808  1.00 13.43 ? 23  THR B OG1 1 
ATOM   153  C CG2 . THR A 1 17  ? -5.509  -10.954 -3.721  1.00 13.94 ? 23  THR B CG2 1 
ATOM   154  N N   . ALA A 1 18  ? -6.456  -8.292  -7.534  1.00 12.58 ? 24  ALA B N   1 
ATOM   155  C CA  . ALA A 1 18  ? -6.514  -6.950  -8.159  1.00 12.45 ? 24  ALA B CA  1 
ATOM   156  C C   . ALA A 1 18  ? -7.941  -6.594  -8.542  1.00 12.99 ? 24  ALA B C   1 
ATOM   157  O O   . ALA A 1 18  ? -8.654  -7.417  -9.148  1.00 13.56 ? 24  ALA B O   1 
ATOM   158  C CB  . ALA A 1 18  ? -5.616  -6.904  -9.351  1.00 12.84 ? 24  ALA B CB  1 
ATOM   159  N N   . ASN A 1 19  ? -8.318  -5.347  -8.361  1.00 12.72 ? 25  ASN B N   1 
ATOM   160  C CA  . ASN A 1 19  ? -9.471  -4.760  -9.081  1.00 12.38 ? 25  ASN B CA  1 
ATOM   161  C C   . ASN A 1 19  ? -9.309  -5.093  -10.571 1.00 12.36 ? 25  ASN B C   1 
ATOM   162  O O   . ASN A 1 19  ? -8.202  -5.069  -11.127 1.00 11.86 ? 25  ASN B O   1 
ATOM   163  C CB  . ASN A 1 19  ? -9.513  -3.280  -8.747  1.00 12.89 ? 25  ASN B CB  1 
ATOM   164  C CG  . ASN A 1 19  ? -10.623 -2.597  -9.494  1.00 14.74 ? 25  ASN B CG  1 
ATOM   165  O OD1 . ASN A 1 19  ? -10.481 -2.249  -10.659 1.00 14.87 ? 25  ASN B OD1 1 
ATOM   166  N ND2 . ASN A 1 19  ? -11.704 -2.394  -8.805  1.00 20.24 ? 25  ASN B ND2 1 
ATOM   167  N N   . SER A 1 20  ? -10.424 -5.364  -11.231 1.00 12.61 ? 26  SER B N   1 
ATOM   168  C CA  . SER A 1 20  ? -10.457 -5.824  -12.635 1.00 13.24 ? 26  SER B CA  1 
ATOM   169  C C   . SER A 1 20  ? -9.999  -4.753  -13.615 1.00 13.12 ? 26  SER B C   1 
ATOM   170  O O   . SER A 1 20  ? -9.794  -5.141  -14.772 1.00 13.62 ? 26  SER B O   1 
ATOM   171  C CB  . SER A 1 20  ? -11.841 -6.302  -12.994 1.00 14.73 ? 26  SER B CB  1 
ATOM   172  O OG  . SER A 1 20  ? -12.745 -5.229  -12.852 1.00 18.16 ? 26  SER B OG  1 
ATOM   173  N N   . TRP A 1 21  ? -9.783  -3.508  -13.235 1.00 11.87 ? 27  TRP B N   1 
ATOM   174  C CA  . TRP A 1 21  ? -9.240  -2.472  -14.146 1.00 12.18 ? 27  TRP B CA  1 
ATOM   175  C C   . TRP A 1 21  ? -7.731  -2.342  -14.046 1.00 13.19 ? 27  TRP B C   1 
ATOM   176  O O   . TRP A 1 21  ? -7.179  -1.571  -14.809 1.00 13.37 ? 27  TRP B O   1 
ATOM   177  C CB  . TRP A 1 21  ? -9.899  -1.154  -13.859 1.00 13.16 ? 27  TRP B CB  1 
ATOM   178  C CG  . TRP A 1 21  ? -11.319 -1.103  -14.357 1.00 14.84 ? 27  TRP B CG  1 
ATOM   179  C CD1 . TRP A 1 21  ? -12.311 -2.028  -14.182 1.00 16.16 ? 27  TRP B CD1 1 
ATOM   180  C CD2 . TRP A 1 21  ? -11.885 -0.036  -15.121 1.00 16.48 ? 27  TRP B CD2 1 
ATOM   181  N NE1 . TRP A 1 21  ? -13.473 -1.590  -14.791 1.00 18.83 ? 27  TRP B NE1 1 
ATOM   182  C CE2 . TRP A 1 21  ? -13.243 -0.362  -15.331 1.00 17.35 ? 27  TRP B CE2 1 
ATOM   183  C CE3 . TRP A 1 21  ? -11.379 1.168   -15.625 1.00 17.83 ? 27  TRP B CE3 1 
ATOM   184  C CZ2 . TRP A 1 21  ? -14.093 0.483   -16.056 1.00 20.61 ? 27  TRP B CZ2 1 
ATOM   185  C CZ3 . TRP A 1 21  ? -12.223 1.994   -16.354 1.00 20.49 ? 27  TRP B CZ3 1 
ATOM   186  C CH2 . TRP A 1 21  ? -13.571 1.676   -16.499 1.00 22.12 ? 27  TRP B CH2 1 
ATOM   187  N N   . LEU A 1 22  ? -7.099  -3.081  -13.112 1.00 12.29 ? 28  LEU B N   1 
ATOM   188  C CA  . LEU A 1 22  ? -5.643  -2.904  -12.946 1.00 12.73 ? 28  LEU B CA  1 
ATOM   189  C C   . LEU A 1 22  ? -4.881  -3.753  -13.961 1.00 12.58 ? 28  LEU B C   1 
ATOM   190  O O   . LEU A 1 22  ? -5.270  -4.862  -14.292 1.00 13.04 ? 28  LEU B O   1 
ATOM   191  C CB  . LEU A 1 22  ? -5.232  -3.285  -11.522 1.00 11.31 ? 28  LEU B CB  1 
ATOM   192  C CG  . LEU A 1 22  ? -5.825  -2.426  -10.406 1.00 12.92 ? 28  LEU B CG  1 
ATOM   193  C CD1 . LEU A 1 22  ? -5.300  -2.854  -9.041  1.00 12.90 ? 28  LEU B CD1 1 
ATOM   194  C CD2 . LEU A 1 22  ? -5.549  -0.983  -10.621 1.00 14.02 ? 28  LEU B CD2 1 
ATOM   195  N N   . ILE A 1 23  ? -3.721  -3.232  -14.307 1.00 11.72 ? 29  ILE B N   1 
ATOM   196  C CA  . ILE A 1 23  ? -2.727  -3.914  -15.173 1.00 13.53 ? 29  ILE B CA  1 
ATOM   197  C C   . ILE A 1 23  ? -1.444  -4.091  -14.375 1.00 13.72 ? 29  ILE B C   1 
ATOM   198  O O   . ILE A 1 23  ? -0.794  -3.077  -14.025 1.00 14.15 ? 29  ILE B O   1 
ATOM   199  C CB  . ILE A 1 23  ? -2.470  -3.150  -16.445 1.00 14.09 ? 29  ILE B CB  1 
ATOM   200  C CG1 . ILE A 1 23  ? -3.750  -2.927  -17.294 1.00 15.51 ? 29  ILE B CG1 1 
ATOM   201  C CG2 . ILE A 1 23  ? -1.399  -3.889  -17.284 1.00 15.58 ? 29  ILE B CG2 1 
ATOM   202  C CD1 . ILE A 1 23  ? -3.579  -1.998  -18.405 1.00 17.47 ? 29  ILE B CD1 1 
ATOM   203  N N   . ILE A 1 24  ? -1.164  -5.352  -14.096 1.00 15.22 ? 30  ILE B N   1 
ATOM   204  C CA  . ILE A 1 24  ? 0.063   -5.755  -13.357 1.00 15.48 ? 30  ILE B CA  1 
ATOM   205  C C   . ILE A 1 24  ? 1.100   -6.196  -14.371 1.00 18.05 ? 30  ILE B C   1 
ATOM   206  O O   . ILE A 1 24  ? 0.787   -7.062  -15.253 1.00 18.95 ? 30  ILE B O   1 
ATOM   207  C CB  . ILE A 1 24  ? -0.251  -6.809  -12.305 1.00 17.16 ? 30  ILE B CB  1 
ATOM   208  C CG1 . ILE A 1 24  ? -1.082  -6.232  -11.169 1.00 20.36 ? 30  ILE B CG1 1 
ATOM   209  C CG2 . ILE A 1 24  ? 1.039   -7.401  -11.741 1.00 17.46 ? 30  ILE B CG2 1 
ATOM   210  C CD1 . ILE A 1 24  ? -1.674  -7.210  -10.350 1.00 24.06 ? 30  ILE B CD1 1 
ATOM   211  N N   . SER A 1 25  ? 2.319   -5.714  -14.260 1.00 16.77 ? 31  SER B N   1 
ATOM   212  C CA  . SER A 1 25  ? 3.405   -6.064  -15.190 1.00 16.87 ? 31  SER B CA  1 
ATOM   213  C C   . SER A 1 25  ? 3.748   -7.565  -15.109 1.00 15.37 ? 31  SER B C   1 
ATOM   214  O O   . SER A 1 25  ? 3.435   -8.231  -14.159 1.00 16.52 ? 31  SER B O   1 
ATOM   215  C CB  . SER A 1 25  ? 4.561   -5.197  -14.891 1.00 18.13 ? 31  SER B CB  1 
ATOM   216  O OG  . SER A 1 25  ? 5.068   -5.479  -13.590 1.00 17.72 ? 31  SER B OG  1 
ATOM   217  N N   . LYS A 1 26  ? 4.410   -8.059  -16.176 1.00 19.70 ? 32  LYS B N   1 
ATOM   218  C CA  . LYS A 1 26  ? 4.836   -9.477  -16.271 1.00 20.33 ? 32  LYS B CA  1 
ATOM   219  C C   . LYS A 1 26  ? 5.640   -9.893  -15.033 1.00 17.98 ? 32  LYS B C   1 
ATOM   220  O O   . LYS A 1 26  ? 5.410   -10.996 -14.540 1.00 21.90 ? 32  LYS B O   1 
ATOM   221  C CB  . LYS A 1 26  ? 5.714   -9.649  -17.515 1.00 24.20 ? 32  LYS B CB  1 
ATOM   222  C CG  . LYS A 1 26  ? 6.173   -11.070 -17.730 1.00 29.34 ? 32  LYS B CG  1 
ATOM   223  C CD  . LYS A 1 26  ? 6.584   -11.263 -19.166 1.00 29.13 ? 32  LYS B CD  1 
ATOM   224  C CE  . LYS A 1 26  ? 7.513   -10.193 -19.679 1.00 34.87 ? 32  LYS B CE  1 
ATOM   225  N NZ  . LYS A 1 26  ? 7.894   -10.537 -21.060 1.00 37.00 ? 32  LYS B NZ  1 
ATOM   226  N N   . ASP A 1 27  ? 6.522   -9.002  -14.577 1.00 19.12 ? 33  ASP B N   1 
ATOM   227  C CA  . ASP A 1 27  ? 7.411   -9.307  -13.422 1.00 18.57 ? 33  ASP B CA  1 
ATOM   228  C C   . ASP A 1 27  ? 6.654   -9.170  -12.087 1.00 16.78 ? 33  ASP B C   1 
ATOM   229  O O   . ASP A 1 27  ? 7.259   -9.477  -11.029 1.00 17.33 ? 33  ASP B O   1 
ATOM   230  C CB  . ASP A 1 27  ? 8.687   -8.477  -13.434 1.00 20.00 ? 33  ASP B CB  1 
ATOM   231  C CG  . ASP A 1 27  ? 8.524   -6.988  -13.226 1.00 20.89 ? 33  ASP B CG  1 
ATOM   232  O OD1 . ASP A 1 27  ? 7.347   -6.524  -13.025 1.00 20.49 ? 33  ASP B OD1 1 
ATOM   233  O OD2 . ASP A 1 27  ? 9.571   -6.321  -13.244 1.00 24.84 ? 33  ASP B OD2 1 
ATOM   234  N N   . ARG A 1 28  ? 5.396   -8.758  -12.112 1.00 16.31 ? 34  ARG B N   1 
ATOM   235  C CA  . ARG A 1 28  ? 4.535   -8.615  -10.916 1.00 15.91 ? 34  ARG B CA  1 
ATOM   236  C C   . ARG A 1 28  ? 5.159   -7.567  -9.963  1.00 13.12 ? 34  ARG B C   1 
ATOM   237  O O   . ARG A 1 28  ? 4.807   -7.617  -8.764  1.00 14.32 ? 34  ARG B O   1 
ATOM   238  C CB  . ARG A 1 28  ? 4.230   -9.969  -10.271 1.00 19.68 ? 34  ARG B CB  1 
ATOM   239  C CG  . ARG A 1 28  ? 3.501   -10.903 -11.237 1.00 23.55 ? 34  ARG B CG  1 
ATOM   240  C CD  . ARG A 1 28  ? 3.179   -12.276 -10.733 1.00 31.37 ? 34  ARG B CD  1 
ATOM   241  N NE  . ARG A 1 28  ? 4.292   -12.976 -10.136 1.00 40.40 ? 34  ARG B NE  1 
ATOM   242  C CZ  . ARG A 1 28  ? 4.480   -13.166 -8.823  1.00 53.47 ? 34  ARG B CZ  1 
ATOM   243  N NH1 . ARG A 1 28  ? 3.615   -12.702 -7.917  1.00 53.52 ? 34  ARG B NH1 1 
ATOM   244  N NH2 . ARG A 1 28  ? 5.548   -13.844 -8.420  1.00 57.63 ? 34  ARG B NH2 1 
ATOM   245  N N   . ARG A 1 29  ? 5.879   -6.601  -10.471 1.00 12.72 ? 35  ARG B N   1 
ATOM   246  C CA  . ARG A 1 29  ? 6.488   -5.533  -9.648  1.00 13.99 ? 35  ARG B CA  1 
ATOM   247  C C   . ARG A 1 29  ? 5.900   -4.152  -9.922  1.00 14.31 ? 35  ARG B C   1 
ATOM   248  O O   . ARG A 1 29  ? 6.253   -3.220  -9.185  1.00 15.27 ? 35  ARG B O   1 
ATOM   249  C CB  . ARG A 1 29  ? 8.008   -5.496  -9.822  1.00 15.19 ? 35  ARG B CB  1 
ATOM   250  C CG  . ARG A 1 29  ? 8.672   -6.799  -9.407  1.00 18.11 ? 35  ARG B CG  1 
ATOM   251  C CD  . ARG A 1 29  ? 8.997   -6.892  -7.950  1.00 19.51 ? 35  ARG B CD  1 
ATOM   252  N NE  . ARG A 1 29  ? 10.181  -6.081  -7.671  1.00 20.49 ? 35  ARG B NE  1 
ATOM   253  C CZ  . ARG A 1 29  ? 10.653  -5.850  -6.451  1.00 19.95 ? 35  ARG B CZ  1 
ATOM   254  N NH1 . ARG A 1 29  ? 10.048  -6.390  -5.426  1.00 21.52 ? 35  ARG B NH1 1 
ATOM   255  N NH2 . ARG A 1 29  ? 11.711  -5.087  -6.286  1.00 20.98 ? 35  ARG B NH2 1 
ATOM   256  N N   . GLN A 1 30  ? 5.028   -3.956  -10.910 1.00 13.44 ? 36  GLN B N   1 
ATOM   257  C CA  . GLN A 1 30  ? 4.404   -2.660  -11.215 1.00 14.39 ? 36  GLN B CA  1 
ATOM   258  C C   . GLN A 1 30  ? 2.913   -2.852  -11.431 1.00 13.02 ? 36  GLN B C   1 
ATOM   259  O O   . GLN A 1 30  ? 2.453   -3.944  -11.880 1.00 14.00 ? 36  GLN B O   1 
ATOM   260  C CB  . GLN A 1 30  ? 4.973   -2.026  -12.479 1.00 17.29 ? 36  GLN B CB  1 
ATOM   261  C CG  . GLN A 1 30  ? 6.479   -2.013  -12.513 1.00 20.12 ? 36  GLN B CG  1 
ATOM   262  C CD  . GLN A 1 30  ? 6.937   -1.145  -13.661 1.00 23.20 ? 36  GLN B CD  1 
ATOM   263  O OE1 . GLN A 1 30  ? 6.187   -0.338  -14.235 1.00 24.96 ? 36  GLN B OE1 1 
ATOM   264  N NE2 . GLN A 1 30  ? 8.194   -1.314  -13.998 1.00 28.68 ? 36  GLN B NE2 1 
ATOM   265  N N   . VAL A 1 31  ? 2.148   -1.831  -11.075 1.00 12.15 ? 37  VAL B N   1 
ATOM   266  C CA  . VAL A 1 31  ? 0.685   -1.861  -11.303 1.00 12.13 ? 37  VAL B CA  1 
ATOM   267  C C   . VAL A 1 31  ? 0.245   -0.473  -11.712 1.00 12.67 ? 37  VAL B C   1 
ATOM   268  O O   . VAL A 1 31  ? 0.668   0.510   -11.102 1.00 11.94 ? 37  VAL B O   1 
ATOM   269  C CB  . VAL A 1 31  ? -0.048  -2.430  -10.088 1.00 11.34 ? 37  VAL B CB  1 
ATOM   270  C CG1 . VAL A 1 31  ? 0.257   -1.643  -8.809  1.00 11.35 ? 37  VAL B CG1 1 
ATOM   271  C CG2 . VAL A 1 31  ? -1.550  -2.501  -10.326 1.00 13.09 ? 37  VAL B CG2 1 
ATOM   272  N N   . ARG A 1 32  ? -0.698  -0.401  -12.637 1.00 12.56 ? 38  ARG B N   1 
ATOM   273  C CA  . ARG A 1 32  ? -1.313  0.886   -13.003 1.00 13.18 ? 38  ARG B CA  1 
ATOM   274  C C   . ARG A 1 32  ? -2.797  0.653   -13.304 1.00 13.36 ? 38  ARG B C   1 
ATOM   275  O O   . ARG A 1 32  ? -3.221  -0.473  -13.566 1.00 11.91 ? 38  ARG B O   1 
ATOM   276  C CB  . ARG A 1 32  ? -0.603  1.508   -14.194 1.00 14.53 ? 38  ARG B CB  1 
ATOM   277  C CG  . ARG A 1 32  ? -0.804  0.744   -15.490 1.00 17.16 ? 38  ARG B CG  1 
ATOM   278  C CD  . ARG A 1 32  ? 0.045   1.414   -16.574 1.00 20.58 ? 38  ARG B CD  1 
ATOM   279  N NE  . ARG A 1 32  ? -0.099  0.711   -17.828 1.00 25.21 ? 38  ARG B NE  1 
ATOM   280  C CZ  . ARG A 1 32  ? -1.018  0.927   -18.740 1.00 22.23 ? 38  ARG B CZ  1 
ATOM   281  N NH1 . ARG A 1 32  ? -1.976  1.816   -18.584 1.00 27.66 ? 38  ARG B NH1 1 
ATOM   282  N NH2 . ARG A 1 32  ? -0.985  0.167   -19.841 1.00 28.62 ? 38  ARG B NH2 1 
ATOM   283  N N   A MET A 1 33  ? -3.532  1.758   -13.287 0.26 13.08 ? 39  MET B N   1 
ATOM   284  N N   B MET A 1 33  ? -3.609  1.707   -13.233 0.18 13.56 ? 39  MET B N   1 
ATOM   285  C CA  A MET A 1 33  ? -4.960  1.827   -13.670 0.26 15.01 ? 39  MET B CA  1 
ATOM   286  C CA  B MET A 1 33  ? -5.060  1.581   -13.542 0.18 15.06 ? 39  MET B CA  1 
ATOM   287  C C   A MET A 1 33  ? -5.066  1.689   -15.196 0.26 14.53 ? 39  MET B C   1 
ATOM   288  C C   B MET A 1 33  ? -5.264  1.773   -15.045 0.18 14.70 ? 39  MET B C   1 
ATOM   289  O O   A MET A 1 33  ? -4.363  2.397   -15.942 0.26 14.93 ? 39  MET B O   1 
ATOM   290  O O   B MET A 1 33  ? -4.917  2.885   -15.557 0.18 13.65 ? 39  MET B O   1 
ATOM   291  C CB  A MET A 1 33  ? -5.552  3.155   -13.183 0.26 16.00 ? 39  MET B CB  1 
ATOM   292  C CB  B MET A 1 33  ? -5.939  2.584   -12.789 0.18 16.41 ? 39  MET B CB  1 
ATOM   293  C CG  A MET A 1 33  ? -7.064  3.279   -13.348 0.26 18.42 ? 39  MET B CG  1 
ATOM   294  C CG  B MET A 1 33  ? -7.432  2.464   -13.182 0.18 18.83 ? 39  MET B CG  1 
ATOM   295  S SD  A MET A 1 33  ? -7.966  1.889   -12.550 0.26 20.41 ? 39  MET B SD  1 
ATOM   296  S SD  B MET A 1 33  ? -8.487  3.243   -11.944 0.18 21.15 ? 39  MET B SD  1 
ATOM   297  C CE  A MET A 1 33  ? -9.613  2.576   -12.381 0.26 20.48 ? 39  MET B CE  1 
ATOM   298  C CE  B MET A 1 33  ? -10.047 2.457   -12.342 0.18 21.06 ? 39  MET B CE  1 
ATOM   299  N N   . GLY A 1 34  ? -5.868  0.745   -15.661 1.00 14.84 ? 40  GLY B N   1 
ATOM   300  C CA  . GLY A 1 34  ? -6.201  0.685   -17.094 1.00 16.49 ? 40  GLY B CA  1 
ATOM   301  C C   . GLY A 1 34  ? -7.341  1.637   -17.404 1.00 17.52 ? 40  GLY B C   1 
ATOM   302  O O   . GLY A 1 34  ? -7.986  2.216   -16.491 1.00 18.04 ? 40  GLY B O   1 
ATOM   303  N N   . ASP A 1 35  ? -7.548  1.858   -18.710 1.00 22.84 ? 41  ASP B N   1 
ATOM   304  C CA  . ASP A 1 35  ? -8.629  2.796   -19.114 1.00 24.56 ? 41  ASP B CA  1 
ATOM   305  C C   . ASP A 1 35  ? -9.979  2.047   -19.243 1.00 23.80 ? 41  ASP B C   1 
ATOM   306  O O   . ASP A 1 35  ? -11.006 2.721   -19.549 1.00 26.70 ? 41  ASP B O   1 
ATOM   307  C CB  . ASP A 1 35  ? -8.233  3.637   -20.348 1.00 32.59 ? 41  ASP B CB  1 
ATOM   308  C CG  . ASP A 1 35  ? -7.368  4.887   -20.083 1.00 44.37 ? 41  ASP B CG  1 
ATOM   309  O OD1 . ASP A 1 35  ? -7.478  5.505   -18.983 1.00 45.78 ? 41  ASP B OD1 1 
ATOM   310  O OD2 . ASP A 1 35  ? -6.593  5.280   -20.992 1.00 47.35 ? 41  ASP B OD2 1 
ATOM   311  N N   . THR A 1 36  ? -9.988  0.722   -19.095 0.50 21.90 ? 42  THR B N   1 
ATOM   312  C CA  . THR A 1 36  ? -11.231 -0.101  -19.094 0.50 21.59 ? 42  THR B CA  1 
ATOM   313  C C   . THR A 1 36  ? -11.076 -1.235  -18.076 0.50 20.52 ? 42  THR B C   1 
ATOM   314  O O   . THR A 1 36  ? -9.989  -1.328  -17.399 0.50 17.19 ? 42  THR B O   1 
ATOM   315  C CB  . THR A 1 36  ? -11.556 -0.664  -20.486 0.50 22.12 ? 42  THR B CB  1 
ATOM   316  O OG1 . THR A 1 36  ? -12.850 -1.267  -20.423 0.50 23.53 ? 42  THR B OG1 1 
ATOM   317  C CG2 . THR A 1 36  ? -10.556 -1.698  -20.954 0.50 22.14 ? 42  THR B CG2 1 
ATOM   318  N N   . HIS A 1 37  ? -12.146 -2.021  -17.915 0.50 21.36 ? 43  HIS B N   1 
ATOM   319  C CA  . HIS A 1 37  ? -12.102 -3.422  -17.420 0.50 22.37 ? 43  HIS B CA  1 
ATOM   320  C C   . HIS A 1 37  ? -11.032 -4.181  -18.224 0.50 21.51 ? 43  HIS B C   1 
ATOM   321  O O   . HIS A 1 37  ? -10.916 -3.898  -19.444 0.50 22.80 ? 43  HIS B O   1 
ATOM   322  C CB  . HIS A 1 37  ? -13.522 -3.996  -17.539 0.50 24.26 ? 43  HIS B CB  1 
ATOM   323  C CG  . HIS A 1 37  ? -13.886 -5.049  -16.550 0.50 25.34 ? 43  HIS B CG  1 
ATOM   324  N ND1 . HIS A 1 37  ? -13.589 -6.380  -16.750 0.50 26.62 ? 43  HIS B ND1 1 
ATOM   325  C CD2 . HIS A 1 37  ? -14.572 -4.984  -15.389 0.50 27.02 ? 43  HIS B CD2 1 
ATOM   326  C CE1 . HIS A 1 37  ? -14.060 -7.084  -15.743 0.50 26.55 ? 43  HIS B CE1 1 
ATOM   327  N NE2 . HIS A 1 37  ? -14.664 -6.253  -14.890 0.50 26.98 ? 43  HIS B NE2 1 
ATOM   328  N N   . GLN A 1 38  ? -10.276 -5.099  -17.592 0.50 19.16 ? 44  GLN B N   1 
ATOM   329  C CA  . GLN A 1 38  ? -9.046  -5.722  -18.171 0.50 17.86 ? 44  GLN B CA  1 
ATOM   330  C C   . GLN A 1 38  ? -9.232  -7.137  -18.748 0.50 17.81 ? 44  GLN B C   1 
ATOM   331  O O   . GLN A 1 38  ? -8.201  -7.765  -19.110 0.50 18.16 ? 44  GLN B O   1 
ATOM   332  C CB  . GLN A 1 38  ? -7.958  -5.824  -17.111 0.50 17.78 ? 44  GLN B CB  1 
ATOM   333  C CG  . GLN A 1 38  ? -7.187  -4.536  -16.971 0.50 16.96 ? 44  GLN B CG  1 
ATOM   334  C CD  . GLN A 1 38  ? -6.971  -3.887  -18.313 0.50 16.64 ? 44  GLN B CD  1 
ATOM   335  O OE1 . GLN A 1 38  ? -7.440  -2.781  -18.574 0.50 19.87 ? 44  GLN B OE1 1 
ATOM   336  N NE2 . GLN A 1 38  ? -6.297  -4.602  -19.195 0.50 15.44 ? 44  GLN B NE2 1 
ATOM   337  N N   . ASN A 1 39  ? -10.467 -7.628  -18.807 1.00 16.01 ? 45  ASN B N   1 
ATOM   338  C CA  . ASN A 1 39  ? -10.851 -8.907  -19.491 1.00 14.21 ? 45  ASN B CA  1 
ATOM   339  C C   . ASN A 1 39  ? -10.479 -10.114 -18.646 1.00 16.03 ? 45  ASN B C   1 
ATOM   340  O O   . ASN A 1 39  ? -10.158 -11.176 -19.170 1.00 18.58 ? 45  ASN B O   1 
ATOM   341  C CB  . ASN A 1 39  ? -10.362 -8.980  -20.966 1.00 14.87 ? 45  ASN B CB  1 
ATOM   342  C CG  . ASN A 1 39  ? -11.189 -9.965  -21.777 1.00 15.51 ? 45  ASN B CG  1 
ATOM   343  O OD1 . ASN A 1 39  ? -12.382 -10.128 -21.530 1.00 14.72 ? 45  ASN B OD1 1 
ATOM   344  N ND2 . ASN A 1 39  ? -10.583 -10.681 -22.733 1.00 14.83 ? 45  ASN B ND2 1 
ATOM   345  N N   . VAL A 1 40  ? -10.631 -9.992  -17.331 1.00 17.36 ? 46  VAL B N   1 
ATOM   346  C CA  . VAL A 1 40  ? -10.433 -11.077 -16.334 1.00 17.59 ? 46  VAL B CA  1 
ATOM   347  C C   . VAL A 1 40  ? -11.791 -11.527 -15.774 1.00 16.37 ? 46  VAL B C   1 
ATOM   348  O O   . VAL A 1 40  ? -12.698 -10.696 -15.709 1.00 17.36 ? 46  VAL B O   1 
ATOM   349  C CB  . VAL A 1 40  ? -9.495  -10.622 -15.202 1.00 18.98 ? 46  VAL B CB  1 
ATOM   350  C CG1 . VAL A 1 40  ? -8.092  -10.380 -15.738 1.00 21.81 ? 46  VAL B CG1 1 
ATOM   351  C CG2 . VAL A 1 40  ? -10.009 -9.383  -14.484 1.00 19.16 ? 46  VAL B CG2 1 
ATOM   352  N N   . SER A 1 41  ? -11.887 -12.760 -15.303 1.00 18.63 ? 47  SER B N   1 
ATOM   353  C CA  . SER A 1 41  ? -13.078 -13.222 -14.565 1.00 19.86 ? 47  SER B CA  1 
ATOM   354  C C   . SER A 1 41  ? -13.144 -12.577 -13.174 1.00 19.97 ? 47  SER B C   1 
ATOM   355  O O   . SER A 1 41  ? -12.094 -12.226 -12.597 1.00 18.34 ? 47  SER B O   1 
ATOM   356  C CB  . SER A 1 41  ? -13.128 -14.728 -14.488 1.00 22.80 ? 47  SER B CB  1 
ATOM   357  O OG  . SER A 1 41  ? -11.984 -15.236 -13.821 1.00 25.73 ? 47  SER B OG  1 
ATOM   358  N N   . ASP A 1 42  ? -14.330 -12.456 -12.610 1.00 19.16 ? 48  ASP B N   1 
ATOM   359  C CA  . ASP A 1 42  ? -14.526 -11.981 -11.230 1.00 19.27 ? 48  ASP B CA  1 
ATOM   360  C C   . ASP A 1 42  ? -14.230 -13.140 -10.290 1.00 20.87 ? 48  ASP B C   1 
ATOM   361  O O   . ASP A 1 42  ? -14.302 -14.331 -10.693 1.00 20.45 ? 48  ASP B O   1 
ATOM   362  C CB  . ASP A 1 42  ? -15.916 -11.406 -11.053 1.00 21.57 ? 48  ASP B CB  1 
ATOM   363  C CG  . ASP A 1 42  ? -16.020 -10.710 -9.718  1.00 26.73 ? 48  ASP B CG  1 
ATOM   364  O OD1 . ASP A 1 42  ? -15.004 -10.009 -9.286  1.00 20.02 ? 48  ASP B OD1 1 
ATOM   365  O OD2 . ASP A 1 42  ? -17.047 -11.012 -9.043  1.00 33.02 ? 48  ASP B OD2 1 
ATOM   366  N N   . ASN A 1 43  ? -13.863 -12.808 -9.049  1.00 18.27 ? 49  ASN B N   1 
ATOM   367  C CA  . ASN A 1 43  ? -13.641 -13.808 -7.987  1.00 19.69 ? 49  ASN B CA  1 
ATOM   368  C C   . ASN A 1 43  ? -13.808 -13.100 -6.647  1.00 20.43 ? 49  ASN B C   1 
ATOM   369  O O   . ASN A 1 43  ? -13.910 -11.854 -6.613  1.00 20.04 ? 49  ASN B O   1 
ATOM   370  C CB  . ASN A 1 43  ? -12.323 -14.516 -8.150  1.00 17.63 ? 49  ASN B CB  1 
ATOM   371  C CG  . ASN A 1 43  ? -11.128 -13.627 -7.858  1.00 19.03 ? 49  ASN B CG  1 
ATOM   372  O OD1 . ASN A 1 43  ? -11.073 -13.003 -6.805  1.00 20.50 ? 49  ASN B OD1 1 
ATOM   373  N ND2 . ASN A 1 43  ? -10.203 -13.523 -8.750  1.00 17.93 ? 49  ASN B ND2 1 
ATOM   374  N N   . LYS A 1 44  ? -13.886 -13.873 -5.579  1.00 20.64 ? 50  LYS B N   1 
ATOM   375  C CA  . LYS A 1 44  ? -14.241 -13.323 -4.257  1.00 22.14 ? 50  LYS B CA  1 
ATOM   376  C C   . LYS A 1 44  ? -13.053 -12.533 -3.658  1.00 18.30 ? 50  LYS B C   1 
ATOM   377  O O   . LYS A 1 44  ? -13.306 -11.751 -2.717  1.00 20.14 ? 50  LYS B O   1 
ATOM   378  C CB  . LYS A 1 44  ? -14.601 -14.480 -3.310  1.00 24.75 ? 50  LYS B CB  1 
ATOM   379  C CG  . LYS A 1 44  ? -13.424 -15.387 -3.009  1.00 30.00 ? 50  LYS B CG  1 
ATOM   380  C CD  . LYS A 1 44  ? -13.778 -16.830 -2.659  1.00 39.28 ? 50  LYS B CD  1 
ATOM   381  C CE  . LYS A 1 44  ? -12.811 -17.402 -1.644  1.00 43.58 ? 50  LYS B CE  1 
ATOM   382  N NZ  . LYS A 1 44  ? -13.029 -16.783 -0.311  1.00 47.55 ? 50  LYS B NZ  1 
ATOM   383  N N   . GLU A 1 45  ? -11.849 -12.722 -4.182  1.00 17.89 ? 51  GLU B N   1 
ATOM   384  C CA  . GLU A 1 45  ? -10.642 -11.998 -3.661  1.00 17.64 ? 51  GLU B CA  1 
ATOM   385  C C   . GLU A 1 45  ? -10.573 -10.569 -4.216  1.00 17.25 ? 51  GLU B C   1 
ATOM   386  O O   . GLU A 1 45  ? -9.902  -9.712  -3.594  1.00 16.81 ? 51  GLU B O   1 
ATOM   387  C CB  . GLU A 1 45  ? -9.383  -12.740 -4.060  1.00 20.85 ? 51  GLU B CB  1 
ATOM   388  C CG  . GLU A 1 45  ? -9.283  -14.163 -3.503  1.00 26.47 ? 51  GLU B CG  1 
ATOM   389  C CD  . GLU A 1 45  ? -8.005  -14.852 -3.964  1.00 36.05 ? 51  GLU B CD  1 
ATOM   390  O OE1 . GLU A 1 45  ? -8.114  -15.831 -4.744  1.00 48.88 ? 51  GLU B OE1 1 
ATOM   391  O OE2 . GLU A 1 45  ? -6.894  -14.393 -3.597  1.00 42.38 ? 51  GLU B OE2 1 
ATOM   392  N N   . ARG A 1 46  ? -11.157 -10.274 -5.374  1.00 15.17 ? 52  ARG B N   1 
ATOM   393  C CA  . ARG A 1 46  ? -10.862 -8.968  -6.030  1.00 14.39 ? 52  ARG B CA  1 
ATOM   394  C C   . ARG A 1 46  ? -11.481 -7.805  -5.283  1.00 14.43 ? 52  ARG B C   1 
ATOM   395  O O   . ARG A 1 46  ? -12.673 -7.824  -4.906  1.00 15.77 ? 52  ARG B O   1 
ATOM   396  C CB  . ARG A 1 46  ? -11.408 -8.926  -7.464  1.00 13.71 ? 52  ARG B CB  1 
ATOM   397  C CG  . ARG A 1 46  ? -10.777 -9.891  -8.428  1.00 15.55 ? 52  ARG B CG  1 
ATOM   398  C CD  . ARG A 1 46  ? -11.040 -9.481  -9.898  1.00 14.37 ? 52  ARG B CD  1 
ATOM   399  N NE  . ARG A 1 46  ? -10.534 -10.507 -10.772 1.00 16.28 ? 52  ARG B NE  1 
ATOM   400  C CZ  . ARG A 1 46  ? -9.265  -10.742 -11.038 1.00 15.67 ? 52  ARG B CZ  1 
ATOM   401  N NH1 . ARG A 1 46  ? -8.296  -9.944  -10.568 1.00 14.92 ? 52  ARG B NH1 1 
ATOM   402  N NH2 . ARG A 1 46  ? -8.905  -11.791 -11.766 1.00 19.12 ? 52  ARG B NH2 1 
ATOM   403  N N   . PHE A 1 47  ? -10.724 -6.744  -5.043  1.00 12.89 ? 53  PHE B N   1 
ATOM   404  C CA  . PHE A 1 47  ? -11.308 -5.503  -4.538  1.00 12.42 ? 53  PHE B CA  1 
ATOM   405  C C   . PHE A 1 47  ? -12.280 -4.949  -5.608  1.00 14.60 ? 53  PHE B C   1 
ATOM   406  O O   . PHE A 1 47  ? -11.825 -4.668  -6.734  1.00 14.95 ? 53  PHE B O   1 
ATOM   407  C CB  . PHE A 1 47  ? -10.232 -4.475  -4.202  1.00 12.10 ? 53  PHE B CB  1 
ATOM   408  C CG  . PHE A 1 47  ? -9.464  -4.836  -2.952  1.00 11.60 ? 53  PHE B CG  1 
ATOM   409  C CD1 . PHE A 1 47  ? -9.997  -4.559  -1.702  1.00 11.57 ? 53  PHE B CD1 1 
ATOM   410  C CD2 . PHE A 1 47  ? -8.215  -5.416  -3.004  1.00 12.89 ? 53  PHE B CD2 1 
ATOM   411  C CE1 . PHE A 1 47  ? -9.315  -4.886  -0.534  1.00 12.83 ? 53  PHE B CE1 1 
ATOM   412  C CE2 . PHE A 1 47  ? -7.536  -5.737  -1.829  1.00 12.86 ? 53  PHE B CE2 1 
ATOM   413  C CZ  . PHE A 1 47  ? -8.103  -5.461  -0.599  1.00 11.69 ? 53  PHE B CZ  1 
ATOM   414  N N   . SER A 1 48  ? -13.535 -4.742  -5.273  1.00 15.03 ? 54  SER B N   1 
ATOM   415  C CA  . SER A 1 48  ? -14.566 -4.357  -6.280  1.00 16.96 ? 54  SER B CA  1 
ATOM   416  C C   . SER A 1 48  ? -14.646 -2.846  -6.445  1.00 15.99 ? 54  SER B C   1 
ATOM   417  O O   . SER A 1 48  ? -14.862 -2.394  -7.605  1.00 19.33 ? 54  SER B O   1 
ATOM   418  C CB  . SER A 1 48  ? -15.899 -4.973  -5.886  1.00 16.03 ? 54  SER B CB  1 
ATOM   419  O OG  . SER A 1 48  ? -16.374 -4.496  -4.667  1.00 16.69 ? 54  SER B OG  1 
ATOM   420  N N   . ASN A 1 49  ? -14.585 -2.059  -5.402  1.00 15.57 ? 55  ASN B N   1 
ATOM   421  C CA  . ASN A 1 49  ? -14.993 -0.634  -5.407  1.00 16.13 ? 55  ASN B CA  1 
ATOM   422  C C   . ASN A 1 49  ? -13.818 0.293   -5.729  1.00 15.47 ? 55  ASN B C   1 
ATOM   423  O O   . ASN A 1 49  ? -14.059 1.487   -6.009  1.00 16.88 ? 55  ASN B O   1 
ATOM   424  C CB  . ASN A 1 49  ? -15.685 -0.177  -4.123  1.00 17.03 ? 55  ASN B CB  1 
ATOM   425  C CG  . ASN A 1 49  ? -17.099 -0.720  -3.963  1.00 20.69 ? 55  ASN B CG  1 
ATOM   426  O OD1 . ASN A 1 49  ? -17.342 -1.888  -4.244  1.00 22.72 ? 55  ASN B OD1 1 
ATOM   427  N ND2 . ASN A 1 49  ? -17.986 0.137   -3.460  1.00 23.31 ? 55  ASN B ND2 1 
ATOM   428  N N   . TYR A 1 50  ? -12.573 -0.149  -5.496  1.00 13.43 ? 56  TYR B N   1 
ATOM   429  C CA  . TYR A 1 50  ? -11.412 0.760   -5.513  1.00 12.98 ? 56  TYR B CA  1 
ATOM   430  C C   . TYR A 1 50  ? -10.265 0.081   -6.264  1.00 11.67 ? 56  TYR B C   1 
ATOM   431  O O   . TYR A 1 50  ? -10.182 -1.141  -6.310  1.00 12.37 ? 56  TYR B O   1 
ATOM   432  C CB  . TYR A 1 50  ? -10.951 1.036   -4.080  1.00 13.01 ? 56  TYR B CB  1 
ATOM   433  C CG  . TYR A 1 50  ? -12.045 1.395   -3.101  1.00 14.18 ? 56  TYR B CG  1 
ATOM   434  C CD1 . TYR A 1 50  ? -12.641 2.638   -3.178  1.00 16.47 ? 56  TYR B CD1 1 
ATOM   435  C CD2 . TYR A 1 50  ? -12.514 0.522   -2.129  1.00 14.69 ? 56  TYR B CD2 1 
ATOM   436  C CE1 . TYR A 1 50  ? -13.651 3.020   -2.292  1.00 18.41 ? 56  TYR B CE1 1 
ATOM   437  C CE2 . TYR A 1 50  ? -13.562 0.853   -1.284  1.00 16.71 ? 56  TYR B CE2 1 
ATOM   438  C CZ  . TYR A 1 50  ? -14.092 2.128   -1.336  1.00 16.87 ? 56  TYR B CZ  1 
ATOM   439  O OH  . TYR A 1 50  ? -15.082 2.439   -0.428  1.00 17.81 ? 56  TYR B OH  1 
ATOM   440  N N   . PRO A 1 51  ? -9.287  0.859   -6.791  1.00 11.21 ? 57  PRO B N   1 
ATOM   441  C CA  . PRO A 1 51  ? -8.201  0.294   -7.591  1.00 11.09 ? 57  PRO B CA  1 
ATOM   442  C C   . PRO A 1 51  ? -7.045  -0.292  -6.745  1.00 10.84 ? 57  PRO B C   1 
ATOM   443  O O   . PRO A 1 51  ? -5.908  0.109   -6.838  1.00 11.44 ? 57  PRO B O   1 
ATOM   444  C CB  . PRO A 1 51  ? -7.716  1.514   -8.436  1.00 13.56 ? 57  PRO B CB  1 
ATOM   445  C CG  . PRO A 1 51  ? -8.727  2.611   -8.194  1.00 13.89 ? 57  PRO B CG  1 
ATOM   446  C CD  . PRO A 1 51  ? -9.322  2.311   -6.875  1.00 12.09 ? 57  PRO B CD  1 
ATOM   447  N N   . MET A 1 52  ? -7.420  -1.304  -5.949  1.00 10.67 ? 58  MET B N   1 
ATOM   448  C CA  . MET A 1 52  ? -6.548  -1.935  -4.924  1.00 9.85  ? 58  MET B CA  1 
ATOM   449  C C   . MET A 1 52  ? -6.081  -3.305  -5.357  1.00 10.42 ? 58  MET B C   1 
ATOM   450  O O   . MET A 1 52  ? -6.713  -4.034  -6.163  1.00 11.05 ? 58  MET B O   1 
ATOM   451  C CB  . MET A 1 52  ? -7.317  -2.043  -3.617  1.00 10.61 ? 58  MET B CB  1 
ATOM   452  C CG  . MET A 1 52  ? -7.623  -0.712  -2.979  1.00 10.32 ? 58  MET B CG  1 
ATOM   453  S SD  . MET A 1 52  ? -8.851  -0.887  -1.658  1.00 12.18 ? 58  MET B SD  1 
ATOM   454  C CE  . MET A 1 52  ? -9.029  0.781   -1.058  1.00 13.58 ? 58  MET B CE  1 
ATOM   455  N N   . VAL A 1 53  ? -4.928  -3.691  -4.800  1.00 10.29 ? 59  VAL B N   1 
ATOM   456  C CA  . VAL A 1 53  ? -4.304  -5.012  -5.033  1.00 10.57 ? 59  VAL B CA  1 
ATOM   457  C C   . VAL A 1 53  ? -3.438  -5.330  -3.818  1.00 11.48 ? 59  VAL B C   1 
ATOM   458  O O   . VAL A 1 53  ? -2.907  -4.389  -3.174  1.00 11.02 ? 59  VAL B O   1 
ATOM   459  C CB  . VAL A 1 53  ? -3.516  -5.046  -6.363  1.00 10.82 ? 59  VAL B CB  1 
ATOM   460  C CG1 . VAL A 1 53  ? -2.381  -4.042  -6.412  1.00 11.57 ? 59  VAL B CG1 1 
ATOM   461  C CG2 . VAL A 1 53  ? -3.016  -6.461  -6.690  1.00 11.00 ? 59  VAL B CG2 1 
ATOM   462  N N   . LEU A 1 54  ? -3.269  -6.602  -3.531  1.00 10.88 ? 60  LEU B N   1 
ATOM   463  C CA  . LEU A 1 54  ? -2.370  -7.083  -2.445  1.00 10.91 ? 60  LEU B CA  1 
ATOM   464  C C   . LEU A 1 54  ? -1.076  -7.638  -2.986  1.00 11.64 ? 60  LEU B C   1 
ATOM   465  O O   . LEU A 1 54  ? -1.014  -8.222  -4.127  1.00 12.61 ? 60  LEU B O   1 
ATOM   466  C CB  . LEU A 1 54  ? -3.058  -8.154  -1.604  1.00 11.46 ? 60  LEU B CB  1 
ATOM   467  C CG  . LEU A 1 54  ? -4.387  -7.761  -1.007  1.00 12.01 ? 60  LEU B CG  1 
ATOM   468  C CD1 . LEU A 1 54  ? -4.965  -8.815  -0.048  1.00 14.14 ? 60  LEU B CD1 1 
ATOM   469  C CD2 . LEU A 1 54  ? -4.297  -6.430  -0.276  1.00 12.34 ? 60  LEU B CD2 1 
ATOM   470  N N   . GLY A 1 55  ? -0.033  -7.596  -2.160  1.00 11.38 ? 61  GLY B N   1 
ATOM   471  C CA  . GLY A 1 55  ? 1.151   -8.445  -2.391  1.00 12.15 ? 61  GLY B CA  1 
ATOM   472  C C   . GLY A 1 55  ? 0.834   -9.923  -2.181  1.00 11.82 ? 61  GLY B C   1 
ATOM   473  O O   . GLY A 1 55  ? -0.054  -10.228 -1.398  1.00 12.86 ? 61  GLY B O   1 
ATOM   474  N N   . ALA A 1 56  ? 1.604   -10.785 -2.816  1.00 13.70 ? 62  ALA B N   1 
ATOM   475  C CA  . ALA A 1 56  ? 1.454   -12.246 -2.685  1.00 15.76 ? 62  ALA B CA  1 
ATOM   476  C C   . ALA A 1 56  ? 1.964   -12.725 -1.325  1.00 15.75 ? 62  ALA B C   1 
ATOM   477  O O   . ALA A 1 56  ? 1.423   -13.731 -0.802  1.00 20.05 ? 62  ALA B O   1 
ATOM   478  C CB  . ALA A 1 56  ? 2.205   -12.879 -3.817  1.00 17.35 ? 62  ALA B CB  1 
ATOM   479  N N   . GLN A 1 57  ? 2.944   -12.024 -0.778  1.00 15.45 ? 63  GLN B N   1 
ATOM   480  C CA  . GLN A 1 57  ? 3.612   -12.487 0.468   1.00 15.36 ? 63  GLN B CA  1 
ATOM   481  C C   . GLN A 1 57  ? 2.656   -12.318 1.649   1.00 16.44 ? 63  GLN B C   1 
ATOM   482  O O   . GLN A 1 57  ? 1.876   -11.340 1.724   1.00 16.90 ? 63  GLN B O   1 
ATOM   483  C CB  . GLN A 1 57  ? 4.918   -11.698 0.654   1.00 18.01 ? 63  GLN B CB  1 
ATOM   484  C CG  . GLN A 1 57  ? 6.005   -12.039 -0.356  1.00 19.05 ? 63  GLN B CG  1 
ATOM   485  C CD  . GLN A 1 57  ? 5.709   -11.554 -1.770  1.00 19.80 ? 63  GLN B CD  1 
ATOM   486  O OE1 . GLN A 1 57  ? 5.203   -10.459 -1.954  1.00 17.77 ? 63  GLN B OE1 1 
ATOM   487  N NE2 . GLN A 1 57  ? 6.060   -12.299 -2.799  1.00 22.44 ? 63  GLN B NE2 1 
ATOM   488  N N   . ARG A 1 58  ? 2.679   -13.263 2.585   1.00 17.32 ? 64  ARG B N   1 
ATOM   489  C CA  . ARG A 1 58  ? 1.972   -13.185 3.870   1.00 17.55 ? 64  ARG B CA  1 
ATOM   490  C C   . ARG A 1 58  ? 2.986   -13.208 5.007   1.00 16.02 ? 64  ARG B C   1 
ATOM   491  O O   . ARG A 1 58  ? 3.936   -13.991 4.940   1.00 19.53 ? 64  ARG B O   1 
ATOM   492  C CB  . ARG A 1 58  ? 1.058   -14.408 4.085   1.00 22.06 ? 64  ARG B CB  1 
ATOM   493  C CG  . ARG A 1 58  ? -0.265  -14.448 3.319   1.00 30.64 ? 64  ARG B CG  1 
ATOM   494  C CD  . ARG A 1 58  ? -0.098  -14.194 1.838   1.00 32.25 ? 64  ARG B CD  1 
ATOM   495  N NE  . ARG A 1 58  ? -0.953  -14.707 0.754   1.00 37.04 ? 64  ARG B NE  1 
ATOM   496  C CZ  . ARG A 1 58  ? -2.111  -15.363 0.833   1.00 37.55 ? 64  ARG B CZ  1 
ATOM   497  N NH1 . ARG A 1 58  ? -2.710  -15.730 -0.288  1.00 40.48 ? 64  ARG B NH1 1 
ATOM   498  N NH2 . ARG A 1 58  ? -2.669  -15.674 1.984   1.00 38.66 ? 64  ARG B NH2 1 
ATOM   499  N N   . PHE A 1 59  ? 2.853   -12.314 5.957   1.00 15.17 ? 65  PHE B N   1 
ATOM   500  C CA  . PHE A 1 59  ? 3.810   -12.176 7.088   1.00 15.32 ? 65  PHE B CA  1 
ATOM   501  C C   . PHE A 1 59  ? 3.068   -12.404 8.395   1.00 13.99 ? 65  PHE B C   1 
ATOM   502  O O   . PHE A 1 59  ? 2.044   -11.782 8.647   1.00 13.81 ? 65  PHE B O   1 
ATOM   503  C CB  . PHE A 1 59  ? 4.428   -10.756 7.056   1.00 16.93 ? 65  PHE B CB  1 
ATOM   504  C CG  . PHE A 1 59  ? 5.155   -10.442 5.764   1.00 19.16 ? 65  PHE B CG  1 
ATOM   505  C CD1 . PHE A 1 59  ? 6.167   -11.296 5.325   1.00 21.58 ? 65  PHE B CD1 1 
ATOM   506  C CD2 . PHE A 1 59  ? 4.843   -9.352  4.993   1.00 26.56 ? 65  PHE B CD2 1 
ATOM   507  C CE1 . PHE A 1 59  ? 6.866   -11.065 4.150   1.00 25.12 ? 65  PHE B CE1 1 
ATOM   508  C CE2 . PHE A 1 59  ? 5.563   -9.114  3.825   1.00 20.68 ? 65  PHE B CE2 1 
ATOM   509  C CZ  . PHE A 1 59  ? 6.530   -9.980  3.397   1.00 23.14 ? 65  PHE B CZ  1 
ATOM   510  N N   A SER A 1 60  ? 3.601   -13.280 9.259   0.25 14.13 ? 66  SER B N   1 
ATOM   511  N N   B SER A 1 60  ? 3.606   -13.266 9.270   0.25 14.41 ? 66  SER B N   1 
ATOM   512  C CA  A SER A 1 60  ? 3.004   -13.591 10.585  0.25 14.73 ? 66  SER B CA  1 
ATOM   513  C CA  B SER A 1 60  ? 3.035   -13.552 10.613  0.25 15.21 ? 66  SER B CA  1 
ATOM   514  C C   A SER A 1 60  ? 4.045   -13.456 11.708  0.25 14.59 ? 66  SER B C   1 
ATOM   515  C C   B SER A 1 60  ? 4.122   -13.525 11.683  0.25 15.31 ? 66  SER B C   1 
ATOM   516  O O   A SER A 1 60  ? 3.654   -13.581 12.892  0.25 14.53 ? 66  SER B O   1 
ATOM   517  O O   B SER A 1 60  ? 3.887   -14.058 12.774  0.25 15.00 ? 66  SER B O   1 
ATOM   518  C CB  A SER A 1 60  ? 2.311   -14.946 10.554  0.25 14.98 ? 66  SER B CB  1 
ATOM   519  C CB  B SER A 1 60  ? 2.369   -14.882 10.632  0.25 15.50 ? 66  SER B CB  1 
ATOM   520  O OG  A SER A 1 60  ? 1.052   -14.849 9.861   0.25 15.24 ? 66  SER B OG  1 
ATOM   521  O OG  B SER A 1 60  ? 3.302   -15.856 10.239  0.25 15.99 ? 66  SER B OG  1 
ATOM   522  N N   A SER A 1 61  ? 5.292   -13.105 11.368  0.25 14.32 ? 67  SER B N   1 
ATOM   523  N N   B SER A 1 61  ? 5.279   -12.951 11.372  0.25 15.56 ? 67  SER B N   1 
ATOM   524  C CA  A SER A 1 61  ? 6.395   -12.896 12.338  0.25 15.50 ? 67  SER B CA  1 
ATOM   525  C CA  B SER A 1 61  ? 6.418   -12.899 12.308  0.25 17.23 ? 67  SER B CA  1 
ATOM   526  C C   A SER A 1 61  ? 7.469   -12.000 11.722  0.25 15.86 ? 67  SER B C   1 
ATOM   527  C C   B SER A 1 61  ? 7.537   -12.071 11.692  0.25 16.73 ? 67  SER B C   1 
ATOM   528  O O   A SER A 1 61  ? 7.411   -11.790 10.513  0.25 16.34 ? 67  SER B O   1 
ATOM   529  O O   B SER A 1 61  ? 7.592   -12.007 10.450  0.25 16.64 ? 67  SER B O   1 
ATOM   530  C CB  A SER A 1 61  ? 6.993   -14.226 12.728  0.25 15.58 ? 67  SER B CB  1 
ATOM   531  C CB  B SER A 1 61  ? 6.887   -14.300 12.605  0.25 18.27 ? 67  SER B CB  1 
ATOM   532  O OG  A SER A 1 61  ? 7.725   -14.774 11.646  0.25 15.55 ? 67  SER B OG  1 
ATOM   533  O OG  B SER A 1 61  ? 8.000   -14.263 13.475  0.25 21.08 ? 67  SER B OG  1 
ATOM   534  N N   . GLY A 1 62  ? 8.422   -11.535 12.531  1.00 17.36 ? 68  GLY B N   1 
ATOM   535  C CA  . GLY A 1 62  ? 9.657   -10.950 12.006  1.00 18.17 ? 68  GLY B CA  1 
ATOM   536  C C   . GLY A 1 62  ? 9.528   -9.491  11.603  1.00 15.29 ? 68  GLY B C   1 
ATOM   537  O O   . GLY A 1 62  ? 8.516   -8.834  11.875  1.00 17.17 ? 68  GLY B O   1 
ATOM   538  N N   . LYS A 1 63  ? 10.598  -9.043  10.991  1.00 14.99 ? 69  LYS B N   1 
ATOM   539  C CA  . LYS A 1 63  ? 10.767  -7.663  10.541  1.00 15.88 ? 69  LYS B CA  1 
ATOM   540  C C   . LYS A 1 63  ? 10.872  -7.728  9.031   1.00 15.45 ? 69  LYS B C   1 
ATOM   541  O O   . LYS A 1 63  ? 11.672  -8.492  8.494   1.00 17.58 ? 69  LYS B O   1 
ATOM   542  C CB  . LYS A 1 63  ? 12.006  -7.047  11.185  1.00 16.92 ? 69  LYS B CB  1 
ATOM   543  C CG  . LYS A 1 63  ? 11.927  -6.870  12.693  1.00 17.99 ? 69  LYS B CG  1 
ATOM   544  C CD  . LYS A 1 63  ? 13.228  -6.310  13.345  1.00 21.34 ? 69  LYS B CD  1 
ATOM   545  C CE  . LYS A 1 63  ? 13.120  -6.129  14.840  1.00 25.34 ? 69  LYS B CE  1 
ATOM   546  N NZ  . LYS A 1 63  ? 14.381  -5.577  15.401  1.00 29.06 ? 69  LYS B NZ  1 
ATOM   547  N N   . MET A 1 64  ? 10.160  -6.838  8.342   1.00 14.39 ? 70  MET B N   1 
ATOM   548  C CA  . MET A 1 64  ? 10.081  -6.785  6.867   1.00 14.46 ? 70  MET B CA  1 
ATOM   549  C C   . MET A 1 64  ? 10.185  -5.343  6.396   1.00 13.71 ? 70  MET B C   1 
ATOM   550  O O   . MET A 1 64  ? 9.630   -4.458  7.047   1.00 14.11 ? 70  MET B O   1 
ATOM   551  C CB  . MET A 1 64  ? 8.733   -7.286  6.384   1.00 14.92 ? 70  MET B CB  1 
ATOM   552  C CG  . MET A 1 64  ? 8.502   -8.775  6.473   1.00 16.06 ? 70  MET B CG  1 
ATOM   553  S SD  . MET A 1 64  ? 8.335   -9.549  8.126   1.00 18.49 ? 70  MET B SD  1 
ATOM   554  C CE  . MET A 1 64  ? 6.996   -8.658  8.879   1.00 17.38 ? 70  MET B CE  1 
ATOM   555  N N   . TYR A 1 65  ? 10.823  -5.095  5.278   1.00 13.64 ? 71  TYR B N   1 
ATOM   556  C CA  . TYR A 1 65  ? 10.993  -3.726  4.727   1.00 13.56 ? 71  TYR B CA  1 
ATOM   557  C C   . TYR A 1 65  ? 10.874  -3.820  3.213   1.00 14.65 ? 71  TYR B C   1 
ATOM   558  O O   . TYR A 1 65  ? 11.494  -4.736  2.588   1.00 15.06 ? 71  TYR B O   1 
ATOM   559  C CB  . TYR A 1 65  ? 12.353  -3.143  5.121   1.00 14.84 ? 71  TYR B CB  1 
ATOM   560  C CG  . TYR A 1 65  ? 12.636  -1.769  4.578   1.00 13.97 ? 71  TYR B CG  1 
ATOM   561  C CD1 . TYR A 1 65  ? 12.049  -0.649  5.146   1.00 14.03 ? 71  TYR B CD1 1 
ATOM   562  C CD2 . TYR A 1 65  ? 13.428  -1.595  3.442   1.00 15.13 ? 71  TYR B CD2 1 
ATOM   563  C CE1 . TYR A 1 65  ? 12.266  0.625   4.642   1.00 15.42 ? 71  TYR B CE1 1 
ATOM   564  C CE2 . TYR A 1 65  ? 13.636  -0.330  2.920   1.00 14.49 ? 71  TYR B CE2 1 
ATOM   565  C CZ  . TYR A 1 65  ? 13.064  0.771   3.511   1.00 14.59 ? 71  TYR B CZ  1 
ATOM   566  O OH  . TYR A 1 65  ? 13.290  2.000   2.978   1.00 16.76 ? 71  TYR B OH  1 
ATOM   567  N N   . TRP A 1 66  ? 10.142  -2.908  2.597   1.00 12.13 ? 72  TRP B N   1 
ATOM   568  C CA  . TRP A 1 66  ? 10.138  -2.757  1.125   1.00 12.10 ? 72  TRP B CA  1 
ATOM   569  C C   . TRP A 1 66  ? 9.928   -1.286  0.744   1.00 12.58 ? 72  TRP B C   1 
ATOM   570  O O   . TRP A 1 66  ? 9.560   -0.468  1.601   1.00 13.01 ? 72  TRP B O   1 
ATOM   571  C CB  . TRP A 1 66  ? 9.108   -3.699  0.457   1.00 11.77 ? 72  TRP B CB  1 
ATOM   572  C CG  . TRP A 1 66  ? 7.682   -3.444  0.819   1.00 11.68 ? 72  TRP B CG  1 
ATOM   573  C CD1 . TRP A 1 66  ? 6.747   -2.729  0.103   1.00 11.72 ? 72  TRP B CD1 1 
ATOM   574  C CD2 . TRP A 1 66  ? 6.955   -3.962  1.934   1.00 12.26 ? 72  TRP B CD2 1 
ATOM   575  N NE1 . TRP A 1 66  ? 5.523   -2.758  0.734   1.00 11.77 ? 72  TRP B NE1 1 
ATOM   576  C CE2 . TRP A 1 66  ? 5.630   -3.491  1.877   1.00 12.77 ? 72  TRP B CE2 1 
ATOM   577  C CE3 . TRP A 1 66  ? 7.331   -4.743  3.034   1.00 14.80 ? 72  TRP B CE3 1 
ATOM   578  C CZ2 . TRP A 1 66  ? 4.667   -3.817  2.810   1.00 13.12 ? 72  TRP B CZ2 1 
ATOM   579  C CZ3 . TRP A 1 66  ? 6.375   -5.082  3.962   1.00 16.65 ? 72  TRP B CZ3 1 
ATOM   580  C CH2 . TRP A 1 66  ? 5.078   -4.581  3.883   1.00 15.30 ? 72  TRP B CH2 1 
ATOM   581  N N   . GLU A 1 67  ? 10.170  -0.950  -0.529  1.00 12.16 ? 73  GLU B N   1 
ATOM   582  C CA  . GLU A 1 67  ? 10.066  0.434   -1.047  1.00 11.86 ? 73  GLU B CA  1 
ATOM   583  C C   . GLU A 1 67  ? 9.168   0.475   -2.276  1.00 11.55 ? 73  GLU B C   1 
ATOM   584  O O   . GLU A 1 67  ? 9.184   -0.461  -3.068  1.00 12.78 ? 73  GLU B O   1 
ATOM   585  C CB  . GLU A 1 67  ? 11.448  1.007   -1.372  1.00 13.47 ? 73  GLU B CB  1 
ATOM   586  C CG  . GLU A 1 67  ? 12.270  1.202   -0.102  1.00 15.39 ? 73  GLU B CG  1 
ATOM   587  C CD  . GLU A 1 67  ? 13.661  1.760   -0.313  1.00 19.13 ? 73  GLU B CD  1 
ATOM   588  O OE1 . GLU A 1 67  ? 14.042  1.958   -1.521  1.00 23.95 ? 73  GLU B OE1 1 
ATOM   589  O OE2 . GLU A 1 67  ? 14.378  2.049   0.723   1.00 18.71 ? 73  GLU B OE2 1 
ATOM   590  N N   . VAL A 1 68  ? 8.422   1.560   -2.370  1.00 12.28 ? 74  VAL B N   1 
ATOM   591  C CA  . VAL A 1 68  ? 7.488   1.762   -3.478  1.00 11.60 ? 74  VAL B CA  1 
ATOM   592  C C   . VAL A 1 68  ? 7.729   3.122   -4.128  1.00 11.60 ? 74  VAL B C   1 
ATOM   593  O O   . VAL A 1 68  ? 7.786   4.146   -3.421  1.00 12.81 ? 74  VAL B O   1 
ATOM   594  C CB  . VAL A 1 68  ? 6.028   1.654   -3.012  1.00 11.79 ? 74  VAL B CB  1 
ATOM   595  C CG1 . VAL A 1 68  ? 5.115   1.742   -4.224  1.00 13.20 ? 74  VAL B CG1 1 
ATOM   596  C CG2 . VAL A 1 68  ? 5.789   0.399   -2.203  1.00 12.75 ? 74  VAL B CG2 1 
ATOM   597  N N   . ASP A 1 69  ? 7.780   3.153   -5.469  1.00 11.80 ? 75  ASP B N   1 
ATOM   598  C CA  . ASP A 1 69  ? 7.906   4.390   -6.271  1.00 13.15 ? 75  ASP B CA  1 
ATOM   599  C C   . ASP A 1 69  ? 6.521   4.939   -6.541  1.00 11.73 ? 75  ASP B C   1 
ATOM   600  O O   . ASP A 1 69  ? 5.627   4.163   -7.049  1.00 12.32 ? 75  ASP B O   1 
ATOM   601  C CB  . ASP A 1 69  ? 8.669   4.113   -7.575  1.00 14.84 ? 75  ASP B CB  1 
ATOM   602  C CG  . ASP A 1 69  ? 9.130   5.390   -8.262  1.00 17.15 ? 75  ASP B CG  1 
ATOM   603  O OD1 . ASP A 1 69  ? 8.317   6.187   -8.623  1.00 18.21 ? 75  ASP B OD1 1 
ATOM   604  O OD2 . ASP A 1 69  ? 10.353  5.660   -8.248  1.00 23.71 ? 75  ASP B OD2 1 
ATOM   605  N N   . VAL A 1 70  ? 6.317   6.215   -6.191  1.00 12.06 ? 76  VAL B N   1 
ATOM   606  C CA  . VAL A 1 70  ? 5.043   6.951   -6.370  1.00 12.74 ? 76  VAL B CA  1 
ATOM   607  C C   . VAL A 1 70  ? 5.206   8.184   -7.292  1.00 13.29 ? 76  VAL B C   1 
ATOM   608  O O   . VAL A 1 70  ? 4.365   9.064   -7.282  1.00 13.99 ? 76  VAL B O   1 
ATOM   609  C CB  . VAL A 1 70  ? 4.448   7.333   -4.995  1.00 12.36 ? 76  VAL B CB  1 
ATOM   610  C CG1 . VAL A 1 70  ? 4.134   6.073   -4.150  1.00 12.16 ? 76  VAL B CG1 1 
ATOM   611  C CG2 . VAL A 1 70  ? 5.307   8.301   -4.195  1.00 12.68 ? 76  VAL B CG2 1 
ATOM   612  N N   . THR A 1 71  ? 6.310   8.242   -8.037  1.00 13.69 ? 77  THR B N   1 
ATOM   613  C CA  . THR A 1 71  ? 6.633   9.398   -8.895  1.00 14.86 ? 77  THR B CA  1 
ATOM   614  C C   . THR A 1 71  ? 5.419   9.783   -9.754  1.00 14.84 ? 77  THR B C   1 
ATOM   615  O O   . THR A 1 71  ? 4.811   8.929   -10.416 1.00 15.18 ? 77  THR B O   1 
ATOM   616  C CB  . THR A 1 71  ? 7.822   9.068   -9.792  1.00 15.64 ? 77  THR B CB  1 
ATOM   617  O OG1 . THR A 1 71  ? 8.991   8.775   -9.020  1.00 18.90 ? 77  THR B OG1 1 
ATOM   618  C CG2 . THR A 1 71  ? 8.078   10.247  -10.713 1.00 18.16 ? 77  THR B CG2 1 
ATOM   619  N N   . GLN A 1 72  ? 5.127   11.086  -9.716  1.00 17.56 ? 78  GLN B N   1 
ATOM   620  C CA  . GLN A 1 72  ? 4.145   11.875  -10.503 1.00 20.58 ? 78  GLN B CA  1 
ATOM   621  C C   . GLN A 1 72  ? 2.705   11.422  -10.272 1.00 21.25 ? 78  GLN B C   1 
ATOM   622  O O   . GLN A 1 72  ? 1.811   11.849  -11.014 1.00 24.45 ? 78  GLN B O   1 
ATOM   623  C CB  . GLN A 1 72  ? 4.525   11.898  -11.980 1.00 28.84 ? 78  GLN B CB  1 
ATOM   624  C CG  . GLN A 1 72  ? 4.385   10.575  -12.703 1.00 36.31 ? 78  GLN B CG  1 
ATOM   625  C CD  . GLN A 1 72  ? 3.788   10.763  -14.079 1.00 39.91 ? 78  GLN B CD  1 
ATOM   626  O OE1 . GLN A 1 72  ? 4.189   10.111  -15.048 1.00 43.62 ? 78  GLN B OE1 1 
ATOM   627  N NE2 . GLN A 1 72  ? 2.772   11.614  -14.149 1.00 41.45 ? 78  GLN B NE2 1 
ATOM   628  N N   . LYS A 1 73  ? 2.418   10.637  -9.240  1.00 14.86 ? 79  LYS B N   1 
ATOM   629  C CA  . LYS A 1 73  ? 1.020   10.356  -8.920  1.00 13.02 ? 79  LYS B CA  1 
ATOM   630  C C   . LYS A 1 73  ? 0.368   11.438  -8.063  1.00 12.66 ? 79  LYS B C   1 
ATOM   631  O O   . LYS A 1 73  ? 1.066   12.079  -7.198  1.00 15.05 ? 79  LYS B O   1 
ATOM   632  C CB  . LYS A 1 73  ? 0.937   9.008   -8.209  1.00 13.37 ? 79  LYS B CB  1 
ATOM   633  C CG  . LYS A 1 73  ? 1.306   7.812   -9.113  1.00 13.04 ? 79  LYS B CG  1 
ATOM   634  C CD  . LYS A 1 73  ? 1.012   6.457   -8.530  1.00 13.91 ? 79  LYS B CD  1 
ATOM   635  C CE  . LYS A 1 73  ? -0.471  6.211   -8.357  1.00 12.91 ? 79  LYS B CE  1 
ATOM   636  N NZ  . LYS A 1 73  ? -1.260  6.342   -9.629  1.00 11.98 ? 79  LYS B NZ  1 
ATOM   637  N N   . GLU A 1 74  ? -0.896  11.678  -8.283  1.00 11.49 ? 80  GLU B N   1 
ATOM   638  C CA  . GLU A 1 74  ? -1.730  12.634  -7.544  1.00 11.83 ? 80  GLU B CA  1 
ATOM   639  C C   . GLU A 1 74  ? -2.437  11.973  -6.357  1.00 11.93 ? 80  GLU B C   1 
ATOM   640  O O   . GLU A 1 74  ? -2.951  12.660  -5.488  1.00 12.24 ? 80  GLU B O   1 
ATOM   641  C CB  . GLU A 1 74  ? -2.804  13.247  -8.465  1.00 13.10 ? 80  GLU B CB  1 
ATOM   642  C CG  . GLU A 1 74  ? -2.255  14.078  -9.604  1.00 15.05 ? 80  GLU B CG  1 
ATOM   643  C CD  . GLU A 1 74  ? -3.370  14.535  -10.559 1.00 15.90 ? 80  GLU B CD  1 
ATOM   644  O OE1 . GLU A 1 74  ? -3.086  15.455  -11.348 1.00 18.50 ? 80  GLU B OE1 1 
ATOM   645  O OE2 . GLU A 1 74  ? -4.503  14.020  -10.458 1.00 17.13 ? 80  GLU B OE2 1 
ATOM   646  N N   . ALA A 1 75  ? -2.632  10.653  -6.374  1.00 11.14 ? 81  ALA B N   1 
ATOM   647  C CA  . ALA A 1 75  ? -3.432  9.966   -5.360  1.00 11.01 ? 81  ALA B CA  1 
ATOM   648  C C   . ALA A 1 75  ? -2.967  8.520   -5.291  1.00 11.81 ? 81  ALA B C   1 
ATOM   649  O O   . ALA A 1 75  ? -2.754  7.876   -6.351  1.00 11.05 ? 81  ALA B O   1 
ATOM   650  C CB  . ALA A 1 75  ? -4.913  10.044  -5.643  1.00 11.93 ? 81  ALA B CB  1 
ATOM   651  N N   . TRP A 1 76  ? -2.872  7.975   -4.073  1.00 10.41 ? 82  TRP B N   1 
ATOM   652  C CA  . TRP A 1 76  ? -2.499  6.549   -3.834  1.00 10.26 ? 82  TRP B CA  1 
ATOM   653  C C   . TRP A 1 76  ? -2.652  6.280   -2.354  1.00 10.58 ? 82  TRP B C   1 
ATOM   654  O O   . TRP A 1 76  ? -2.680  7.208   -1.558  1.00 10.90 ? 82  TRP B O   1 
ATOM   655  C CB  . TRP A 1 76  ? -1.058  6.270   -4.264  1.00 10.65 ? 82  TRP B CB  1 
ATOM   656  C CG  . TRP A 1 76  ? -0.009  7.226   -3.792  1.00 10.75 ? 82  TRP B CG  1 
ATOM   657  C CD1 . TRP A 1 76  ? 0.525   8.265   -4.490  1.00 12.21 ? 82  TRP B CD1 1 
ATOM   658  C CD2 . TRP A 1 76  ? 0.622   7.334   -2.492  1.00 10.96 ? 82  TRP B CD2 1 
ATOM   659  N NE1 . TRP A 1 76  ? 1.451   8.952   -3.786  1.00 11.92 ? 82  TRP B NE1 1 
ATOM   660  C CE2 . TRP A 1 76  ? 1.522   8.406   -2.515  1.00 11.96 ? 82  TRP B CE2 1 
ATOM   661  C CE3 . TRP A 1 76  ? 0.520   6.601   -1.288  1.00 11.23 ? 82  TRP B CE3 1 
ATOM   662  C CZ2 . TRP A 1 76  ? 2.328   8.775   -1.452  1.00 11.17 ? 82  TRP B CZ2 1 
ATOM   663  C CZ3 . TRP A 1 76  ? 1.274   6.994   -0.194  1.00 12.19 ? 82  TRP B CZ3 1 
ATOM   664  C CH2 . TRP A 1 76  ? 2.180   8.057   -0.293  1.00 12.34 ? 82  TRP B CH2 1 
ATOM   665  N N   . ASP A 1 77  ? -2.786  5.006   -2.018  1.00 10.36 ? 83  ASP B N   1 
ATOM   666  C CA  . ASP A 1 77  ? -2.721  4.500   -0.611  1.00 10.61 ? 83  ASP B CA  1 
ATOM   667  C C   . ASP A 1 77  ? -1.609  3.435   -0.588  1.00 10.42 ? 83  ASP B C   1 
ATOM   668  O O   . ASP A 1 77  ? -1.559  2.596   -1.535  1.00 10.37 ? 83  ASP B O   1 
ATOM   669  C CB  . ASP A 1 77  ? -4.026  3.856   -0.138  1.00 12.10 ? 83  ASP B CB  1 
ATOM   670  C CG  . ASP A 1 77  ? -5.325  4.587   -0.411  1.00 14.10 ? 83  ASP B CG  1 
ATOM   671  O OD1 . ASP A 1 77  ? -5.283  5.810   -0.420  1.00 16.44 ? 83  ASP B OD1 1 
ATOM   672  O OD2 . ASP A 1 77  ? -6.346  3.918   -0.665  1.00 15.78 ? 83  ASP B OD2 1 
ATOM   673  N N   . LEU A 1 78  ? -0.854  3.324   0.499   1.00 9.72  ? 84  LEU B N   1 
ATOM   674  C CA  . LEU A 1 78  ? 0.181   2.287   0.684   1.00 9.89  ? 84  LEU B CA  1 
ATOM   675  C C   . LEU A 1 78  ? 0.178   1.848   2.137   1.00 9.49  ? 84  LEU B C   1 
ATOM   676  O O   . LEU A 1 78  ? 0.018   2.665   3.053   1.00 9.72  ? 84  LEU B O   1 
ATOM   677  C CB  . LEU A 1 78  ? 1.559   2.832   0.356   1.00 10.37 ? 84  LEU B CB  1 
ATOM   678  C CG  . LEU A 1 78  ? 1.875   3.092   -1.102  1.00 11.59 ? 84  LEU B CG  1 
ATOM   679  C CD1 . LEU A 1 78  ? 3.236   3.791   -1.201  1.00 11.67 ? 84  LEU B CD1 1 
ATOM   680  C CD2 . LEU A 1 78  ? 1.840   1.825   -1.899  1.00 11.75 ? 84  LEU B CD2 1 
ATOM   681  N N   . GLY A 1 79  ? 0.485   0.565   2.316   1.00 8.60  ? 85  GLY B N   1 
ATOM   682  C CA  . GLY A 1 79  ? 0.815   0.054   3.660   1.00 9.46  ? 85  GLY B CA  1 
ATOM   683  C C   . GLY A 1 79  ? 0.705   -1.454  3.696   1.00 8.42  ? 85  GLY B C   1 
ATOM   684  O O   . GLY A 1 79  ? 1.203   -2.148  2.824   1.00 9.03  ? 85  GLY B O   1 
ATOM   685  N N   A VAL A 1 80  ? 0.111   -1.941  4.782   0.25 8.74  ? 86  VAL B N   1 
ATOM   686  N N   B VAL A 1 80  ? 0.033   -1.944  4.717   0.25 9.13  ? 86  VAL B N   1 
ATOM   687  C CA  A VAL A 1 80  ? -0.214  -3.381  4.984   0.25 8.87  ? 86  VAL B CA  1 
ATOM   688  C CA  B VAL A 1 80  ? -0.108  -3.400  4.950   0.25 9.50  ? 86  VAL B CA  1 
ATOM   689  C C   A VAL A 1 80  ? -1.667  -3.536  5.411   0.25 9.20  ? 86  VAL B C   1 
ATOM   690  C C   B VAL A 1 80  ? -1.516  -3.609  5.532   0.25 9.64  ? 86  VAL B C   1 
ATOM   691  O O   A VAL A 1 80  ? -2.317  -2.597  5.914   0.25 9.64  ? 86  VAL B O   1 
ATOM   692  O O   B VAL A 1 80  ? -2.026  -2.696  6.181   0.25 10.16 ? 86  VAL B O   1 
ATOM   693  C CB  A VAL A 1 80  ? 0.667   -4.075  6.039   0.25 9.31  ? 86  VAL B CB  1 
ATOM   694  C CB  B VAL A 1 80  ? 1.055   -3.870  5.854   0.25 10.61 ? 86  VAL B CB  1 
ATOM   695  C CG1 A VAL A 1 80  ? 2.089   -4.170  5.543   0.25 9.08  ? 86  VAL B CG1 1 
ATOM   696  C CG1 B VAL A 1 80  ? 0.919   -3.324  7.262   0.25 10.44 ? 86  VAL B CG1 1 
ATOM   697  C CG2 A VAL A 1 80  ? 0.608   -3.376  7.382   0.25 9.30  ? 86  VAL B CG2 1 
ATOM   698  C CG2 B VAL A 1 80  ? 1.214   -5.373  5.871   0.25 11.25 ? 86  VAL B CG2 1 
ATOM   699  N N   . CYS A 1 81  ? -2.151  -4.756  5.278   1.00 9.68  ? 87  CYS B N   1 
ATOM   700  C CA  . CYS A 1 81  ? -3.486  -5.057  5.779   1.00 10.58 ? 87  CYS B CA  1 
ATOM   701  C C   . CYS A 1 81  ? -3.577  -6.525  6.210   1.00 10.41 ? 87  CYS B C   1 
ATOM   702  O O   . CYS A 1 81  ? -2.740  -7.363  5.794   1.00 10.63 ? 87  CYS B O   1 
ATOM   703  C CB  . CYS A 1 81  ? -4.571  -4.745  4.746   1.00 11.82 ? 87  CYS B CB  1 
ATOM   704  S SG  . CYS A 1 81  ? -4.512  -5.760  3.246   1.00 12.33 ? 87  CYS B SG  1 
ATOM   705  N N   A ARG A 1 82  ? -4.590  -6.823  6.999   0.25 10.65 ? 88  ARG B N   1 
ATOM   706  N N   B ARG A 1 82  ? -4.566  -6.828  7.033   0.25 10.03 ? 88  ARG B N   1 
ATOM   707  C CA  A ARG A 1 82  ? -4.930  -8.231  7.306   0.25 11.89 ? 88  ARG B CA  1 
ATOM   708  C CA  B ARG A 1 82  ? -4.870  -8.232  7.420   0.25 10.76 ? 88  ARG B CA  1 
ATOM   709  C C   A ARG A 1 82  ? -5.215  -9.001  6.021   0.25 11.63 ? 88  ARG B C   1 
ATOM   710  C C   B ARG A 1 82  ? -5.337  -9.014  6.174   0.25 11.01 ? 88  ARG B C   1 
ATOM   711  O O   A ARG A 1 82  ? -5.768  -8.466  5.062   0.25 11.24 ? 88  ARG B O   1 
ATOM   712  O O   B ARG A 1 82  ? -6.141  -8.447  5.377   0.25 10.48 ? 88  ARG B O   1 
ATOM   713  C CB  A ARG A 1 82  ? -6.162  -8.284  8.197   0.25 13.02 ? 88  ARG B CB  1 
ATOM   714  C CB  B ARG A 1 82  ? -5.924  -8.207  8.534   0.25 11.08 ? 88  ARG B CB  1 
ATOM   715  C CG  A ARG A 1 82  ? -5.887  -7.693  9.561   0.25 14.25 ? 88  ARG B CG  1 
ATOM   716  C CG  B ARG A 1 82  ? -6.159  -9.562  9.184   0.25 11.27 ? 88  ARG B CG  1 
ATOM   717  C CD  A ARG A 1 82  ? -7.059  -7.862  10.492  0.25 15.78 ? 88  ARG B CD  1 
ATOM   718  C CD  B ARG A 1 82  ? -7.234  -9.544  10.243  0.25 11.48 ? 88  ARG B CD  1 
ATOM   719  N NE  A ARG A 1 82  ? -6.809  -7.139  11.730  0.25 15.44 ? 88  ARG B NE  1 
ATOM   720  N NE  B ARG A 1 82  ? -6.951  -8.526  11.228  0.25 11.65 ? 88  ARG B NE  1 
ATOM   721  C CZ  A ARG A 1 82  ? -7.746  -6.486  12.386  0.25 15.59 ? 88  ARG B CZ  1 
ATOM   722  C CZ  B ARG A 1 82  ? -7.771  -7.513  11.539  0.25 11.79 ? 88  ARG B CZ  1 
ATOM   723  N NH1 A ARG A 1 82  ? -8.970  -6.456  11.895  0.25 16.07 ? 88  ARG B NH1 1 
ATOM   724  N NH1 B ARG A 1 82  ? -8.959  -7.418  10.990  0.25 12.97 ? 88  ARG B NH1 1 
ATOM   725  N NH2 A ARG A 1 82  ? -7.444  -5.863  13.509  0.25 17.45 ? 88  ARG B NH2 1 
ATOM   726  N NH2 B ARG A 1 82  ? -7.396  -6.598  12.414  0.25 11.43 ? 88  ARG B NH2 1 
ATOM   727  N N   . ASP A 1 83  ? -4.899  -10.283 6.027   1.00 11.93 ? 89  ASP B N   1 
ATOM   728  C CA  . ASP A 1 83  ? -5.283  -11.130 4.881   1.00 13.57 ? 89  ASP B CA  1 
ATOM   729  C C   . ASP A 1 83  ? -6.802  -11.156 4.784   1.00 15.03 ? 89  ASP B C   1 
ATOM   730  O O   . ASP A 1 83  ? -7.297  -11.342 3.649   1.00 18.00 ? 89  ASP B O   1 
ATOM   731  C CB  . ASP A 1 83  ? -4.681  -12.521 5.079   1.00 15.75 ? 89  ASP B CB  1 
ATOM   732  C CG  . ASP A 1 83  ? -5.119  -13.305 6.280   1.00 18.58 ? 89  ASP B CG  1 
ATOM   733  O OD1 . ASP A 1 83  ? -5.805  -12.760 7.173   1.00 21.19 ? 89  ASP B OD1 1 
ATOM   734  O OD2 . ASP A 1 83  ? -4.776  -14.539 6.284   1.00 23.07 ? 89  ASP B OD2 1 
ATOM   735  N N   . SER A 1 84  ? -7.553  -11.026 5.879   1.00 13.16 ? 90  SER B N   1 
ATOM   736  C CA  . SER A 1 84  ? -9.020  -11.194 5.851   1.00 15.23 ? 90  SER B CA  1 
ATOM   737  C C   . SER A 1 84  ? -9.822  -9.894  5.681   1.00 13.34 ? 90  SER B C   1 
ATOM   738  O O   . SER A 1 84  ? -11.001 -9.878  5.959   1.00 15.18 ? 90  SER B O   1 
ATOM   739  C CB  . SER A 1 84  ? -9.426  -11.943 7.080   1.00 17.71 ? 90  SER B CB  1 
ATOM   740  O OG  . SER A 1 84  ? -9.043  -11.267 8.200   1.00 17.83 ? 90  SER B OG  1 
ATOM   741  N N   . VAL A 1 85  ? -9.192  -8.791  5.251   1.00 12.37 ? 91  VAL B N   1 
ATOM   742  C CA  . VAL A 1 85  ? -9.957  -7.551  5.034   1.00 12.87 ? 91  VAL B CA  1 
ATOM   743  C C   . VAL A 1 85  ? -11.070 -7.799  4.012   1.00 12.65 ? 91  VAL B C   1 
ATOM   744  O O   . VAL A 1 85  ? -10.915 -8.600  3.065   1.00 13.73 ? 91  VAL B O   1 
ATOM   745  C CB  . VAL A 1 85  ? -9.083  -6.363  4.593   1.00 12.64 ? 91  VAL B CB  1 
ATOM   746  C CG1 . VAL A 1 85  ? -8.159  -5.930  5.712   1.00 12.29 ? 91  VAL B CG1 1 
ATOM   747  C CG2 . VAL A 1 85  ? -8.347  -6.590  3.299   1.00 12.29 ? 91  VAL B CG2 1 
ATOM   748  N N   . GLN A 1 86  ? -12.142 -7.059  4.223   1.00 14.70 ? 92  GLN B N   1 
ATOM   749  C CA  . GLN A 1 86  ? -13.275 -6.960  3.257   1.00 15.98 ? 92  GLN B CA  1 
ATOM   750  C C   . GLN A 1 86  ? -12.756 -6.596  1.867   1.00 15.04 ? 92  GLN B C   1 
ATOM   751  O O   . GLN A 1 86  ? -11.943 -5.697  1.746   1.00 15.17 ? 92  GLN B O   1 
ATOM   752  C CB  . GLN A 1 86  ? -14.206 -5.872  3.800   1.00 18.04 ? 92  GLN B CB  1 
ATOM   753  C CG  . GLN A 1 86  ? -15.440 -5.536  2.956   1.00 20.80 ? 92  GLN B CG  1 
ATOM   754  C CD  . GLN A 1 86  ? -16.203 -4.355  3.549   1.00 23.12 ? 92  GLN B CD  1 
ATOM   755  O OE1 . GLN A 1 86  ? -15.984 -3.919  4.705   1.00 25.22 ? 92  GLN B OE1 1 
ATOM   756  N NE2 . GLN A 1 86  ? -17.122 -3.772  2.770   1.00 25.13 ? 92  GLN B NE2 1 
ATOM   757  N N   . ARG A 1 87  ? -13.298 -7.220  0.834   1.00 13.96 ? 93  ARG B N   1 
ATOM   758  C CA  . ARG A 1 87  ? -12.914 -7.012  -0.588  1.00 13.62 ? 93  ARG B CA  1 
ATOM   759  C C   . ARG A 1 87  ? -14.045 -6.281  -1.320  1.00 15.22 ? 93  ARG B C   1 
ATOM   760  O O   . ARG A 1 87  ? -13.729 -5.567  -2.272  1.00 14.75 ? 93  ARG B O   1 
ATOM   761  C CB  . ARG A 1 87  ? -12.573 -8.294  -1.334  1.00 14.49 ? 93  ARG B CB  1 
ATOM   762  C CG  . ARG A 1 87  ? -11.545 -9.189  -0.651  1.00 13.59 ? 93  ARG B CG  1 
ATOM   763  C CD  . ARG A 1 87  ? -10.248 -8.414  -0.332  1.00 14.58 ? 93  ARG B CD  1 
ATOM   764  N NE  . ARG A 1 87  ? -9.367  -9.258  0.514   1.00 15.72 ? 93  ARG B NE  1 
ATOM   765  C CZ  . ARG A 1 87  ? -8.541  -10.192 0.084   1.00 15.22 ? 93  ARG B CZ  1 
ATOM   766  N NH1 . ARG A 1 87  ? -8.426  -10.427 -1.199  1.00 17.52 ? 93  ARG B NH1 1 
ATOM   767  N NH2 . ARG A 1 87  ? -7.877  -10.935 0.947   1.00 18.18 ? 93  ARG B NH2 1 
ATOM   768  N N   . LYS A 1 88  ? -15.308 -6.477  -0.921  1.00 14.82 ? 94  LYS B N   1 
ATOM   769  C CA  . LYS A 1 88  ? -16.467 -6.012  -1.730  1.00 14.97 ? 94  LYS B CA  1 
ATOM   770  C C   . LYS A 1 88  ? -17.163 -4.858  -1.059  1.00 16.98 ? 94  LYS B C   1 
ATOM   771  O O   . LYS A 1 88  ? -17.286 -4.859  0.179   1.00 19.03 ? 94  LYS B O   1 
ATOM   772  C CB  . LYS A 1 88  ? -17.433 -7.175  -1.970  1.00 15.93 ? 94  LYS B CB  1 
ATOM   773  C CG  . LYS A 1 88  ? -16.807 -8.430  -2.508  1.00 16.98 ? 94  LYS B CG  1 
ATOM   774  C CD  . LYS A 1 88  ? -16.083 -8.248  -3.845  1.00 18.19 ? 94  LYS B CD  1 
ATOM   775  C CE  . LYS A 1 88  ? -15.592 -9.563  -4.360  1.00 18.44 ? 94  LYS B CE  1 
ATOM   776  N NZ  . LYS A 1 88  ? -14.877 -9.430  -5.653  1.00 19.82 ? 94  LYS B NZ  1 
ATOM   777  N N   . GLY A 1 89  ? -17.655 -3.906  -1.828  1.00 16.79 ? 95  GLY B N   1 
ATOM   778  C CA  . GLY A 1 89  ? -18.397 -2.775  -1.281  1.00 16.89 ? 95  GLY B CA  1 
ATOM   779  C C   . GLY A 1 89  ? -17.526 -1.680  -0.714  1.00 18.33 ? 95  GLY B C   1 
ATOM   780  O O   . GLY A 1 89  ? -16.256 -1.714  -0.966  1.00 18.47 ? 95  GLY B O   1 
ATOM   781  N N   . GLN A 1 90  ? -18.162 -0.750  -0.014  1.00 19.10 ? 96  GLN B N   1 
ATOM   782  C CA  . GLN A 1 90  ? -17.506 0.445   0.530   1.00 20.89 ? 96  GLN B CA  1 
ATOM   783  C C   . GLN A 1 90  ? -16.950 0.161   1.918   1.00 19.46 ? 96  GLN B C   1 
ATOM   784  O O   . GLN A 1 90  ? -17.553 -0.630  2.693   1.00 20.50 ? 96  GLN B O   1 
ATOM   785  C CB  . GLN A 1 90  ? -18.504 1.606   0.554   1.00 25.08 ? 96  GLN B CB  1 
ATOM   786  C CG  . GLN A 1 90  ? -18.988 1.921   -0.846  1.00 30.93 ? 96  GLN B CG  1 
ATOM   787  C CD  . GLN A 1 90  ? -20.151 2.863   -0.851  1.00 42.01 ? 96  GLN B CD  1 
ATOM   788  O OE1 . GLN A 1 90  ? -19.973 4.071   -0.991  1.00 52.70 ? 96  GLN B OE1 1 
ATOM   789  N NE2 . GLN A 1 90  ? -21.340 2.299   -0.693  1.00 45.41 ? 96  GLN B NE2 1 
ATOM   790  N N   . PHE A 1 91  ? -15.796 0.739   2.202   1.00 16.98 ? 97  PHE B N   1 
ATOM   791  C CA  . PHE A 1 91  ? -15.167 0.649   3.530   1.00 16.45 ? 97  PHE B CA  1 
ATOM   792  C C   . PHE A 1 91  ? -14.117 1.740   3.670   1.00 16.14 ? 97  PHE B C   1 
ATOM   793  O O   . PHE A 1 91  ? -13.618 2.275   2.685   1.00 17.89 ? 97  PHE B O   1 
ATOM   794  C CB  . PHE A 1 91  ? -14.515 -0.717  3.761   1.00 16.10 ? 97  PHE B CB  1 
ATOM   795  C CG  . PHE A 1 91  ? -13.506 -1.098  2.710   1.00 15.98 ? 97  PHE B CG  1 
ATOM   796  C CD1 . PHE A 1 91  ? -12.180 -0.701  2.828   1.00 16.99 ? 97  PHE B CD1 1 
ATOM   797  C CD2 . PHE A 1 91  ? -13.848 -1.901  1.643   1.00 15.91 ? 97  PHE B CD2 1 
ATOM   798  C CE1 . PHE A 1 91  ? -11.239 -1.070  1.885   1.00 14.69 ? 97  PHE B CE1 1 
ATOM   799  C CE2 . PHE A 1 91  ? -12.902 -2.298  0.704   1.00 14.89 ? 97  PHE B CE2 1 
ATOM   800  C CZ  . PHE A 1 91  ? -11.597 -1.876  0.830   1.00 15.44 ? 97  PHE B CZ  1 
ATOM   801  N N   A SER A 1 92  ? -13.799 2.102   4.910   0.25 16.81 ? 98  SER B N   1 
ATOM   802  N N   B SER A 1 92  ? -13.805 2.048   4.928   0.25 16.24 ? 98  SER B N   1 
ATOM   803  C CA  A SER A 1 92  ? -12.725 3.079   5.211   0.25 17.04 ? 98  SER B CA  1 
ATOM   804  C CA  B SER A 1 92  ? -12.766 3.019   5.345   0.25 16.17 ? 98  SER B CA  1 
ATOM   805  C C   A SER A 1 92  ? -11.447 2.325   5.580   0.25 15.70 ? 98  SER B C   1 
ATOM   806  C C   B SER A 1 92  ? -11.440 2.277   5.555   0.25 15.10 ? 98  SER B C   1 
ATOM   807  O O   A SER A 1 92  ? -11.518 1.222   6.150   0.25 15.68 ? 98  SER B O   1 
ATOM   808  O O   B SER A 1 92  ? -11.478 1.085   5.957   0.25 14.86 ? 98  SER B O   1 
ATOM   809  C CB  A SER A 1 92  ? -13.103 4.023   6.307   0.25 19.70 ? 98  SER B CB  1 
ATOM   810  C CB  B SER A 1 92  ? -13.185 3.745   6.602   0.25 17.53 ? 98  SER B CB  1 
ATOM   811  O OG  A SER A 1 92  ? -13.592 3.297   7.416   0.25 22.43 ? 98  SER B OG  1 
ATOM   812  O OG  B SER A 1 92  ? -14.302 4.592   6.339   0.25 20.08 ? 98  SER B OG  1 
ATOM   813  N N   . LEU A 1 93  ? -10.315 2.945   5.278   1.00 14.65 ? 99  LEU B N   1 
ATOM   814  C CA  . LEU A 1 93  ? -8.993  2.424   5.653   1.00 14.58 ? 99  LEU B CA  1 
ATOM   815  C C   . LEU A 1 93  ? -8.715  2.833   7.083   1.00 14.54 ? 99  LEU B C   1 
ATOM   816  O O   . LEU A 1 93  ? -8.385  3.969   7.370   1.00 16.42 ? 99  LEU B O   1 
ATOM   817  C CB  . LEU A 1 93  ? -7.915  2.967   4.717   1.00 14.79 ? 99  LEU B CB  1 
ATOM   818  C CG  . LEU A 1 93  ? -8.046  2.591   3.257   1.00 15.88 ? 99  LEU B CG  1 
ATOM   819  C CD1 . LEU A 1 93  ? -6.962  3.258   2.426   1.00 16.11 ? 99  LEU B CD1 1 
ATOM   820  C CD2 . LEU A 1 93  ? -7.993  1.088   3.055   1.00 17.62 ? 99  LEU B CD2 1 
ATOM   821  N N   . SER A 1 94  ? -8.742  1.888   8.023   1.00 13.51 ? 100 SER B N   1 
ATOM   822  C CA  . SER A 1 94  ? -8.520  2.145   9.452   1.00 13.90 ? 100 SER B CA  1 
ATOM   823  C C   . SER A 1 94  ? -7.976  0.878   10.071  1.00 12.18 ? 100 SER B C   1 
ATOM   824  O O   . SER A 1 94  ? -8.274  -0.216  9.570   1.00 12.29 ? 100 SER B O   1 
ATOM   825  C CB  . SER A 1 94  ? -9.790  2.540   10.197  1.00 15.55 ? 100 SER B CB  1 
ATOM   826  O OG  . SER A 1 94  ? -10.706 1.462   10.187  1.00 18.98 ? 100 SER B OG  1 
ATOM   827  N N   . PRO A 1 95  ? -7.274  0.976   11.183  1.00 11.95 ? 101 PRO B N   1 
ATOM   828  C CA  . PRO A 1 95  ? -6.847  -0.218  11.910  1.00 13.21 ? 101 PRO B CA  1 
ATOM   829  C C   . PRO A 1 95  ? -8.034  -1.067  12.365  1.00 12.88 ? 101 PRO B C   1 
ATOM   830  O O   . PRO A 1 95  ? -7.903  -2.320  12.298  1.00 14.11 ? 101 PRO B O   1 
ATOM   831  C CB  . PRO A 1 95  ? -5.998  0.321   13.080  1.00 14.08 ? 101 PRO B CB  1 
ATOM   832  C CG  . PRO A 1 95  ? -5.481  1.649   12.538  1.00 14.83 ? 101 PRO B CG  1 
ATOM   833  C CD  . PRO A 1 95  ? -6.641  2.176   11.725  1.00 13.60 ? 101 PRO B CD  1 
ATOM   834  N N   . GLU A 1 96  ? -9.164  -0.449  12.705  1.00 14.54 ? 102 GLU B N   1 
ATOM   835  C CA  . GLU A 1 96  ? -10.374 -1.236  13.097  1.00 17.58 ? 102 GLU B CA  1 
ATOM   836  C C   . GLU A 1 96  ? -10.805 -2.156  11.953  1.00 17.26 ? 102 GLU B C   1 
ATOM   837  O O   . GLU A 1 96  ? -11.340 -3.272  12.200  1.00 19.33 ? 102 GLU B O   1 
ATOM   838  C CB  . GLU A 1 96  ? -11.464 -0.279  13.560  1.00 22.31 ? 102 GLU B CB  1 
ATOM   839  C CG  . GLU A 1 96  ? -10.952 0.666   14.627  1.00 32.12 ? 102 GLU B CG  1 
ATOM   840  C CD  . GLU A 1 96  ? -10.611 2.067   14.138  1.00 38.19 ? 102 GLU B CD  1 
ATOM   841  O OE1 . GLU A 1 96  ? -9.400  2.333   13.797  1.00 25.30 ? 102 GLU B OE1 1 
ATOM   842  O OE2 . GLU A 1 96  ? -11.559 2.921   14.164  1.00 45.42 ? 102 GLU B OE2 1 
ATOM   843  N N   . ASN A 1 97  ? -10.655 -1.738  10.696  1.00 14.63 ? 103 ASN B N   1 
ATOM   844  C CA  . ASN A 1 97  ? -11.017 -2.551  9.519   1.00 14.31 ? 103 ASN B CA  1 
ATOM   845  C C   . ASN A 1 97  ? -9.830  -3.385  9.021   1.00 12.91 ? 103 ASN B C   1 
ATOM   846  O O   . ASN A 1 97  ? -9.995  -4.083  8.034   1.00 14.29 ? 103 ASN B O   1 
ATOM   847  C CB  . ASN A 1 97  ? -11.552 -1.653  8.387   1.00 15.33 ? 103 ASN B CB  1 
ATOM   848  C CG  . ASN A 1 97  ? -12.926 -1.095  8.652   1.00 18.63 ? 103 ASN B CG  1 
ATOM   849  O OD1 . ASN A 1 97  ? -13.668 -1.633  9.496   1.00 20.76 ? 103 ASN B OD1 1 
ATOM   850  N ND2 . ASN A 1 97  ? -13.267 0.016   8.011   1.00 19.57 ? 103 ASN B ND2 1 
ATOM   851  N N   . GLY A 1 98  ? -8.681  -3.394  9.704   1.00 11.55 ? 104 GLY B N   1 
ATOM   852  C CA  . GLY A 1 98  ? -7.558  -4.246  9.315   1.00 11.10 ? 104 GLY B CA  1 
ATOM   853  C C   . GLY A 1 98  ? -6.546  -3.627  8.365   1.00 10.32 ? 104 GLY B C   1 
ATOM   854  O O   . GLY A 1 98  ? -5.831  -4.348  7.701   1.00 11.00 ? 104 GLY B O   1 
ATOM   855  N N   . PHE A 1 99  ? -6.440  -2.287  8.353   1.00 10.83 ? 105 PHE B N   1 
ATOM   856  C CA  . PHE A 1 99  ? -5.484  -1.575  7.468   1.00 10.18 ? 105 PHE B CA  1 
ATOM   857  C C   . PHE A 1 99  ? -4.554  -0.659  8.251   1.00 9.62  ? 105 PHE B C   1 
ATOM   858  O O   . PHE A 1 99  ? -5.083  0.117   9.101   1.00 11.18 ? 105 PHE B O   1 
ATOM   859  C CB  . PHE A 1 99  ? -6.225  -0.702  6.432   1.00 10.73 ? 105 PHE B CB  1 
ATOM   860  C CG  . PHE A 1 99  ? -7.143  -1.475  5.504   1.00 10.61 ? 105 PHE B CG  1 
ATOM   861  C CD1 . PHE A 1 99  ? -8.466  -1.698  5.835   1.00 11.43 ? 105 PHE B CD1 1 
ATOM   862  C CD2 . PHE A 1 99  ? -6.689  -1.932  4.276   1.00 11.21 ? 105 PHE B CD2 1 
ATOM   863  C CE1 . PHE A 1 99  ? -9.293  -2.422  4.993   1.00 12.67 ? 105 PHE B CE1 1 
ATOM   864  C CE2 . PHE A 1 99  ? -7.526  -2.625  3.429   1.00 11.92 ? 105 PHE B CE2 1 
ATOM   865  C CZ  . PHE A 1 99  ? -8.816  -2.848  3.795   1.00 11.24 ? 105 PHE B CZ  1 
ATOM   866  N N   . TRP A 1 100 ? -3.285  -0.644  7.871   1.00 9.06  ? 106 TRP B N   1 
ATOM   867  C CA  . TRP A 1 100 ? -2.256  0.273   8.426   1.00 8.94  ? 106 TRP B CA  1 
ATOM   868  C C   . TRP A 1 100 ? -1.612  0.964   7.236   1.00 8.86  ? 106 TRP B C   1 
ATOM   869  O O   . TRP A 1 100 ? -0.729  0.369   6.581   1.00 9.26  ? 106 TRP B O   1 
ATOM   870  C CB  . TRP A 1 100 ? -1.254  -0.469  9.336   1.00 9.53  ? 106 TRP B CB  1 
ATOM   871  C CG  . TRP A 1 100 ? -1.944  -1.046  10.536  1.00 9.60  ? 106 TRP B CG  1 
ATOM   872  C CD1 . TRP A 1 100 ? -2.086  -0.479  11.772  1.00 10.94 ? 106 TRP B CD1 1 
ATOM   873  C CD2 . TRP A 1 100 ? -2.616  -2.334  10.606  1.00 9.86  ? 106 TRP B CD2 1 
ATOM   874  N NE1 . TRP A 1 100 ? -2.847  -1.305  12.591  1.00 11.05 ? 106 TRP B NE1 1 
ATOM   875  C CE2 . TRP A 1 100 ? -3.180  -2.422  11.891  1.00 10.80 ? 106 TRP B CE2 1 
ATOM   876  C CE3 . TRP A 1 100 ? -2.820  -3.364  9.696   1.00 10.07 ? 106 TRP B CE3 1 
ATOM   877  C CZ2 . TRP A 1 100 ? -3.956  -3.534  12.268  1.00 11.45 ? 106 TRP B CZ2 1 
ATOM   878  C CZ3 . TRP A 1 100 ? -3.564  -4.460  10.096  1.00 12.14 ? 106 TRP B CZ3 1 
ATOM   879  C CH2 . TRP A 1 100 ? -4.118  -4.531  11.344  1.00 11.19 ? 106 TRP B CH2 1 
ATOM   880  N N   . THR A 1 101 ? -2.079  2.184   6.927   1.00 9.49  ? 107 THR B N   1 
ATOM   881  C CA  . THR A 1 101 ? -1.817  2.805   5.611   1.00 9.28  ? 107 THR B CA  1 
ATOM   882  C C   . THR A 1 101 ? -1.574  4.312   5.779   1.00 9.28  ? 107 THR B C   1 
ATOM   883  O O   . THR A 1 101 ? -2.003  4.923   6.753   1.00 9.64  ? 107 THR B O   1 
ATOM   884  C CB  . THR A 1 101 ? -2.991  2.625   4.649   1.00 9.97  ? 107 THR B CB  1 
ATOM   885  O OG1 . THR A 1 101 ? -4.160  3.249   5.156   1.00 11.06 ? 107 THR B OG1 1 
ATOM   886  C CG2 . THR A 1 101 ? -3.237  1.155   4.363   1.00 10.36 ? 107 THR B CG2 1 
ATOM   887  N N   . ILE A 1 102 ? -0.904  4.871   4.777   1.00 9.62  ? 108 ILE B N   1 
ATOM   888  C CA  . ILE A 1 102 ? -0.866  6.347   4.545   1.00 9.18  ? 108 ILE B CA  1 
ATOM   889  C C   . ILE A 1 102 ? -1.339  6.570   3.111   1.00 9.60  ? 108 ILE B C   1 
ATOM   890  O O   . ILE A 1 102 ? -1.339  5.618   2.280   1.00 9.79  ? 108 ILE B O   1 
ATOM   891  C CB  . ILE A 1 102 ? 0.536   6.959   4.792   1.00 10.09 ? 108 ILE B CB  1 
ATOM   892  C CG1 . ILE A 1 102 ? 1.590   6.495   3.782   1.00 10.93 ? 108 ILE B CG1 1 
ATOM   893  C CG2 . ILE A 1 102 ? 0.987   6.628   6.205   1.00 11.04 ? 108 ILE B CG2 1 
ATOM   894  C CD1 . ILE A 1 102 ? 2.909   7.234   3.823   1.00 11.34 ? 108 ILE B CD1 1 
ATOM   895  N N   . TRP A 1 103 ? -1.613  7.824   2.818   1.00 9.71  ? 109 TRP B N   1 
ATOM   896  C CA  . TRP A 1 103 ? -2.097  8.181   1.470   1.00 10.21 ? 109 TRP B CA  1 
ATOM   897  C C   . TRP A 1 103 ? -1.763  9.602   1.119   1.00 10.77 ? 109 TRP B C   1 
ATOM   898  O O   . TRP A 1 103 ? -1.501  10.471  1.966   1.00 10.87 ? 109 TRP B O   1 
ATOM   899  C CB  . TRP A 1 103 ? -3.556  7.905   1.296   1.00 12.17 ? 109 TRP B CB  1 
ATOM   900  C CG  . TRP A 1 103 ? -4.479  8.688   2.137   1.00 13.96 ? 109 TRP B CG  1 
ATOM   901  C CD1 . TRP A 1 103 ? -4.863  9.984   1.961   1.00 14.30 ? 109 TRP B CD1 1 
ATOM   902  C CD2 . TRP A 1 103 ? -5.311  8.142   3.153   1.00 14.82 ? 109 TRP B CD2 1 
ATOM   903  N NE1 . TRP A 1 103 ? -5.856  10.292  2.827   1.00 17.68 ? 109 TRP B NE1 1 
ATOM   904  C CE2 . TRP A 1 103 ? -6.161  9.188   3.569   1.00 15.75 ? 109 TRP B CE2 1 
ATOM   905  C CE3 . TRP A 1 103 ? -5.426  6.869   3.721   1.00 15.97 ? 109 TRP B CE3 1 
ATOM   906  C CZ2 . TRP A 1 103 ? -7.103  9.000   4.574   1.00 19.57 ? 109 TRP B CZ2 1 
ATOM   907  C CZ3 . TRP A 1 103 ? -6.379  6.688   4.689   1.00 17.74 ? 109 TRP B CZ3 1 
ATOM   908  C CH2 . TRP A 1 103 ? -7.199  7.725   5.086   1.00 17.88 ? 109 TRP B CH2 1 
ATOM   909  N N   . LEU A 1 104 ? -1.806  9.848   -0.208  1.00 11.19 ? 110 LEU B N   1 
ATOM   910  C CA  . LEU A 1 104 ? -1.834  11.183  -0.820  1.00 10.82 ? 110 LEU B CA  1 
ATOM   911  C C   . LEU A 1 104 ? -3.206  11.392  -1.438  1.00 10.34 ? 110 LEU B C   1 
ATOM   912  O O   . LEU A 1 104 ? -3.677  10.531  -2.173  1.00 11.16 ? 110 LEU B O   1 
ATOM   913  C CB  . LEU A 1 104 ? -0.785  11.260  -1.898  1.00 11.25 ? 110 LEU B CB  1 
ATOM   914  C CG  . LEU A 1 104 ? -0.781  12.537  -2.759  1.00 11.44 ? 110 LEU B CG  1 
ATOM   915  C CD1 . LEU A 1 104 ? -0.551  13.797  -1.921  1.00 12.86 ? 110 LEU B CD1 1 
ATOM   916  C CD2 . LEU A 1 104 ? 0.208   12.419  -3.902  1.00 13.44 ? 110 LEU B CD2 1 
ATOM   917  N N   . TRP A 1 105 ? -3.798  12.564  -1.199  1.00 11.68 ? 111 TRP B N   1 
ATOM   918  C CA  . TRP A 1 105 ? -5.111  12.921  -1.768  1.00 13.30 ? 111 TRP B CA  1 
ATOM   919  C C   . TRP A 1 105 ? -5.208  14.439  -1.781  1.00 14.32 ? 111 TRP B C   1 
ATOM   920  O O   . TRP A 1 105 ? -5.009  15.086  -0.725  1.00 14.12 ? 111 TRP B O   1 
ATOM   921  C CB  . TRP A 1 105 ? -6.207  12.333  -0.886  1.00 16.84 ? 111 TRP B CB  1 
ATOM   922  C CG  . TRP A 1 105 ? -7.565  12.795  -1.229  1.00 20.87 ? 111 TRP B CG  1 
ATOM   923  C CD1 . TRP A 1 105 ? -8.384  13.653  -0.546  1.00 22.12 ? 111 TRP B CD1 1 
ATOM   924  C CD2 . TRP A 1 105 ? -8.265  12.376  -2.393  1.00 21.18 ? 111 TRP B CD2 1 
ATOM   925  N NE1 . TRP A 1 105 ? -9.560  13.773  -1.222  1.00 21.45 ? 111 TRP B NE1 1 
ATOM   926  C CE2 . TRP A 1 105 ? -9.523  13.013  -2.352  1.00 18.91 ? 111 TRP B CE2 1 
ATOM   927  C CE3 . TRP A 1 105 ? -7.970  11.530  -3.454  1.00 20.37 ? 111 TRP B CE3 1 
ATOM   928  C CZ2 . TRP A 1 105 ? -10.491 12.820  -3.326  1.00 24.25 ? 111 TRP B CZ2 1 
ATOM   929  C CZ3 . TRP A 1 105 ? -8.907  11.381  -4.450  1.00 25.91 ? 111 TRP B CZ3 1 
ATOM   930  C CH2 . TRP A 1 105 ? -10.132 12.049  -4.409  1.00 25.88 ? 111 TRP B CH2 1 
ATOM   931  N N   . GLN A 1 106 ? -5.449  15.021  -2.971  1.00 13.30 ? 112 GLN B N   1 
ATOM   932  C CA  . GLN A 1 106 ? -5.678  16.502  -3.067  1.00 13.93 ? 112 GLN B CA  1 
ATOM   933  C C   . GLN A 1 106 ? -4.566  17.256  -2.378  1.00 14.79 ? 112 GLN B C   1 
ATOM   934  O O   . GLN A 1 106 ? -4.855  18.226  -1.592  1.00 16.25 ? 112 GLN B O   1 
ATOM   935  C CB  . GLN A 1 106 ? -7.075  16.831  -2.556  1.00 15.58 ? 112 GLN B CB  1 
ATOM   936  C CG  . GLN A 1 106 ? -8.149  16.152  -3.378  1.00 17.30 ? 112 GLN B CG  1 
ATOM   937  C CD  . GLN A 1 106 ? -9.565  16.607  -3.135  1.00 18.80 ? 112 GLN B CD  1 
ATOM   938  O OE1 . GLN A 1 106 ? -10.485 16.304  -3.929  1.00 22.01 ? 112 GLN B OE1 1 
ATOM   939  N NE2 . GLN A 1 106 ? -9.757  17.362  -2.064  1.00 17.41 ? 112 GLN B NE2 1 
ATOM   940  N N   . ASP A 1 107 ? -3.344  16.944  -2.721  1.00 15.40 ? 113 ASP B N   1 
ATOM   941  C CA  . ASP A 1 107 ? -2.157  17.711  -2.310  1.00 20.36 ? 113 ASP B CA  1 
ATOM   942  C C   . ASP A 1 107 ? -1.891  17.626  -0.798  1.00 21.22 ? 113 ASP B C   1 
ATOM   943  O O   . ASP A 1 107 ? -0.933  18.323  -0.358  1.00 26.90 ? 113 ASP B O   1 
ATOM   944  C CB  . ASP A 1 107 ? -2.375  19.180  -2.704  1.00 25.58 ? 113 ASP B CB  1 
ATOM   945  C CG  . ASP A 1 107 ? -1.127  19.967  -2.970  1.00 35.77 ? 113 ASP B CG  1 
ATOM   946  O OD1 . ASP A 1 107 ? -0.079  19.359  -3.317  1.00 40.31 ? 113 ASP B OD1 1 
ATOM   947  O OD2 . ASP A 1 107 ? -1.240  21.222  -2.874  1.00 51.27 ? 113 ASP B OD2 1 
ATOM   948  N N   . SER A 1 108 ? -2.538  16.727  -0.060  1.00 16.33 ? 114 SER B N   1 
ATOM   949  C CA  . SER A 1 108 ? -2.211  16.478  1.375   1.00 16.64 ? 114 SER B CA  1 
ATOM   950  C C   . SER A 1 108 ? -1.891  15.005  1.612   1.00 14.52 ? 114 SER B C   1 
ATOM   951  O O   . SER A 1 108 ? -2.520  14.086  0.997   1.00 14.56 ? 114 SER B O   1 
ATOM   952  C CB  . SER A 1 108 ? -3.259  17.035  2.269   1.00 23.30 ? 114 SER B CB  1 
ATOM   953  O OG  . SER A 1 108 ? -4.424  16.268  2.276   1.00 32.69 ? 114 SER B OG  1 
ATOM   954  N N   . TYR A 1 109 ? -0.989  14.770  2.533   1.00 12.94 ? 115 TYR B N   1 
ATOM   955  C CA  . TYR A 1 109 ? -0.636  13.394  2.983   1.00 12.34 ? 115 TYR B CA  1 
ATOM   956  C C   . TYR A 1 109 ? -1.283  13.140  4.327   1.00 11.73 ? 115 TYR B C   1 
ATOM   957  O O   . TYR A 1 109 ? -1.254  14.015  5.203   1.00 12.70 ? 115 TYR B O   1 
ATOM   958  C CB  . TYR A 1 109 ? 0.867   13.235  3.053   1.00 12.22 ? 115 TYR B CB  1 
ATOM   959  C CG  . TYR A 1 109 ? 1.604   13.428  1.737   1.00 13.08 ? 115 TYR B CG  1 
ATOM   960  C CD1 . TYR A 1 109 ? 2.065   14.675  1.352   1.00 14.35 ? 115 TYR B CD1 1 
ATOM   961  C CD2 . TYR A 1 109 ? 1.879   12.360  0.906   1.00 12.67 ? 115 TYR B CD2 1 
ATOM   962  C CE1 . TYR A 1 109 ? 2.786   14.833  0.168   1.00 14.59 ? 115 TYR B CE1 1 
ATOM   963  C CE2 . TYR A 1 109 ? 2.554   12.510  -0.296  1.00 13.34 ? 115 TYR B CE2 1 
ATOM   964  C CZ  . TYR A 1 109 ? 3.016   13.756  -0.656  1.00 13.63 ? 115 TYR B CZ  1 
ATOM   965  O OH  . TYR A 1 109 ? 3.642   13.965  -1.862  1.00 15.31 ? 115 TYR B OH  1 
ATOM   966  N N   A GLU A 1 110 ? -1.899  11.964  4.502   0.25 11.80 ? 116 GLU B N   1 
ATOM   967  N N   B GLU A 1 110 ? -1.898  11.960  4.477   0.25 11.47 ? 116 GLU B N   1 
ATOM   968  C CA  A GLU A 1 110 ? -2.611  11.608  5.761   0.25 12.34 ? 116 GLU B CA  1 
ATOM   969  C CA  B GLU A 1 110 ? -2.647  11.552  5.697   0.25 11.78 ? 116 GLU B CA  1 
ATOM   970  C C   A GLU A 1 110 ? -2.386  10.133  6.110   0.25 10.63 ? 116 GLU B C   1 
ATOM   971  C C   B GLU A 1 110 ? -2.217  10.137  6.110   0.25 10.13 ? 116 GLU B C   1 
ATOM   972  O O   A GLU A 1 110 ? -2.314  9.294   5.209   0.25 10.89 ? 116 GLU B O   1 
ATOM   973  O O   B GLU A 1 110 ? -1.750  9.353   5.260   0.25 9.40  ? 116 GLU B O   1 
ATOM   974  C CB  A GLU A 1 110 ? -4.102  11.917  5.664   0.25 14.15 ? 116 GLU B CB  1 
ATOM   975  C CB  B GLU A 1 110 ? -4.158  11.601  5.470   0.25 13.26 ? 116 GLU B CB  1 
ATOM   976  C CG  A GLU A 1 110 ? -4.380  13.382  5.345   0.25 16.13 ? 116 GLU B CG  1 
ATOM   977  C CG  B GLU A 1 110 ? -4.671  12.971  5.037   0.25 15.43 ? 116 GLU B CG  1 
ATOM   978  C CD  A GLU A 1 110 ? -5.850  13.669  5.111   0.25 18.81 ? 116 GLU B CD  1 
ATOM   979  C CD  B GLU A 1 110 ? -4.868  13.982  6.163   0.25 16.93 ? 116 GLU B CD  1 
ATOM   980  O OE1 A GLU A 1 110 ? -6.517  12.821  4.494   0.25 20.55 ? 116 GLU B OE1 1 
ATOM   981  O OE1 B GLU A 1 110 ? -4.962  13.574  7.330   0.25 21.80 ? 116 GLU B OE1 1 
ATOM   982  O OE2 A GLU A 1 110 ? -6.332  14.737  5.553   0.25 19.16 ? 116 GLU B OE2 1 
ATOM   983  O OE2 B GLU A 1 110 ? -4.978  15.171  5.854   0.25 23.53 ? 116 GLU B OE2 1 
ATOM   984  N N   . ALA A 1 111 ? -2.312  9.846   7.414   1.00 10.43 ? 117 ALA B N   1 
ATOM   985  C CA  . ALA A 1 111 ? -2.276  8.469   7.912   1.00 10.36 ? 117 ALA B CA  1 
ATOM   986  C C   . ALA A 1 111 ? -3.702  7.994   8.123   1.00 11.20 ? 117 ALA B C   1 
ATOM   987  O O   . ALA A 1 111 ? -4.588  8.730   8.614   1.00 11.22 ? 117 ALA B O   1 
ATOM   988  C CB  . ALA A 1 111 ? -1.476  8.340   9.198   1.00 11.11 ? 117 ALA B CB  1 
ATOM   989  N N   . GLY A 1 112 ? -3.951  6.730   7.742   1.00 11.23 ? 118 GLY B N   1 
ATOM   990  C CA  . GLY A 1 112 ? -5.260  6.064   7.825   1.00 12.73 ? 118 GLY B CA  1 
ATOM   991  C C   . GLY A 1 112 ? -5.624  5.643   9.224   1.00 12.91 ? 118 GLY B C   1 
ATOM   992  O O   . GLY A 1 112 ? -5.925  4.509   9.485   1.00 14.57 ? 118 GLY B O   1 
ATOM   993  N N   . THR A 1 113 ? -5.604  6.546   10.175  1.00 14.50 ? 119 THR B N   1 
ATOM   994  C CA  . THR A 1 113 ? -6.259  6.376   11.479  1.00 16.07 ? 119 THR B CA  1 
ATOM   995  C C   . THR A 1 113 ? -7.743  6.725   11.365  1.00 16.45 ? 119 THR B C   1 
ATOM   996  O O   . THR A 1 113 ? -8.149  7.242   10.342  1.00 18.38 ? 119 THR B O   1 
ATOM   997  C CB  . THR A 1 113 ? -5.523  7.251   12.470  1.00 13.56 ? 119 THR B CB  1 
ATOM   998  O OG1 . THR A 1 113 ? -5.462  8.617   11.990  1.00 13.90 ? 119 THR B OG1 1 
ATOM   999  C CG2 . THR A 1 113 ? -4.114  6.820   12.743  1.00 15.59 ? 119 THR B CG2 1 
ATOM   1000 N N   . SER A 1 114 ? -8.518  6.483   12.427  1.00 19.52 ? 120 SER B N   1 
ATOM   1001 C CA  . SER A 1 114 ? -9.937  6.875   12.438  1.00 22.46 ? 120 SER B CA  1 
ATOM   1002 C C   . SER A 1 114 ? -10.207 7.834   13.599  1.00 24.73 ? 120 SER B C   1 
ATOM   1003 O O   . SER A 1 114 ? -10.108 7.433   14.766  1.00 25.63 ? 120 SER B O   1 
ATOM   1004 C CB  . SER A 1 114 ? -10.818 5.650   12.511  1.00 27.89 ? 120 SER B CB  1 
ATOM   1005 O OG  . SER A 1 114 ? -12.177 6.065   12.443  1.00 31.13 ? 120 SER B OG  1 
ATOM   1006 N N   . PRO A 1 115 ? -10.378 9.148   13.342  1.00 21.84 ? 121 PRO B N   1 
ATOM   1007 C CA  . PRO A 1 115 ? -10.304 9.743   12.018  1.00 22.17 ? 121 PRO B CA  1 
ATOM   1008 C C   . PRO A 1 115 ? -8.846  9.949   11.549  1.00 18.33 ? 121 PRO B C   1 
ATOM   1009 O O   . PRO A 1 115 ? -7.919  9.752   12.303  1.00 16.87 ? 121 PRO B O   1 
ATOM   1010 C CB  . PRO A 1 115 ? -10.972 11.103  12.213  1.00 24.53 ? 121 PRO B CB  1 
ATOM   1011 C CG  . PRO A 1 115 ? -10.593 11.484  13.632  1.00 24.71 ? 121 PRO B CG  1 
ATOM   1012 C CD  . PRO A 1 115 ? -10.546 10.172  14.404  1.00 23.41 ? 121 PRO B CD  1 
ATOM   1013 N N   . GLN A 1 116 ? -8.682  10.310  10.290  1.00 17.46 ? 122 GLN B N   1 
ATOM   1014 C CA  . GLN A 1 116 ? -7.359  10.400  9.631   1.00 16.26 ? 122 GLN B CA  1 
ATOM   1015 C C   . GLN A 1 116 ? -6.476  11.461  10.315  1.00 13.70 ? 122 GLN B C   1 
ATOM   1016 O O   . GLN A 1 116 ? -7.013  12.453  10.862  1.00 15.94 ? 122 GLN B O   1 
ATOM   1017 C CB  . GLN A 1 116 ? -7.478  10.610  8.115   1.00 20.96 ? 122 GLN B CB  1 
ATOM   1018 C CG  . GLN A 1 116 ? -7.796  12.017  7.665   1.00 27.45 ? 122 GLN B CG  1 
ATOM   1019 C CD  . GLN A 1 116 ? -9.214  12.121  7.184   1.00 40.58 ? 122 GLN B CD  1 
ATOM   1020 O OE1 . GLN A 1 116 ? -10.146 11.615  7.822   1.00 47.64 ? 122 GLN B OE1 1 
ATOM   1021 N NE2 . GLN A 1 116 ? -9.373  12.825  6.077   1.00 48.22 ? 122 GLN B NE2 1 
ATOM   1022 N N   . THR A 1 117 ? -5.177  11.265  10.223  1.00 12.23 ? 123 THR B N   1 
ATOM   1023 C CA  . THR A 1 117 ? -4.167  12.141  10.840  1.00 11.90 ? 123 THR B CA  1 
ATOM   1024 C C   . THR A 1 117 ? -3.393  12.865  9.751   1.00 12.14 ? 123 THR B C   1 
ATOM   1025 O O   . THR A 1 117 ? -2.773  12.226  8.896   1.00 13.10 ? 123 THR B O   1 
ATOM   1026 C CB  . THR A 1 117 ? -3.249  11.306  11.744  1.00 11.81 ? 123 THR B CB  1 
ATOM   1027 O OG1 . THR A 1 117 ? -4.047  10.693  12.747  1.00 13.51 ? 123 THR B OG1 1 
ATOM   1028 C CG2 . THR A 1 117 ? -2.192  12.188  12.371  1.00 13.29 ? 123 THR B CG2 1 
ATOM   1029 N N   . THR A 1 118 ? -3.270  14.187  9.857   1.00 12.61 ? 124 THR B N   1 
ATOM   1030 C CA  . THR A 1 118 ? -2.440  15.013  8.969   1.00 13.58 ? 124 THR B CA  1 
ATOM   1031 C C   . THR A 1 118 ? -0.974  14.678  9.098   1.00 12.86 ? 124 THR B C   1 
ATOM   1032 O O   . THR A 1 118 ? -0.463  14.617  10.278  1.00 15.84 ? 124 THR B O   1 
ATOM   1033 C CB  . THR A 1 118 ? -2.683  16.487  9.359   1.00 16.49 ? 124 THR B CB  1 
ATOM   1034 O OG1 . THR A 1 118 ? -4.051  16.763  9.092   1.00 20.14 ? 124 THR B OG1 1 
ATOM   1035 C CG2 . THR A 1 118 ? -1.726  17.412  8.653   1.00 19.72 ? 124 THR B CG2 1 
ATOM   1036 N N   . LEU A 1 119 ? -0.266  14.460  7.993   1.00 12.29 ? 125 LEU B N   1 
ATOM   1037 C CA  . LEU A 1 119 ? 1.171   14.203  7.964   1.00 11.42 ? 125 LEU B CA  1 
ATOM   1038 C C   . LEU A 1 119 ? 1.862   15.527  7.629   1.00 14.36 ? 125 LEU B C   1 
ATOM   1039 O O   . LEU A 1 119 ? 1.210   16.420  7.052   1.00 19.22 ? 125 LEU B O   1 
ATOM   1040 C CB  . LEU A 1 119 ? 1.563   13.097  6.972   1.00 12.36 ? 125 LEU B CB  1 
ATOM   1041 C CG  . LEU A 1 119 ? 0.909   11.746  7.281   1.00 12.01 ? 125 LEU B CG  1 
ATOM   1042 C CD1 . LEU A 1 119 ? 1.212   10.725  6.195   1.00 12.32 ? 125 LEU B CD1 1 
ATOM   1043 C CD2 . LEU A 1 119 ? 1.312   11.230  8.669   1.00 12.98 ? 125 LEU B CD2 1 
ATOM   1044 N N   . HIS A 1 120 ? 3.097   15.675  8.032   1.00 13.92 ? 126 HIS B N   1 
ATOM   1045 C CA  . HIS A 1 120 ? 3.898   16.913  7.827   1.00 15.04 ? 126 HIS B CA  1 
ATOM   1046 C C   . HIS A 1 120 ? 5.083   16.498  6.979   1.00 15.18 ? 126 HIS B C   1 
ATOM   1047 O O   . HIS A 1 120 ? 6.069   15.958  7.556   1.00 21.98 ? 126 HIS B O   1 
ATOM   1048 C CB  . HIS A 1 120 ? 4.298   17.517  9.197   1.00 16.78 ? 126 HIS B CB  1 
ATOM   1049 C CG  . HIS A 1 120 ? 3.140   17.889  10.089  1.00 18.29 ? 126 HIS B CG  1 
ATOM   1050 N ND1 . HIS A 1 120 ? 2.627   17.028  11.075  1.00 24.61 ? 126 HIS B ND1 1 
ATOM   1051 C CD2 . HIS A 1 120 ? 2.369   18.986  10.130  1.00 23.39 ? 126 HIS B CD2 1 
ATOM   1052 C CE1 . HIS A 1 120 ? 1.574   17.606  11.654  1.00 24.33 ? 126 HIS B CE1 1 
ATOM   1053 N NE2 . HIS A 1 120 ? 1.451   18.818  11.156  1.00 22.00 ? 126 HIS B NE2 1 
ATOM   1054 N N   . ILE A 1 121 ? 5.009   16.607  5.682   1.00 18.23 ? 127 ILE B N   1 
ATOM   1055 C CA  . ILE A 1 121 ? 6.121   16.191  4.794   1.00 19.44 ? 127 ILE B CA  1 
ATOM   1056 C C   . ILE A 1 121 ? 6.604   17.464  4.027   1.00 20.89 ? 127 ILE B C   1 
ATOM   1057 O O   . ILE A 1 121 ? 5.810   18.136  3.395   1.00 28.58 ? 127 ILE B O   1 
ATOM   1058 C CB  . ILE A 1 121 ? 5.684   15.012  3.886   1.00 20.44 ? 127 ILE B CB  1 
ATOM   1059 C CG1 . ILE A 1 121 ? 4.987   13.860  4.629   1.00 18.70 ? 127 ILE B CG1 1 
ATOM   1060 C CG2 . ILE A 1 121 ? 6.929   14.481  3.184   1.00 24.16 ? 127 ILE B CG2 1 
ATOM   1061 C CD1 . ILE A 1 121 ? 4.625   12.684  3.719   1.00 19.50 ? 127 ILE B CD1 1 
ATOM   1062 N N   . GLN A 1 122 ? 7.857   17.834  4.232   1.00 26.82 ? 128 GLN B N   1 
ATOM   1063 C CA  . GLN A 1 122 ? 8.434   19.069  3.605   1.00 30.40 ? 128 GLN B CA  1 
ATOM   1064 C C   . GLN A 1 122 ? 8.895   18.751  2.175   1.00 26.47 ? 128 GLN B C   1 
ATOM   1065 O O   . GLN A 1 122 ? 8.709   19.631  1.274   1.00 27.47 ? 128 GLN B O   1 
ATOM   1066 C CB  . GLN A 1 122 ? 9.568   19.615  4.485   1.00 33.89 ? 128 GLN B CB  1 
ATOM   1067 C CG  . GLN A 1 122 ? 10.344  20.794  3.875   1.00 43.13 ? 128 GLN B CG  1 
ATOM   1068 C CD  . GLN A 1 122 ? 9.543   22.070  3.681   1.00 47.13 ? 128 GLN B CD  1 
ATOM   1069 O OE1 . GLN A 1 122 ? 8.548   22.330  4.356   1.00 52.79 ? 128 GLN B OE1 1 
ATOM   1070 N NE2 . GLN A 1 122 ? 9.980   22.903  2.747   1.00 51.15 ? 128 GLN B NE2 1 
ATOM   1071 N N   . VAL A 1 123 ? 9.376   17.531  1.943   1.00 22.19 ? 129 VAL B N   1 
ATOM   1072 C CA  . VAL A 1 123 ? 9.916   17.085  0.618   1.00 19.82 ? 129 VAL B CA  1 
ATOM   1073 C C   . VAL A 1 123 ? 8.962   16.048  0.027   1.00 19.98 ? 129 VAL B C   1 
ATOM   1074 O O   . VAL A 1 123 ? 8.925   14.934  0.548   1.00 19.15 ? 129 VAL B O   1 
ATOM   1075 C CB  . VAL A 1 123 ? 11.336  16.515  0.774   1.00 21.81 ? 129 VAL B CB  1 
ATOM   1076 C CG1 . VAL A 1 123 ? 11.914  15.930  -0.529  1.00 22.22 ? 129 VAL B CG1 1 
ATOM   1077 C CG2 . VAL A 1 123 ? 12.295  17.561  1.345   1.00 25.43 ? 129 VAL B CG2 1 
ATOM   1078 N N   . PRO A 1 124 ? 8.080   16.374  -0.946  1.00 19.39 ? 130 PRO B N   1 
ATOM   1079 C CA  . PRO A 1 124 ? 7.136   15.389  -1.489  1.00 18.69 ? 130 PRO B CA  1 
ATOM   1080 C C   . PRO A 1 124 ? 7.882   14.141  -1.911  1.00 17.74 ? 130 PRO B C   1 
ATOM   1081 O O   . PRO A 1 124 ? 8.834   14.185  -2.660  1.00 17.71 ? 130 PRO B O   1 
ATOM   1082 C CB  . PRO A 1 124 ? 6.537   16.137  -2.702  1.00 23.19 ? 130 PRO B CB  1 
ATOM   1083 C CG  . PRO A 1 124 ? 6.562   17.603  -2.215  1.00 22.48 ? 130 PRO B CG  1 
ATOM   1084 C CD  . PRO A 1 124 ? 7.894   17.716  -1.551  1.00 23.10 ? 130 PRO B CD  1 
ATOM   1085 N N   . PRO A 1 125 ? 7.536   12.942  -1.386  1.00 15.13 ? 131 PRO B N   1 
ATOM   1086 C CA  . PRO A 1 125 ? 8.279   11.736  -1.686  1.00 14.84 ? 131 PRO B CA  1 
ATOM   1087 C C   . PRO A 1 125 ? 8.046   11.206  -3.101  1.00 14.26 ? 131 PRO B C   1 
ATOM   1088 O O   . PRO A 1 125 ? 6.902   11.199  -3.545  1.00 15.67 ? 131 PRO B O   1 
ATOM   1089 C CB  . PRO A 1 125 ? 7.811   10.747  -0.591  1.00 15.75 ? 131 PRO B CB  1 
ATOM   1090 C CG  . PRO A 1 125 ? 6.522   11.291  -0.105  1.00 17.96 ? 131 PRO B CG  1 
ATOM   1091 C CD  . PRO A 1 125 ? 6.546   12.775  -0.310  1.00 16.93 ? 131 PRO B CD  1 
ATOM   1092 N N   . CYS A 1 126 ? 9.120   10.759  -3.731  1.00 14.76 ? 132 CYS B N   1 
ATOM   1093 C CA  . CYS A 1 126 ? 8.998   9.963   -4.977  1.00 15.86 ? 132 CYS B CA  1 
ATOM   1094 C C   . CYS A 1 126 ? 9.101   8.466   -4.664  1.00 14.29 ? 132 CYS B C   1 
ATOM   1095 O O   . CYS A 1 126 ? 8.681   7.644   -5.472  1.00 13.74 ? 132 CYS B O   1 
ATOM   1096 C CB  . CYS A 1 126 ? 10.034  10.321  -6.017  1.00 18.28 ? 132 CYS B CB  1 
ATOM   1097 S SG  . CYS A 1 126 ? 9.919   12.050  -6.549  1.00 26.68 ? 132 CYS B SG  1 
ATOM   1098 N N   A GLN A 1 127 ? 9.705   8.082   -3.528  0.25 14.30 ? 133 GLN B N   1 
ATOM   1099 N N   B GLN A 1 127 ? 9.607   8.145   -3.472  0.25 14.67 ? 133 GLN B N   1 
ATOM   1100 C CA  A GLN A 1 127 ? 9.727   6.661   -3.066  0.25 14.86 ? 133 GLN B CA  1 
ATOM   1101 C CA  B GLN A 1 127 ? 9.776   6.749   -3.005  0.25 15.80 ? 133 GLN B CA  1 
ATOM   1102 C C   A GLN A 1 127 ? 9.524   6.610   -1.545  0.25 14.24 ? 133 GLN B C   1 
ATOM   1103 C C   B GLN A 1 127 ? 9.409   6.704   -1.515  0.25 14.82 ? 133 GLN B C   1 
ATOM   1104 O O   A GLN A 1 127 ? 10.143  7.415   -0.813  0.25 12.39 ? 133 GLN B O   1 
ATOM   1105 O O   B GLN A 1 127 ? 9.699   7.674   -0.770  0.25 13.01 ? 133 GLN B O   1 
ATOM   1106 C CB  A GLN A 1 127 ? 11.013  5.890   -3.391  0.25 16.49 ? 133 GLN B CB  1 
ATOM   1107 C CB  B GLN A 1 127 ? 11.187  6.242   -3.308  0.25 18.44 ? 133 GLN B CB  1 
ATOM   1108 C CG  A GLN A 1 127 ? 11.320  5.729   -4.872  0.25 18.31 ? 133 GLN B CG  1 
ATOM   1109 C CG  B GLN A 1 127 ? 11.483  6.118   -4.794  0.25 20.78 ? 133 GLN B CG  1 
ATOM   1110 C CD  A GLN A 1 127 ? 12.183  6.871   -5.348  0.25 19.89 ? 133 GLN B CD  1 
ATOM   1111 C CD  B GLN A 1 127 ? 12.765  5.383   -5.097  0.25 22.11 ? 133 GLN B CD  1 
ATOM   1112 O OE1 A GLN A 1 127 ? 12.987  7.409   -4.590  0.25 20.59 ? 133 GLN B OE1 1 
ATOM   1113 O OE1 B GLN A 1 127 ? 13.395  4.789   -4.225  0.25 25.63 ? 133 GLN B OE1 1 
ATOM   1114 N NE2 A GLN A 1 127 ? 12.002  7.263   -6.602  0.25 20.63 ? 133 GLN B NE2 1 
ATOM   1115 N NE2 B GLN A 1 127 ? 13.164  5.431   -6.351  0.25 24.97 ? 133 GLN B NE2 1 
ATOM   1116 N N   . ILE A 1 128 ? 8.696   5.644   -1.128  1.00 13.42 ? 134 ILE B N   1 
ATOM   1117 C CA  . ILE A 1 128 ? 8.222   5.443   0.265   1.00 12.98 ? 134 ILE B CA  1 
ATOM   1118 C C   . ILE A 1 128 ? 8.815   4.105   0.711   1.00 13.19 ? 134 ILE B C   1 
ATOM   1119 O O   . ILE A 1 128 ? 8.682   3.070   0.017   1.00 12.01 ? 134 ILE B O   1 
ATOM   1120 C CB  . ILE A 1 128 ? 6.693   5.411   0.312   1.00 13.72 ? 134 ILE B CB  1 
ATOM   1121 C CG1 . ILE A 1 128 ? 5.988   6.681   -0.206  1.00 16.74 ? 134 ILE B CG1 1 
ATOM   1122 C CG2 . ILE A 1 128 ? 6.248   5.039   1.733   1.00 13.58 ? 134 ILE B CG2 1 
ATOM   1123 C CD1 . ILE A 1 128 ? 6.121   7.801   0.682   1.00 16.74 ? 134 ILE B CD1 1 
ATOM   1124 N N   . GLY A 1 129 ? 9.408   4.077   1.904   1.00 12.02 ? 135 GLY B N   1 
ATOM   1125 C CA  . GLY A 1 129 ? 9.809   2.835   2.568   1.00 12.25 ? 135 GLY B CA  1 
ATOM   1126 C C   . GLY A 1 129 ? 8.807   2.436   3.642   1.00 11.93 ? 135 GLY B C   1 
ATOM   1127 O O   . GLY A 1 129 ? 8.257   3.283   4.329   1.00 12.24 ? 135 GLY B O   1 
ATOM   1128 N N   . ILE A 1 130 ? 8.466   1.146   3.643   1.00 12.05 ? 136 ILE B N   1 
ATOM   1129 C CA  . ILE A 1 130 ? 7.483   0.571   4.601   1.00 11.58 ? 136 ILE B CA  1 
ATOM   1130 C C   . ILE A 1 130 ? 8.164   -0.500  5.430   1.00 12.03 ? 136 ILE B C   1 
ATOM   1131 O O   . ILE A 1 130 ? 8.766   -1.428  4.883   1.00 12.55 ? 136 ILE B O   1 
ATOM   1132 C CB  . ILE A 1 130 ? 6.263   -0.011  3.859   1.00 12.46 ? 136 ILE B CB  1 
ATOM   1133 C CG1 . ILE A 1 130 ? 5.632   1.082   3.005   1.00 14.39 ? 136 ILE B CG1 1 
ATOM   1134 C CG2 . ILE A 1 130 ? 5.249   -0.650  4.814   1.00 13.33 ? 136 ILE B CG2 1 
ATOM   1135 C CD1 . ILE A 1 130 ? 4.582   0.617   2.138   1.00 17.37 ? 136 ILE B CD1 1 
ATOM   1136 N N   . PHE A 1 131 ? 8.101   -0.316  6.727   1.00 11.93 ? 137 PHE B N   1 
ATOM   1137 C CA  . PHE A 1 131 ? 8.745   -1.235  7.702   1.00 11.43 ? 137 PHE B CA  1 
ATOM   1138 C C   . PHE A 1 131 ? 7.669   -1.811  8.605   1.00 11.21 ? 137 PHE B C   1 
ATOM   1139 O O   . PHE A 1 131 ? 6.858   -1.081  9.177   1.00 11.69 ? 137 PHE B O   1 
ATOM   1140 C CB  . PHE A 1 131 ? 9.742   -0.489  8.575   1.00 12.63 ? 137 PHE B CB  1 
ATOM   1141 C CG  . PHE A 1 131 ? 10.376  -1.320  9.667   1.00 13.48 ? 137 PHE B CG  1 
ATOM   1142 C CD1 . PHE A 1 131 ? 11.224  -2.357  9.341   1.00 15.69 ? 137 PHE B CD1 1 
ATOM   1143 C CD2 . PHE A 1 131 ? 10.126  -1.079  11.008  1.00 15.66 ? 137 PHE B CD2 1 
ATOM   1144 C CE1 . PHE A 1 131 ? 11.833  -3.111  10.344  1.00 18.94 ? 137 PHE B CE1 1 
ATOM   1145 C CE2 . PHE A 1 131 ? 10.708  -1.858  12.009  1.00 17.68 ? 137 PHE B CE2 1 
ATOM   1146 C CZ  . PHE A 1 131 ? 11.555  -2.871  11.663  1.00 16.84 ? 137 PHE B CZ  1 
ATOM   1147 N N   . VAL A 1 132 ? 7.648   -3.137  8.736   1.00 11.76 ? 138 VAL B N   1 
ATOM   1148 C CA  . VAL A 1 132 ? 6.734   -3.867  9.645   1.00 12.16 ? 138 VAL B CA  1 
ATOM   1149 C C   . VAL A 1 132 ? 7.561   -4.677  10.649  1.00 11.74 ? 138 VAL B C   1 
ATOM   1150 O O   . VAL A 1 132 ? 8.413   -5.451  10.250  1.00 13.53 ? 138 VAL B O   1 
ATOM   1151 C CB  . VAL A 1 132 ? 5.765   -4.766  8.874   1.00 12.12 ? 138 VAL B CB  1 
ATOM   1152 C CG1 . VAL A 1 132 ? 4.851   -5.512  9.831   1.00 14.29 ? 138 VAL B CG1 1 
ATOM   1153 C CG2 . VAL A 1 132 ? 4.976   -3.965  7.845   1.00 13.59 ? 138 VAL B CG2 1 
ATOM   1154 N N   . ASP A 1 133 ? 7.315   -4.443  11.917  1.00 11.86 ? 139 ASP B N   1 
ATOM   1155 C CA  . ASP A 1 133 ? 7.842   -5.328  12.997  1.00 13.73 ? 139 ASP B CA  1 
ATOM   1156 C C   . ASP A 1 133 ? 6.637   -6.047  13.595  1.00 11.44 ? 139 ASP B C   1 
ATOM   1157 O O   . ASP A 1 133 ? 5.867   -5.457  14.348  1.00 12.19 ? 139 ASP B O   1 
ATOM   1158 C CB  . ASP A 1 133 ? 8.678   -4.556  13.994  1.00 12.87 ? 139 ASP B CB  1 
ATOM   1159 C CG  . ASP A 1 133 ? 9.307   -5.430  15.082  1.00 16.59 ? 139 ASP B CG  1 
ATOM   1160 O OD1 . ASP A 1 133 ? 8.775   -6.542  15.366  1.00 17.59 ? 139 ASP B OD1 1 
ATOM   1161 O OD2 . ASP A 1 133 ? 10.271  -4.900  15.676  1.00 21.23 ? 139 ASP B OD2 1 
ATOM   1162 N N   . TYR A 1 134 ? 6.458   -7.325  13.233  1.00 13.57 ? 140 TYR B N   1 
ATOM   1163 C CA  . TYR A 1 134 ? 5.244   -8.069  13.642  1.00 12.90 ? 140 TYR B CA  1 
ATOM   1164 C C   . TYR A 1 134 ? 5.142   -8.221  15.169  1.00 14.47 ? 140 TYR B C   1 
ATOM   1165 O O   . TYR A 1 134 ? 4.154   -7.873  15.789  1.00 15.98 ? 140 TYR B O   1 
ATOM   1166 C CB  . TYR A 1 134 ? 5.182   -9.431  12.939  1.00 13.69 ? 140 TYR B CB  1 
ATOM   1167 C CG  . TYR A 1 134 ? 3.782   -10.002 12.983  1.00 13.14 ? 140 TYR B CG  1 
ATOM   1168 C CD1 . TYR A 1 134 ? 3.239   -10.511 14.154  1.00 14.02 ? 140 TYR B CD1 1 
ATOM   1169 C CD2 . TYR A 1 134 ? 2.925   -9.896  11.888  1.00 13.48 ? 140 TYR B CD2 1 
ATOM   1170 C CE1 . TYR A 1 134 ? 1.943   -10.962 14.213  1.00 13.69 ? 140 TYR B CE1 1 
ATOM   1171 C CE2 . TYR A 1 134 ? 1.617   -10.355 11.940  1.00 13.43 ? 140 TYR B CE2 1 
ATOM   1172 C CZ  . TYR A 1 134 ? 1.109   -10.894 13.108  1.00 13.24 ? 140 TYR B CZ  1 
ATOM   1173 O OH  . TYR A 1 134 ? -0.192  -11.296 13.236  1.00 13.52 ? 140 TYR B OH  1 
ATOM   1174 N N   . GLU A 1 135 ? 6.241   -8.633  15.759  1.00 16.17 ? 141 GLU B N   1 
ATOM   1175 C CA  . GLU A 1 135 ? 6.245   -8.906  17.216  1.00 16.90 ? 141 GLU B CA  1 
ATOM   1176 C C   . GLU A 1 135 ? 6.052   -7.627  18.008  1.00 16.43 ? 141 GLU B C   1 
ATOM   1177 O O   . GLU A 1 135 ? 5.303   -7.636  18.985  1.00 19.90 ? 141 GLU B O   1 
ATOM   1178 C CB  . GLU A 1 135 ? 7.519   -9.619  17.617  1.00 19.23 ? 141 GLU B CB  1 
ATOM   1179 C CG  . GLU A 1 135 ? 7.384   -11.127 17.404  1.00 26.27 ? 141 GLU B CG  1 
ATOM   1180 C CD  . GLU A 1 135 ? 7.385   -11.490 15.960  1.00 28.83 ? 141 GLU B CD  1 
ATOM   1181 O OE1 . GLU A 1 135 ? 6.752   -12.442 15.636  1.00 24.36 ? 141 GLU B OE1 1 
ATOM   1182 O OE2 . GLU A 1 135 ? 8.039   -10.767 15.156  1.00 30.11 ? 141 GLU B OE2 1 
ATOM   1183 N N   . ALA A 1 136 ? 6.666   -6.519  17.599  1.00 15.15 ? 142 ALA B N   1 
ATOM   1184 C CA  . ALA A 1 136 ? 6.555   -5.217  18.274  1.00 16.21 ? 142 ALA B CA  1 
ATOM   1185 C C   . ALA A 1 136 ? 5.197   -4.552  18.038  1.00 15.82 ? 142 ALA B C   1 
ATOM   1186 O O   . ALA A 1 136 ? 4.818   -3.646  18.817  1.00 18.92 ? 142 ALA B O   1 
ATOM   1187 C CB  . ALA A 1 136 ? 7.690   -4.323  17.818  1.00 18.12 ? 142 ALA B CB  1 
ATOM   1188 N N   . GLY A 1 137 ? 4.451   -4.946  17.013  1.00 13.12 ? 143 GLY B N   1 
ATOM   1189 C CA  . GLY A 1 137 ? 3.198   -4.292  16.652  1.00 11.99 ? 143 GLY B CA  1 
ATOM   1190 C C   . GLY A 1 137 ? 3.459   -2.881  16.063  1.00 11.89 ? 143 GLY B C   1 
ATOM   1191 O O   . GLY A 1 137 ? 2.789   -1.936  16.514  1.00 12.56 ? 143 GLY B O   1 
ATOM   1192 N N   . VAL A 1 138 ? 4.385   -2.781  15.115  1.00 11.79 ? 144 VAL B N   1 
ATOM   1193 C CA  . VAL A 1 138 ? 4.789   -1.470  14.518  1.00 11.60 ? 144 VAL B CA  1 
ATOM   1194 C C   . VAL A 1 138 ? 4.680   -1.548  13.001  1.00 11.63 ? 144 VAL B C   1 
ATOM   1195 O O   . VAL A 1 138 ? 5.196   -2.490  12.366  1.00 11.98 ? 144 VAL B O   1 
ATOM   1196 C CB  . VAL A 1 138 ? 6.224   -1.148  14.955  1.00 13.10 ? 144 VAL B CB  1 
ATOM   1197 C CG1 . VAL A 1 138 ? 6.811   0.013   14.153  1.00 13.92 ? 144 VAL B CG1 1 
ATOM   1198 C CG2 . VAL A 1 138 ? 6.270   -0.900  16.458  1.00 14.63 ? 144 VAL B CG2 1 
ATOM   1199 N N   . VAL A 1 139 ? 4.134   -0.483  12.434  1.00 11.41 ? 145 VAL B N   1 
ATOM   1200 C CA  . VAL A 1 139 ? 4.228   -0.200  10.971  1.00 10.46 ? 145 VAL B CA  1 
ATOM   1201 C C   . VAL A 1 139 ? 4.753   1.236   10.794  1.00 9.60  ? 145 VAL B C   1 
ATOM   1202 O O   . VAL A 1 139 ? 4.064   2.155   11.298  1.00 11.19 ? 145 VAL B O   1 
ATOM   1203 C CB  . VAL A 1 139 ? 2.866   -0.366  10.270  1.00 10.23 ? 145 VAL B CB  1 
ATOM   1204 C CG1 . VAL A 1 139 ? 3.027   -0.163  8.753   1.00 10.73 ? 145 VAL B CG1 1 
ATOM   1205 C CG2 . VAL A 1 139 ? 2.253   -1.711  10.618  1.00 11.10 ? 145 VAL B CG2 1 
ATOM   1206 N N   . SER A 1 140 ? 5.874   1.397   10.146  1.00 10.14 ? 146 SER B N   1 
ATOM   1207 C CA  . SER A 1 140 ? 6.456   2.729   9.941   1.00 11.33 ? 146 SER B CA  1 
ATOM   1208 C C   . SER A 1 140 ? 6.695   2.994   8.459   1.00 10.30 ? 146 SER B C   1 
ATOM   1209 O O   . SER A 1 140 ? 6.950   2.103   7.675   1.00 11.41 ? 146 SER B O   1 
ATOM   1210 C CB  . SER A 1 140 ? 7.769   2.848   10.699  1.00 11.43 ? 146 SER B CB  1 
ATOM   1211 O OG  . SER A 1 140 ? 7.591   2.791   12.113  1.00 12.69 ? 146 SER B OG  1 
ATOM   1212 N N   . PHE A 1 141 ? 6.647   4.282   8.130   1.00 9.58  ? 147 PHE B N   1 
ATOM   1213 C CA  . PHE A 1 141 ? 6.744   4.809   6.761   1.00 10.32 ? 147 PHE B CA  1 
ATOM   1214 C C   . PHE A 1 141 ? 7.882   5.831   6.732   1.00 10.55 ? 147 PHE B C   1 
ATOM   1215 O O   . PHE A 1 141 ? 7.935   6.731   7.612   1.00 11.16 ? 147 PHE B O   1 
ATOM   1216 C CB  . PHE A 1 141 ? 5.423   5.461   6.300   1.00 10.17 ? 147 PHE B CB  1 
ATOM   1217 C CG  . PHE A 1 141 ? 4.268   4.491   6.268   1.00 9.99  ? 147 PHE B CG  1 
ATOM   1218 C CD1 . PHE A 1 141 ? 3.566   4.168   7.426   1.00 10.15 ? 147 PHE B CD1 1 
ATOM   1219 C CD2 . PHE A 1 141 ? 3.915   3.891   5.066   1.00 10.10 ? 147 PHE B CD2 1 
ATOM   1220 C CE1 . PHE A 1 141 ? 2.521   3.243   7.358   1.00 10.67 ? 147 PHE B CE1 1 
ATOM   1221 C CE2 . PHE A 1 141 ? 2.888   2.950   5.036   1.00 9.79  ? 147 PHE B CE2 1 
ATOM   1222 C CZ  . PHE A 1 141 ? 2.179   2.659   6.174   1.00 9.58  ? 147 PHE B CZ  1 
ATOM   1223 N N   . TYR A 1 142 ? 8.697   5.747   5.682   1.00 10.99 ? 148 TYR B N   1 
ATOM   1224 C CA  . TYR A 1 142 ? 9.934   6.563   5.542   1.00 12.26 ? 148 TYR B CA  1 
ATOM   1225 C C   . TYR A 1 142 ? 9.918   7.258   4.187   1.00 13.22 ? 148 TYR B C   1 
ATOM   1226 O O   . TYR A 1 142 ? 9.540   6.700   3.158   1.00 12.97 ? 148 TYR B O   1 
ATOM   1227 C CB  . TYR A 1 142 ? 11.175  5.709   5.747   1.00 13.07 ? 148 TYR B CB  1 
ATOM   1228 C CG  . TYR A 1 142 ? 11.271  5.146   7.144   1.00 13.26 ? 148 TYR B CG  1 
ATOM   1229 C CD1 . TYR A 1 142 ? 11.742  5.888   8.203   1.00 14.64 ? 148 TYR B CD1 1 
ATOM   1230 C CD2 . TYR A 1 142 ? 10.767  3.891   7.444   1.00 14.64 ? 148 TYR B CD2 1 
ATOM   1231 C CE1 . TYR A 1 142 ? 11.763  5.385   9.496   1.00 14.62 ? 148 TYR B CE1 1 
ATOM   1232 C CE2 . TYR A 1 142 ? 10.766  3.361   8.725   1.00 14.68 ? 148 TYR B CE2 1 
ATOM   1233 C CZ  . TYR A 1 142 ? 11.304  4.106   9.765   1.00 15.37 ? 148 TYR B CZ  1 
ATOM   1234 O OH  . TYR A 1 142 ? 11.294  3.637   11.068  1.00 18.49 ? 148 TYR B OH  1 
ATOM   1235 N N   . ASN A 1 143 ? 10.483  8.465   4.149   1.00 13.97 ? 149 ASN B N   1 
ATOM   1236 C CA  . ASN A 1 143 ? 10.570  9.307   2.918   1.00 13.85 ? 149 ASN B CA  1 
ATOM   1237 C C   . ASN A 1 143 ? 11.933  9.049   2.273   1.00 14.08 ? 149 ASN B C   1 
ATOM   1238 O O   . ASN A 1 143 ? 12.972  9.631   2.736   1.00 15.65 ? 149 ASN B O   1 
ATOM   1239 C CB  . ASN A 1 143 ? 10.364  10.771  3.296   1.00 14.13 ? 149 ASN B CB  1 
ATOM   1240 C CG  . ASN A 1 143 ? 10.366  11.717  2.097   1.00 14.69 ? 149 ASN B CG  1 
ATOM   1241 O OD1 . ASN A 1 143 ? 10.810  11.304  1.034   1.00 16.59 ? 149 ASN B OD1 1 
ATOM   1242 N ND2 . ASN A 1 143 ? 9.807   12.881  2.263   1.00 16.59 ? 149 ASN B ND2 1 
ATOM   1243 N N   . ILE A 1 144 ? 12.054  8.209   1.253   1.00 15.20 ? 150 ILE B N   1 
ATOM   1244 C CA  . ILE A 1 144 ? 13.379  7.792   0.732   1.00 16.35 ? 150 ILE B CA  1 
ATOM   1245 C C   . ILE A 1 144 ? 13.974  9.018   0.014   1.00 18.16 ? 150 ILE B C   1 
ATOM   1246 O O   . ILE A 1 144 ? 15.218  9.168   0.039   1.00 20.18 ? 150 ILE B O   1 
ATOM   1247 C CB  . ILE A 1 144 ? 13.225  6.569   -0.192  1.00 17.71 ? 150 ILE B CB  1 
ATOM   1248 C CG1 . ILE A 1 144 ? 12.555  5.379   0.514   1.00 18.32 ? 150 ILE B CG1 1 
ATOM   1249 C CG2 . ILE A 1 144 ? 14.548  6.178   -0.868  1.00 19.47 ? 150 ILE B CG2 1 
ATOM   1250 C CD1 . ILE A 1 144 ? 13.082  5.112   1.881   1.00 22.28 ? 150 ILE B CD1 1 
ATOM   1251 N N   . THR A 1 145 ? 13.150  9.876   -0.558  1.00 17.29 ? 151 THR B N   1 
ATOM   1252 C CA  . THR A 1 145 ? 13.599  11.102  -1.314  1.00 17.82 ? 151 THR B CA  1 
ATOM   1253 C C   . THR A 1 145 ? 14.306  12.043  -0.334  1.00 21.85 ? 151 THR B C   1 
ATOM   1254 O O   . THR A 1 145 ? 15.283  12.707  -0.760  1.00 25.22 ? 151 THR B O   1 
ATOM   1255 C CB  . THR A 1 145 ? 12.396  11.795  -1.980  1.00 17.02 ? 151 THR B CB  1 
ATOM   1256 O OG1 . THR A 1 145 ? 11.729  10.790  -2.740  1.00 17.82 ? 151 THR B OG1 1 
ATOM   1257 C CG2 . THR A 1 145 ? 12.837  12.937  -2.877  1.00 18.91 ? 151 THR B CG2 1 
ATOM   1258 N N   . ASP A 1 146 ? 13.892  12.078  0.931   1.00 20.44 ? 152 ASP B N   1 
ATOM   1259 C CA  . ASP A 1 146 ? 14.446  12.958  2.010   1.00 20.41 ? 152 ASP B CA  1 
ATOM   1260 C C   . ASP A 1 146 ? 15.319  12.152  2.989   1.00 20.20 ? 152 ASP B C   1 
ATOM   1261 O O   . ASP A 1 146 ? 15.061  12.242  4.199   1.00 20.92 ? 152 ASP B O   1 
ATOM   1262 C CB  . ASP A 1 146 ? 13.332  13.792  2.598   1.00 20.28 ? 152 ASP B CB  1 
ATOM   1263 C CG  . ASP A 1 146 ? 13.805  14.741  3.681   1.00 25.63 ? 152 ASP B CG  1 
ATOM   1264 O OD1 . ASP A 1 146 ? 14.824  15.406  3.444   1.00 26.92 ? 152 ASP B OD1 1 
ATOM   1265 O OD2 . ASP A 1 146 ? 13.192  14.739  4.762   1.00 23.94 ? 152 ASP B OD2 1 
ATOM   1266 N N   . HIS A 1 147 ? 16.284  11.389  2.489   1.00 22.63 ? 153 HIS B N   1 
ATOM   1267 C CA  . HIS A 1 147 ? 17.343  10.701  3.279   1.00 25.78 ? 153 HIS B CA  1 
ATOM   1268 C C   . HIS A 1 147 ? 16.680  9.764   4.295   1.00 25.85 ? 153 HIS B C   1 
ATOM   1269 O O   . HIS A 1 147 ? 17.227  9.538   5.379   1.00 27.20 ? 153 HIS B O   1 
ATOM   1270 C CB  . HIS A 1 147 ? 18.258  11.683  4.045   1.00 31.05 ? 153 HIS B CB  1 
ATOM   1271 C CG  . HIS A 1 147 ? 18.755  12.901  3.323   1.00 39.87 ? 153 HIS B CG  1 
ATOM   1272 N ND1 . HIS A 1 147 ? 19.814  12.861  2.428   1.00 45.82 ? 153 HIS B ND1 1 
ATOM   1273 C CD2 . HIS A 1 147 ? 18.401  14.204  3.436   1.00 43.87 ? 153 HIS B CD2 1 
ATOM   1274 C CE1 . HIS A 1 147 ? 20.053  14.078  1.973   1.00 49.57 ? 153 HIS B CE1 1 
ATOM   1275 N NE2 . HIS A 1 147 ? 19.202  14.925  2.581   1.00 48.09 ? 153 HIS B NE2 1 
ATOM   1276 N N   . GLY A 1 148 ? 15.520  9.205   3.968   1.00 20.96 ? 154 GLY B N   1 
ATOM   1277 C CA  . GLY A 1 148 ? 14.918  8.190   4.854   1.00 17.63 ? 154 GLY B CA  1 
ATOM   1278 C C   . GLY A 1 148 ? 14.163  8.775   6.034   1.00 15.98 ? 154 GLY B C   1 
ATOM   1279 O O   . GLY A 1 148 ? 14.002  8.023   6.975   1.00 16.79 ? 154 GLY B O   1 
ATOM   1280 N N   . SER A 1 149 ? 13.769  10.030  6.015   1.00 15.71 ? 155 SER B N   1 
ATOM   1281 C CA  . SER A 1 149 ? 13.157  10.696  7.184   1.00 13.99 ? 155 SER B CA  1 
ATOM   1282 C C   . SER A 1 149 ? 11.842  10.004  7.559   1.00 15.06 ? 155 SER B C   1 
ATOM   1283 O O   . SER A 1 149 ? 11.086  9.557   6.677   1.00 14.67 ? 155 SER B O   1 
ATOM   1284 C CB  . SER A 1 149 ? 12.973  12.162  6.974   1.00 15.30 ? 155 SER B CB  1 
ATOM   1285 O OG  . SER A 1 149 ? 12.186  12.507  5.838   1.00 16.64 ? 155 SER B OG  1 
ATOM   1286 N N   . LEU A 1 150 ? 11.529  9.921   8.824   1.00 14.28 ? 156 LEU B N   1 
ATOM   1287 C CA  . LEU A 1 150 ? 10.255  9.287   9.263   1.00 12.32 ? 156 LEU B CA  1 
ATOM   1288 C C   . LEU A 1 150 ? 9.070   10.114  8.797   1.00 12.14 ? 156 LEU B C   1 
ATOM   1289 O O   . LEU A 1 150 ? 9.005   11.359  8.988   1.00 12.98 ? 156 LEU B O   1 
ATOM   1290 C CB  . LEU A 1 150 ? 10.238  9.199   10.793  1.00 12.79 ? 156 LEU B CB  1 
ATOM   1291 C CG  . LEU A 1 150 ? 9.003   8.536   11.417  1.00 13.30 ? 156 LEU B CG  1 
ATOM   1292 C CD1 . LEU A 1 150 ? 8.899   7.065   11.082  1.00 13.82 ? 156 LEU B CD1 1 
ATOM   1293 C CD2 . LEU A 1 150 ? 9.084   8.681   12.953  1.00 14.16 ? 156 LEU B CD2 1 
ATOM   1294 N N   . ILE A 1 151 ? 8.057   9.433   8.235   1.00 11.31 ? 157 ILE B N   1 
ATOM   1295 C CA  . ILE A 1 151 ? 6.751   9.998   7.923   1.00 11.41 ? 157 ILE B CA  1 
ATOM   1296 C C   . ILE A 1 151 ? 5.745   9.744   9.045   1.00 10.49 ? 157 ILE B C   1 
ATOM   1297 O O   . ILE A 1 151 ? 5.000   10.606  9.455   1.00 11.11 ? 157 ILE B O   1 
ATOM   1298 C CB  . ILE A 1 151 ? 6.272   9.473   6.548   1.00 11.72 ? 157 ILE B CB  1 
ATOM   1299 C CG1 . ILE A 1 151 ? 7.179   9.936   5.407   1.00 12.41 ? 157 ILE B CG1 1 
ATOM   1300 C CG2 . ILE A 1 151 ? 4.837   9.915   6.289   1.00 11.70 ? 157 ILE B CG2 1 
ATOM   1301 C CD1 . ILE A 1 151 ? 6.917   9.202   4.081   1.00 12.94 ? 157 ILE B CD1 1 
ATOM   1302 N N   . TYR A 1 152 ? 5.604   8.471   9.433   1.00 10.55 ? 158 TYR B N   1 
ATOM   1303 C CA  . TYR A 1 152 ? 4.545   8.098   10.396  1.00 9.93  ? 158 TYR B CA  1 
ATOM   1304 C C   . TYR A 1 152 ? 4.863   6.700   10.967  1.00 9.64  ? 158 TYR B C   1 
ATOM   1305 O O   . TYR A 1 152 ? 5.367   5.833   10.225  1.00 10.22 ? 158 TYR B O   1 
ATOM   1306 C CB  . TYR A 1 152 ? 3.151   7.974   9.709   1.00 10.37 ? 158 TYR B CB  1 
ATOM   1307 C CG  . TYR A 1 152 ? 2.030   7.893   10.699  1.00 10.10 ? 158 TYR B CG  1 
ATOM   1308 C CD1 . TYR A 1 152 ? 1.535   9.014   11.361  1.00 10.63 ? 158 TYR B CD1 1 
ATOM   1309 C CD2 . TYR A 1 152 ? 1.459   6.667   11.044  1.00 10.13 ? 158 TYR B CD2 1 
ATOM   1310 C CE1 . TYR A 1 152 ? 0.550   8.913   12.324  1.00 11.78 ? 158 TYR B CE1 1 
ATOM   1311 C CE2 . TYR A 1 152 ? 0.472   6.568   11.993  1.00 11.21 ? 158 TYR B CE2 1 
ATOM   1312 C CZ  . TYR A 1 152 ? 0.034   7.689   12.660  1.00 11.35 ? 158 TYR B CZ  1 
ATOM   1313 O OH  . TYR A 1 152 ? -0.922  7.600   13.637  1.00 14.01 ? 158 TYR B OH  1 
ATOM   1314 N N   . THR A 1 153 ? 4.544   6.499   12.260  1.00 9.99  ? 159 THR B N   1 
ATOM   1315 C CA  . THR A 1 153 ? 4.608   5.196   12.956  1.00 10.88 ? 159 THR B CA  1 
ATOM   1316 C C   . THR A 1 153 ? 3.269   4.897   13.589  1.00 9.98  ? 159 THR B C   1 
ATOM   1317 O O   . THR A 1 153 ? 2.778   5.614   14.451  1.00 11.33 ? 159 THR B O   1 
ATOM   1318 C CB  . THR A 1 153 ? 5.724   5.181   14.020  1.00 11.34 ? 159 THR B CB  1 
ATOM   1319 O OG1 . THR A 1 153 ? 6.965   5.219   13.327  1.00 11.83 ? 159 THR B OG1 1 
ATOM   1320 C CG2 . THR A 1 153 ? 5.638   3.951   14.898  1.00 12.99 ? 159 THR B CG2 1 
ATOM   1321 N N   . PHE A 1 154 ? 2.652   3.772   13.158  1.00 10.53 ? 160 PHE B N   1 
ATOM   1322 C CA  . PHE A 1 154 ? 1.556   3.092   13.902  1.00 10.50 ? 160 PHE B CA  1 
ATOM   1323 C C   . PHE A 1 154 ? 2.213   2.159   14.935  1.00 11.06 ? 160 PHE B C   1 
ATOM   1324 O O   . PHE A 1 154 ? 3.014   1.308   14.562  1.00 11.36 ? 160 PHE B O   1 
ATOM   1325 C CB  . PHE A 1 154 ? 0.708   2.210   13.003  1.00 10.94 ? 160 PHE B CB  1 
ATOM   1326 C CG  . PHE A 1 154 ? -0.122  2.919   11.958  1.00 9.18  ? 160 PHE B CG  1 
ATOM   1327 C CD1 . PHE A 1 154 ? 0.372   3.195   10.685  1.00 9.47  ? 160 PHE B CD1 1 
ATOM   1328 C CD2 . PHE A 1 154 ? -1.437  3.198   12.224  1.00 9.93  ? 160 PHE B CD2 1 
ATOM   1329 C CE1 . PHE A 1 154 ? -0.446  3.762   9.731   1.00 9.99  ? 160 PHE B CE1 1 
ATOM   1330 C CE2 . PHE A 1 154 ? -2.251  3.796   11.266  1.00 9.73  ? 160 PHE B CE2 1 
ATOM   1331 C CZ  . PHE A 1 154 ? -1.739  4.063   10.022  1.00 9.20  ? 160 PHE B CZ  1 
ATOM   1332 N N   . SER A 1 155 ? 1.891   2.400   16.204  1.00 12.91 ? 161 SER B N   1 
ATOM   1333 C CA  . SER A 1 155 ? 2.394   1.498   17.255  1.00 13.89 ? 161 SER B CA  1 
ATOM   1334 C C   . SER A 1 155 ? 1.221   0.920   18.018  1.00 13.81 ? 161 SER B C   1 
ATOM   1335 O O   . SER A 1 155 ? 0.061   1.308   17.842  1.00 15.51 ? 161 SER B O   1 
ATOM   1336 C CB  . SER A 1 155 ? 3.361   2.266   18.107  1.00 15.58 ? 161 SER B CB  1 
ATOM   1337 O OG  . SER A 1 155 ? 2.690   3.220   18.876  1.00 19.61 ? 161 SER B OG  1 
ATOM   1338 N N   . GLU A 1 156 ? 1.541   -0.093  18.834  1.00 16.20 ? 162 GLU B N   1 
ATOM   1339 C CA  . GLU A 1 156 ? 0.476   -0.841  19.563  1.00 18.93 ? 162 GLU B CA  1 
ATOM   1340 C C   . GLU A 1 156 ? -0.525  -1.429  18.561  1.00 17.33 ? 162 GLU B C   1 
ATOM   1341 O O   . GLU A 1 156 ? -1.753  -1.446  18.835  1.00 19.61 ? 162 GLU B O   1 
ATOM   1342 C CB  . GLU A 1 156 ? -0.303  0.038   20.545  1.00 23.80 ? 162 GLU B CB  1 
ATOM   1343 C CG  . GLU A 1 156 ? 0.553   0.941   21.408  1.00 29.33 ? 162 GLU B CG  1 
ATOM   1344 C CD  . GLU A 1 156 ? -0.281  1.591   22.491  1.00 40.00 ? 162 GLU B CD  1 
ATOM   1345 O OE1 . GLU A 1 156 ? -1.061  2.531   22.172  1.00 43.61 ? 162 GLU B OE1 1 
ATOM   1346 O OE2 . GLU A 1 156 ? -0.206  1.104   23.636  1.00 48.01 ? 162 GLU B OE2 1 
ATOM   1347 N N   . CYS A 1 157 ? -0.013  -1.883  17.415  1.00 15.05 ? 163 CYS B N   1 
ATOM   1348 C CA  . CYS A 1 157 ? -0.892  -2.424  16.353  1.00 13.83 ? 163 CYS B CA  1 
ATOM   1349 C C   . CYS A 1 157 ? -1.489  -3.769  16.813  1.00 15.74 ? 163 CYS B C   1 
ATOM   1350 O O   . CYS A 1 157 ? -0.721  -4.599  17.395  1.00 17.25 ? 163 CYS B O   1 
ATOM   1351 C CB  . CYS A 1 157 ? -0.192  -2.645  15.009  1.00 13.17 ? 163 CYS B CB  1 
ATOM   1352 S SG  . CYS A 1 157 ? 0.394   -1.104  14.240  1.00 13.29 ? 163 CYS B SG  1 
ATOM   1353 N N   . VAL A 1 158 ? -2.741  -3.998  16.512  1.00 14.91 ? 164 VAL B N   1 
ATOM   1354 C CA  . VAL A 1 158 ? -3.376  -5.299  16.826  1.00 16.02 ? 164 VAL B CA  1 
ATOM   1355 C C   . VAL A 1 158 ? -3.632  -5.953  15.465  1.00 13.68 ? 164 VAL B C   1 
ATOM   1356 O O   . VAL A 1 158 ? -4.713  -5.799  14.837  1.00 16.74 ? 164 VAL B O   1 
ATOM   1357 C CB  . VAL A 1 158 ? -4.593  -5.102  17.757  1.00 18.65 ? 164 VAL B CB  1 
ATOM   1358 C CG1 . VAL A 1 158 ? -5.227  -6.478  17.995  1.00 19.48 ? 164 VAL B CG1 1 
ATOM   1359 C CG2 . VAL A 1 158 ? -4.177  -4.442  19.069  1.00 20.82 ? 164 VAL B CG2 1 
ATOM   1360 N N   . PHE A 1 159 ? -2.628  -6.617  14.886  1.00 13.06 ? 165 PHE B N   1 
ATOM   1361 C CA  . PHE A 1 159 ? -2.688  -7.205  13.531  1.00 13.47 ? 165 PHE B CA  1 
ATOM   1362 C C   . PHE A 1 159 ? -3.835  -8.218  13.459  1.00 15.57 ? 165 PHE B C   1 
ATOM   1363 O O   . PHE A 1 159 ? -4.609  -8.199  12.494  1.00 15.97 ? 165 PHE B O   1 
ATOM   1364 C CB  . PHE A 1 159 ? -1.330  -7.712  13.078  1.00 13.69 ? 165 PHE B CB  1 
ATOM   1365 C CG  . PHE A 1 159 ? -0.253  -6.655  12.990  1.00 12.40 ? 165 PHE B CG  1 
ATOM   1366 C CD1 . PHE A 1 159 ? -0.485  -5.446  12.330  1.00 12.61 ? 165 PHE B CD1 1 
ATOM   1367 C CD2 . PHE A 1 159 ? 0.985   -6.845  13.573  1.00 14.76 ? 165 PHE B CD2 1 
ATOM   1368 C CE1 . PHE A 1 159 ? 0.520   -4.483  12.251  1.00 13.19 ? 165 PHE B CE1 1 
ATOM   1369 C CE2 . PHE A 1 159 ? 1.988   -5.894  13.470  1.00 14.24 ? 165 PHE B CE2 1 
ATOM   1370 C CZ  . PHE A 1 159 ? 1.753   -4.718  12.795  1.00 12.78 ? 165 PHE B CZ  1 
ATOM   1371 N N   . ALA A 1 160 ? -3.867  -9.149  14.413  1.00 13.51 ? 166 ALA B N   1 
ATOM   1372 C CA  . ALA A 1 160 ? -4.965  -10.135 14.570  1.00 14.46 ? 166 ALA B CA  1 
ATOM   1373 C C   . ALA A 1 160 ? -5.028  -11.076 13.387  1.00 14.04 ? 166 ALA B C   1 
ATOM   1374 O O   . ALA A 1 160 ? -6.146  -11.628 13.110  1.00 15.42 ? 166 ALA B O   1 
ATOM   1375 C CB  . ALA A 1 160 ? -6.266  -9.477  14.838  1.00 14.86 ? 166 ALA B CB  1 
ATOM   1376 N N   . GLY A 1 161 ? -3.940  -11.322 12.719  1.00 14.42 ? 167 GLY B N   1 
ATOM   1377 C CA  . GLY A 1 161 ? -3.867  -12.245 11.576  1.00 15.82 ? 167 GLY B CA  1 
ATOM   1378 C C   . GLY A 1 161 ? -2.622  -12.056 10.754  1.00 14.31 ? 167 GLY B C   1 
ATOM   1379 O O   . GLY A 1 161 ? -1.806  -11.139 11.041  1.00 13.46 ? 167 GLY B O   1 
ATOM   1380 N N   . PRO A 1 162 ? -2.443  -12.863 9.719   1.00 13.06 ? 168 PRO B N   1 
ATOM   1381 C CA  . PRO A 1 162 ? -1.372  -12.652 8.757   1.00 12.18 ? 168 PRO B CA  1 
ATOM   1382 C C   . PRO A 1 162 ? -1.549  -11.301 8.050   1.00 12.47 ? 168 PRO B C   1 
ATOM   1383 O O   . PRO A 1 162 ? -2.671  -10.868 7.848   1.00 12.81 ? 168 PRO B O   1 
ATOM   1384 C CB  . PRO A 1 162 ? -1.458  -13.790 7.737   1.00 13.08 ? 168 PRO B CB  1 
ATOM   1385 C CG  . PRO A 1 162 ? -2.409  -14.784 8.434   1.00 12.70 ? 168 PRO B CG  1 
ATOM   1386 C CD  . PRO A 1 162 ? -3.295  -14.005 9.334   1.00 12.67 ? 168 PRO B CD  1 
ATOM   1387 N N   . LEU A 1 163 ? -0.425  -10.697 7.720   1.00 12.39 ? 169 LEU B N   1 
ATOM   1388 C CA  . LEU A 1 163 ? -0.409  -9.374  7.020   1.00 11.37 ? 169 LEU B CA  1 
ATOM   1389 C C   . LEU A 1 163 ? -0.033  -9.572  5.567   1.00 12.19 ? 169 LEU B C   1 
ATOM   1390 O O   . LEU A 1 163 ? 0.827   -10.401 5.241   1.00 13.55 ? 169 LEU B O   1 
ATOM   1391 C CB  . LEU A 1 163 ? 0.579   -8.417  7.690   1.00 12.28 ? 169 LEU B CB  1 
ATOM   1392 C CG  . LEU A 1 163 ? 0.188   -7.909  9.071   1.00 12.69 ? 169 LEU B CG  1 
ATOM   1393 C CD1 . LEU A 1 163 ? 1.332   -7.103  9.619   1.00 12.74 ? 169 LEU B CD1 1 
ATOM   1394 C CD2 . LEU A 1 163 ? -1.121  -7.110  9.053   1.00 13.44 ? 169 LEU B CD2 1 
ATOM   1395 N N   . ARG A 1 164 ? -0.589  -8.722  4.696   1.00 11.43 ? 170 ARG B N   1 
ATOM   1396 C CA  . ARG A 1 164 ? -0.200  -8.645  3.278   1.00 11.34 ? 170 ARG B CA  1 
ATOM   1397 C C   . ARG A 1 164 ? 0.188   -7.205  2.904   1.00 9.65  ? 170 ARG B C   1 
ATOM   1398 O O   . ARG A 1 164 ? -0.471  -6.268  3.355   1.00 10.27 ? 170 ARG B O   1 
ATOM   1399 C CB  . ARG A 1 164 ? -1.342  -9.152  2.382   1.00 12.89 ? 170 ARG B CB  1 
ATOM   1400 C CG  . ARG A 1 164 ? -1.604  -10.640 2.688   1.00 15.48 ? 170 ARG B CG  1 
ATOM   1401 C CD  . ARG A 1 164 ? -2.633  -11.298 1.827   1.00 17.93 ? 170 ARG B CD  1 
ATOM   1402 N NE  . ARG A 1 164 ? -2.117  -11.398 0.483   1.00 16.77 ? 170 ARG B NE  1 
ATOM   1403 C CZ  . ARG A 1 164 ? -2.812  -11.945 -0.488  1.00 17.52 ? 170 ARG B CZ  1 
ATOM   1404 N NH1 . ARG A 1 164 ? -3.952  -12.532 -0.200  1.00 18.43 ? 170 ARG B NH1 1 
ATOM   1405 N NH2 . ARG A 1 164 ? -2.328  -11.952 -1.709  1.00 16.37 ? 170 ARG B NH2 1 
ATOM   1406 N N   . PRO A 1 165 ? 1.190   -7.004  2.041   1.00 9.75  ? 171 PRO B N   1 
ATOM   1407 C CA  . PRO A 1 165 ? 1.421   -5.664  1.475   1.00 9.47  ? 171 PRO B CA  1 
ATOM   1408 C C   . PRO A 1 165 ? 0.156   -5.195  0.742   1.00 9.33  ? 171 PRO B C   1 
ATOM   1409 O O   . PRO A 1 165 ? -0.554  -5.960  0.102   1.00 10.23 ? 171 PRO B O   1 
ATOM   1410 C CB  . PRO A 1 165 ? 2.570   -5.865  0.495   1.00 9.93  ? 171 PRO B CB  1 
ATOM   1411 C CG  . PRO A 1 165 ? 3.286   -7.160  0.990   1.00 11.43 ? 171 PRO B CG  1 
ATOM   1412 C CD  . PRO A 1 165 ? 2.126   -7.992  1.472   1.00 11.99 ? 171 PRO B CD  1 
ATOM   1413 N N   . PHE A 1 166 ? -0.175  -3.916  0.910   1.00 9.27  ? 172 PHE B N   1 
ATOM   1414 C CA  . PHE A 1 166 ? -1.418  -3.309  0.393   1.00 9.92  ? 172 PHE B CA  1 
ATOM   1415 C C   . PHE A 1 166 ? -1.080  -2.092  -0.488  1.00 8.44  ? 172 PHE B C   1 
ATOM   1416 O O   . PHE A 1 166 ? -0.243  -1.238  -0.124  1.00 8.91  ? 172 PHE B O   1 
ATOM   1417 C CB  . PHE A 1 166 ? -2.283  -2.874  1.571   1.00 10.48 ? 172 PHE B CB  1 
ATOM   1418 C CG  . PHE A 1 166 ? -3.519  -2.101  1.164   1.00 10.59 ? 172 PHE B CG  1 
ATOM   1419 C CD1 . PHE A 1 166 ? -4.633  -2.763  0.664   1.00 11.12 ? 172 PHE B CD1 1 
ATOM   1420 C CD2 . PHE A 1 166 ? -3.532  -0.712  1.183   1.00 11.24 ? 172 PHE B CD2 1 
ATOM   1421 C CE1 . PHE A 1 166 ? -5.742  -2.036  0.248   1.00 11.50 ? 172 PHE B CE1 1 
ATOM   1422 C CE2 . PHE A 1 166 ? -4.652  0.004   0.754   1.00 11.03 ? 172 PHE B CE2 1 
ATOM   1423 C CZ  . PHE A 1 166 ? -5.746  -0.665  0.284   1.00 11.53 ? 172 PHE B CZ  1 
ATOM   1424 N N   . PHE A 1 167 ? -1.798  -1.957  -1.615  1.00 8.86  ? 173 PHE B N   1 
ATOM   1425 C CA  . PHE A 1 167 ? -1.576  -0.912  -2.626  1.00 9.05  ? 173 PHE B CA  1 
ATOM   1426 C C   . PHE A 1 167 ? -2.932  -0.405  -3.130  1.00 9.60  ? 173 PHE B C   1 
ATOM   1427 O O   . PHE A 1 167 ? -3.802  -1.221  -3.442  1.00 10.21 ? 173 PHE B O   1 
ATOM   1428 C CB  . PHE A 1 167 ? -0.783  -1.451  -3.831  1.00 9.63  ? 173 PHE B CB  1 
ATOM   1429 C CG  . PHE A 1 167 ? 0.505   -2.162  -3.428  1.00 9.99  ? 173 PHE B CG  1 
ATOM   1430 C CD1 . PHE A 1 167 ? 0.499   -3.498  -3.091  1.00 9.81  ? 173 PHE B CD1 1 
ATOM   1431 C CD2 . PHE A 1 167 ? 1.726   -1.494  -3.391  1.00 11.65 ? 173 PHE B CD2 1 
ATOM   1432 C CE1 . PHE A 1 167 ? 1.648   -4.163  -2.687  1.00 10.33 ? 173 PHE B CE1 1 
ATOM   1433 C CE2 . PHE A 1 167 ? 2.879   -2.174  -3.028  1.00 11.74 ? 173 PHE B CE2 1 
ATOM   1434 C CZ  . PHE A 1 167 ? 2.831   -3.497  -2.663  1.00 11.26 ? 173 PHE B CZ  1 
ATOM   1435 N N   . ASN A 1 168 ? -3.010  0.887   -3.380  1.00 9.71  ? 174 ASN B N   1 
ATOM   1436 C CA  . ASN A 1 168 ? -4.114  1.521   -4.140  1.00 9.09  ? 174 ASN B CA  1 
ATOM   1437 C C   . ASN A 1 168 ? -3.473  2.512   -5.105  1.00 9.67  ? 174 ASN B C   1 
ATOM   1438 O O   . ASN A 1 168 ? -2.843  3.476   -4.671  1.00 10.26 ? 174 ASN B O   1 
ATOM   1439 C CB  . ASN A 1 168 ? -5.114  2.211   -3.216  1.00 9.85  ? 174 ASN B CB  1 
ATOM   1440 C CG  . ASN A 1 168 ? -6.342  2.746   -3.929  1.00 11.46 ? 174 ASN B CG  1 
ATOM   1441 O OD1 . ASN A 1 168 ? -6.455  2.666   -5.148  1.00 12.21 ? 174 ASN B OD1 1 
ATOM   1442 N ND2 . ASN A 1 168 ? -7.300  3.196   -3.152  1.00 13.33 ? 174 ASN B ND2 1 
ATOM   1443 N N   . VAL A 1 169 ? -3.658  2.276   -6.417  1.00 9.79  ? 175 VAL B N   1 
ATOM   1444 C CA  . VAL A 1 169 ? -3.085  3.186   -7.442  1.00 10.42 ? 175 VAL B CA  1 
ATOM   1445 C C   . VAL A 1 169 ? -3.894  4.485   -7.545  1.00 10.94 ? 175 VAL B C   1 
ATOM   1446 O O   . VAL A 1 169 ? -3.460  5.412   -8.250  1.00 11.61 ? 175 VAL B O   1 
ATOM   1447 C CB  . VAL A 1 169 ? -2.921  2.521   -8.832  1.00 11.56 ? 175 VAL B CB  1 
ATOM   1448 C CG1 . VAL A 1 169 ? -1.953  1.367   -8.784  1.00 12.60 ? 175 VAL B CG1 1 
ATOM   1449 C CG2 . VAL A 1 169 ? -4.257  2.091   -9.420  1.00 12.14 ? 175 VAL B CG2 1 
ATOM   1450 N N   . GLY A 1 170 ? -5.120  4.469   -7.000  1.00 11.18 ? 176 GLY B N   1 
ATOM   1451 C CA  . GLY A 1 170 ? -6.068  5.597   -7.123  1.00 11.48 ? 176 GLY B CA  1 
ATOM   1452 C C   . GLY A 1 170 ? -6.763  5.661   -8.453  1.00 11.52 ? 176 GLY B C   1 
ATOM   1453 O O   . GLY A 1 170 ? -6.372  5.024   -9.430  1.00 11.21 ? 176 GLY B O   1 
ATOM   1454 N N   . PHE A 1 171 ? -7.885  6.379   -8.444  1.00 12.36 ? 177 PHE B N   1 
ATOM   1455 C CA  . PHE A 1 171 ? -8.627  6.688   -9.688  1.00 11.68 ? 177 PHE B CA  1 
ATOM   1456 C C   . PHE A 1 171 ? -7.832  7.657   -10.537 1.00 11.99 ? 177 PHE B C   1 
ATOM   1457 O O   . PHE A 1 171 ? -6.896  8.299   -10.089 1.00 11.81 ? 177 PHE B O   1 
ATOM   1458 C CB  . PHE A 1 171 ? -10.066 7.151   -9.397  1.00 13.41 ? 177 PHE B CB  1 
ATOM   1459 C CG  . PHE A 1 171 ? -10.963 6.108   -8.772  1.00 14.05 ? 177 PHE B CG  1 
ATOM   1460 C CD1 . PHE A 1 171 ? -11.560 5.125   -9.536  1.00 16.90 ? 177 PHE B CD1 1 
ATOM   1461 C CD2 . PHE A 1 171 ? -11.214 6.131   -7.406  1.00 15.47 ? 177 PHE B CD2 1 
ATOM   1462 C CE1 . PHE A 1 171 ? -12.369 4.161   -8.933  1.00 17.38 ? 177 PHE B CE1 1 
ATOM   1463 C CE2 . PHE A 1 171 ? -12.027 5.176   -6.820  1.00 17.28 ? 177 PHE B CE2 1 
ATOM   1464 C CZ  . PHE A 1 171 ? -12.622 4.239   -7.585  1.00 16.54 ? 177 PHE B CZ  1 
ATOM   1465 N N   . ASN A 1 172 ? -8.271  7.760   -11.783 1.00 12.27 ? 178 ASN B N   1 
ATOM   1466 C CA  . ASN A 1 172 ? -7.655  8.738   -12.710 1.00 10.52 ? 178 ASN B CA  1 
ATOM   1467 C C   . ASN A 1 172 ? -8.786  9.544   -13.379 1.00 10.94 ? 178 ASN B C   1 
ATOM   1468 O O   . ASN A 1 172 ? -8.765  9.721   -14.628 1.00 13.74 ? 178 ASN B O   1 
ATOM   1469 C CB  . ASN A 1 172 ? -6.760  8.035   -13.707 1.00 11.30 ? 178 ASN B CB  1 
ATOM   1470 C CG  . ASN A 1 172 ? -6.003  9.000   -14.572 1.00 12.22 ? 178 ASN B CG  1 
ATOM   1471 O OD1 . ASN A 1 172 ? -5.672  10.107  -14.177 1.00 12.34 ? 178 ASN B OD1 1 
ATOM   1472 N ND2 . ASN A 1 172 ? -5.638  8.532   -15.758 1.00 14.12 ? 178 ASN B ND2 1 
ATOM   1473 N N   . TYR A 1 173 ? -9.625  10.178  -12.599 1.00 12.50 ? 179 TYR B N   1 
ATOM   1474 C CA  . TYR A 1 173 ? -10.674 11.098  -13.139 1.00 11.70 ? 179 TYR B CA  1 
ATOM   1475 C C   . TYR A 1 173 ? -10.002 12.314  -13.783 1.00 13.49 ? 179 TYR B C   1 
ATOM   1476 O O   . TYR A 1 173 ? -10.604 12.926  -14.733 1.00 14.92 ? 179 TYR B O   1 
ATOM   1477 C CB  . TYR A 1 173 ? -11.628 11.540  -12.024 1.00 12.44 ? 179 TYR B CB  1 
ATOM   1478 C CG  . TYR A 1 173 ? -12.488 10.455  -11.433 1.00 14.66 ? 179 TYR B CG  1 
ATOM   1479 C CD1 . TYR A 1 173 ? -13.574 9.961   -12.135 1.00 18.29 ? 179 TYR B CD1 1 
ATOM   1480 C CD2 . TYR A 1 173 ? -12.253 9.995   -10.143 1.00 16.47 ? 179 TYR B CD2 1 
ATOM   1481 C CE1 . TYR A 1 173 ? -14.350 8.926   -11.615 1.00 19.54 ? 179 TYR B CE1 1 
ATOM   1482 C CE2 . TYR A 1 173 ? -13.041 8.970   -9.611  1.00 17.48 ? 179 TYR B CE2 1 
ATOM   1483 C CZ  . TYR A 1 173 ? -14.069 8.447   -10.353 1.00 19.70 ? 179 TYR B CZ  1 
ATOM   1484 O OH  . TYR A 1 173 ? -14.867 7.449   -9.815  1.00 26.09 ? 179 TYR B OH  1 
ATOM   1485 N N   . SER A 1 174 ? -8.877  12.792  -13.282 1.00 12.25 ? 180 SER B N   1 
ATOM   1486 C CA  . SER A 1 174 ? -8.214  14.068  -13.660 1.00 13.76 ? 180 SER B CA  1 
ATOM   1487 C C   . SER A 1 174 ? -7.379  13.903  -14.937 1.00 13.42 ? 180 SER B C   1 
ATOM   1488 O O   . SER A 1 174 ? -6.992  14.928  -15.537 1.00 14.64 ? 180 SER B O   1 
ATOM   1489 C CB  . SER A 1 174 ? -7.290  14.581  -12.582 1.00 13.67 ? 180 SER B CB  1 
ATOM   1490 O OG  . SER A 1 174 ? -6.231  13.630  -12.363 1.00 14.49 ? 180 SER B OG  1 
ATOM   1491 N N   . GLY A 1 175 ? -7.015  12.678  -15.296 1.00 12.55 ? 181 GLY B N   1 
ATOM   1492 C CA  . GLY A 1 175 ? -5.999  12.458  -16.331 1.00 13.00 ? 181 GLY B CA  1 
ATOM   1493 C C   . GLY A 1 175 ? -4.592  12.726  -15.865 1.00 14.31 ? 181 GLY B C   1 
ATOM   1494 O O   . GLY A 1 175 ? -3.672  12.615  -16.684 1.00 17.55 ? 181 GLY B O   1 
ATOM   1495 N N   . GLY A 1 176 ? -4.382  13.087  -14.593 1.00 13.00 ? 182 GLY B N   1 
ATOM   1496 C CA  . GLY A 1 176 ? -3.050  13.343  -14.041 1.00 12.85 ? 182 GLY B CA  1 
ATOM   1497 C C   . GLY A 1 176 ? -2.551  12.237  -13.109 1.00 13.24 ? 182 GLY B C   1 
ATOM   1498 O O   . GLY A 1 176 ? -1.441  12.426  -12.565 1.00 15.26 ? 182 GLY B O   1 
ATOM   1499 N N   . ASN A 1 177 ? -3.256  11.128  -12.996 1.00 11.08 ? 183 ASN B N   1 
ATOM   1500 C CA  . ASN A 1 177 ? -2.897  10.049  -12.053 1.00 11.03 ? 183 ASN B CA  1 
ATOM   1501 C C   . ASN A 1 177 ? -2.695  8.686   -12.729 1.00 11.28 ? 183 ASN B C   1 
ATOM   1502 O O   . ASN A 1 177 ? -2.833  7.663   -12.061 1.00 12.65 ? 183 ASN B O   1 
ATOM   1503 C CB  . ASN A 1 177 ? -3.887  9.927   -10.908 1.00 10.63 ? 183 ASN B CB  1 
ATOM   1504 C CG  . ASN A 1 177 ? -3.306  9.188   -9.715  1.00 11.06 ? 183 ASN B CG  1 
ATOM   1505 O OD1 . ASN A 1 177 ? -2.134  9.344   -9.427  1.00 11.55 ? 183 ASN B OD1 1 
ATOM   1506 N ND2 . ASN A 1 177 ? -4.153  8.401   -9.067  1.00 11.00 ? 183 ASN B ND2 1 
ATOM   1507 N N   . ALA A 1 178 ? -2.292  8.651   -13.994 1.00 11.96 ? 184 ALA B N   1 
ATOM   1508 C CA  . ALA A 1 178 ? -2.118  7.370   -14.710 1.00 12.88 ? 184 ALA B CA  1 
ATOM   1509 C C   . ALA A 1 178 ? -0.838  6.619   -14.322 1.00 12.49 ? 184 ALA B C   1 
ATOM   1510 O O   . ALA A 1 178 ? -0.783  5.413   -14.580 1.00 14.58 ? 184 ALA B O   1 
ATOM   1511 C CB  . ALA A 1 178 ? -2.112  7.620   -16.230 1.00 14.33 ? 184 ALA B CB  1 
ATOM   1512 N N   . ALA A 1 179 ? 0.129   7.312   -13.726 1.00 12.05 ? 185 ALA B N   1 
ATOM   1513 C CA  . ALA A 1 179 ? 1.448   6.683   -13.471 1.00 12.35 ? 185 ALA B CA  1 
ATOM   1514 C C   . ALA A 1 179 ? 1.285   5.454   -12.567 1.00 12.38 ? 185 ALA B C   1 
ATOM   1515 O O   . ALA A 1 179 ? 0.393   5.365   -11.702 1.00 11.86 ? 185 ALA B O   1 
ATOM   1516 C CB  . ALA A 1 179 ? 2.407   7.656   -12.892 1.00 13.22 ? 185 ALA B CB  1 
ATOM   1517 N N   . PRO A 1 180 ? 2.176   4.463   -12.729 1.00 11.63 ? 186 PRO B N   1 
ATOM   1518 C CA  . PRO A 1 180 ? 2.124   3.248   -11.910 1.00 11.69 ? 186 PRO B CA  1 
ATOM   1519 C C   . PRO A 1 180 ? 2.673   3.411   -10.471 1.00 10.68 ? 186 PRO B C   1 
ATOM   1520 O O   . PRO A 1 180 ? 3.414   4.353   -10.195 1.00 12.20 ? 186 PRO B O   1 
ATOM   1521 C CB  . PRO A 1 180 ? 3.058   2.298   -12.684 1.00 13.10 ? 186 PRO B CB  1 
ATOM   1522 C CG  . PRO A 1 180 ? 4.079   3.200   -13.289 1.00 15.14 ? 186 PRO B CG  1 
ATOM   1523 C CD  . PRO A 1 180 ? 3.266   4.414   -13.727 1.00 14.64 ? 186 PRO B CD  1 
ATOM   1524 N N   . LEU A 1 181 ? 2.301   2.476   -9.604  1.00 10.96 ? 187 LEU B N   1 
ATOM   1525 C CA  . LEU A 1 181 ? 3.110   2.134   -8.411  1.00 11.30 ? 187 LEU B CA  1 
ATOM   1526 C C   . LEU A 1 181 ? 4.149   1.100   -8.838  1.00 11.58 ? 187 LEU B C   1 
ATOM   1527 O O   . LEU A 1 181 ? 3.758   0.144   -9.523  1.00 13.81 ? 187 LEU B O   1 
ATOM   1528 C CB  . LEU A 1 181 ? 2.212   1.621   -7.306  1.00 11.78 ? 187 LEU B CB  1 
ATOM   1529 C CG  . LEU A 1 181 ? 1.218   2.626   -6.701  1.00 12.38 ? 187 LEU B CG  1 
ATOM   1530 C CD1 . LEU A 1 181 ? 0.289   1.957   -5.695  1.00 12.70 ? 187 LEU B CD1 1 
ATOM   1531 C CD2 . LEU A 1 181 ? 1.915   3.786   -6.023  1.00 14.37 ? 187 LEU B CD2 1 
ATOM   1532 N N   . LYS A 1 182 ? 5.390   1.248   -8.395  1.00 11.93 ? 188 LYS B N   1 
ATOM   1533 C CA  . LYS A 1 182 ? 6.452   0.272   -8.749  1.00 12.46 ? 188 LYS B CA  1 
ATOM   1534 C C   . LYS A 1 182 ? 7.155   -0.172  -7.482  1.00 12.46 ? 188 LYS B C   1 
ATOM   1535 O O   . LYS A 1 182 ? 7.614   0.694   -6.705  1.00 13.26 ? 188 LYS B O   1 
ATOM   1536 C CB  . LYS A 1 182 ? 7.476   0.870   -9.717  1.00 14.64 ? 188 LYS B CB  1 
ATOM   1537 C CG  . LYS A 1 182 ? 6.956   1.568   -10.952 1.00 17.48 ? 188 LYS B CG  1 
ATOM   1538 C CD  . LYS A 1 182 ? 8.092   1.973   -11.893 1.00 21.85 ? 188 LYS B CD  1 
ATOM   1539 C CE  . LYS A 1 182 ? 7.637   2.788   -13.078 1.00 26.29 ? 188 LYS B CE  1 
ATOM   1540 N NZ  . LYS A 1 182 ? 8.824   3.229   -13.859 1.00 32.59 ? 188 LYS B NZ  1 
ATOM   1541 N N   . LEU A 1 183 ? 7.364   -1.446  -7.334  1.00 12.51 ? 189 LEU B N   1 
ATOM   1542 C CA  . LEU A 1 183 ? 8.224   -1.967  -6.238  1.00 13.12 ? 189 LEU B CA  1 
ATOM   1543 C C   . LEU A 1 183 ? 9.672   -1.762  -6.649  1.00 14.80 ? 189 LEU B C   1 
ATOM   1544 O O   . LEU A 1 183 ? 10.079  -2.291  -7.719  1.00 18.32 ? 189 LEU B O   1 
ATOM   1545 C CB  . LEU A 1 183 ? 7.873   -3.433  -5.986  1.00 13.99 ? 189 LEU B CB  1 
ATOM   1546 C CG  . LEU A 1 183 ? 6.590   -3.598  -5.166  1.00 15.84 ? 189 LEU B CG  1 
ATOM   1547 C CD1 . LEU A 1 183 ? 5.811   -4.874  -5.404  1.00 20.93 ? 189 LEU B CD1 1 
ATOM   1548 C CD2 . LEU A 1 183 ? 6.832   -3.305  -3.680  1.00 13.35 ? 189 LEU B CD2 1 
ATOM   1549 N N   . CYS A 1 184 ? 10.424  -1.034  -5.834  1.00 15.94 ? 190 CYS B N   1 
ATOM   1550 C CA  . CYS A 1 184 ? 11.833  -0.660  -6.143  1.00 17.99 ? 190 CYS B CA  1 
ATOM   1551 C C   . CYS A 1 184 ? 12.762  -1.811  -5.847  1.00 19.61 ? 190 CYS B C   1 
ATOM   1552 O O   . CYS A 1 184 ? 12.612  -2.551  -4.891  1.00 19.71 ? 190 CYS B O   1 
ATOM   1553 C CB  . CYS A 1 184 ? 12.309  0.436   -5.215  1.00 18.88 ? 190 CYS B CB  1 
ATOM   1554 S SG  . CYS A 1 184 ? 11.233  1.865   -5.174  1.00 21.37 ? 190 CYS B SG  1 
ATOM   1555 N N   . PRO A 1 185 ? 13.851  -1.933  -6.637  1.00 25.16 ? 191 PRO B N   1 
ATOM   1556 C CA  . PRO A 1 185 ? 14.855  -2.942  -6.382  1.00 28.50 ? 191 PRO B CA  1 
ATOM   1557 C C   . PRO A 1 185 ? 15.560  -2.698  -5.041  1.00 27.84 ? 191 PRO B C   1 
ATOM   1558 O O   . PRO A 1 185 ? 15.729  -1.560  -4.639  1.00 28.14 ? 191 PRO B O   1 
ATOM   1559 C CB  . PRO A 1 185 ? 15.762  -2.812  -7.629  1.00 27.93 ? 191 PRO B CB  1 
ATOM   1560 C CG  . PRO A 1 185 ? 15.580  -1.413  -8.127  1.00 30.23 ? 191 PRO B CG  1 
ATOM   1561 C CD  . PRO A 1 185 ? 14.143  -1.086  -7.801  1.00 26.92 ? 191 PRO B CD  1 
ATOM   1562 N N   . LEU A 1 186 ? 15.903  -3.806  -4.395  1.00 32.46 ? 192 LEU B N   1 
ATOM   1563 C CA  . LEU A 1 186 ? 16.812  -3.943  -3.231  1.00 37.71 ? 192 LEU B CA  1 
ATOM   1564 C C   . LEU A 1 186 ? 18.206  -3.428  -3.598  1.00 41.10 ? 192 LEU B C   1 
ATOM   1565 O O   . LEU A 1 186 ? 18.935  -3.045  -2.672  1.00 46.65 ? 192 LEU B O   1 
ATOM   1566 C CB  . LEU A 1 186 ? 16.880  -5.432  -2.861  1.00 39.82 ? 192 LEU B CB  1 
HETATM 1567 N N1  . W0Y B 2 .   ? -10.530 6.435   -12.876 0.44 34.86 ? 201 W0Y B N1  1 
HETATM 1568 C C4  . W0Y B 2 .   ? -13.838 5.644   -12.780 0.44 39.25 ? 201 W0Y B C4  1 
HETATM 1569 C C5  . W0Y B 2 .   ? -12.805 5.106   -13.531 0.44 40.30 ? 201 W0Y B C5  1 
HETATM 1570 C C6  . W0Y B 2 .   ? -12.778 3.752   -13.816 0.44 40.50 ? 201 W0Y B C6  1 
HETATM 1571 C C7  . W0Y B 2 .   ? -13.794 2.934   -13.356 0.44 39.92 ? 201 W0Y B C7  1 
HETATM 1572 O O2  . W0Y B 2 .   ? -10.739 5.391   -15.073 0.44 40.60 ? 201 W0Y B O2  1 
HETATM 1573 S S   . W0Y B 2 .   ? -11.499 6.145   -14.114 0.44 38.39 ? 201 W0Y B S   1 
HETATM 1574 O O1  . W0Y B 2 .   ? -12.071 7.397   -14.515 0.44 39.22 ? 201 W0Y B O1  1 
HETATM 1575 C C3  . W0Y B 2 .   ? -14.849 4.818   -12.322 0.44 39.16 ? 201 W0Y B C3  1 
HETATM 1576 C C2  . W0Y B 2 .   ? -14.838 3.458   -12.605 0.44 40.10 ? 201 W0Y B C2  1 
HETATM 1577 C C1  . W0Y B 2 .   ? -15.940 2.561   -12.123 0.44 40.26 ? 201 W0Y B C1  1 
HETATM 1578 O O   . W0Y B 2 .   ? -17.112 2.934   -12.159 0.44 40.01 ? 201 W0Y B O   1 
HETATM 1579 N N   . W0Y B 2 .   ? -15.593 1.357   -11.669 0.44 41.45 ? 201 W0Y B N   1 
HETATM 1580 C C   . W0Y B 2 .   ? -16.579 0.353   -11.300 0.44 42.02 ? 201 W0Y B C   1 
HETATM 1581 C C1  . EDO C 3 .   ? -24.558 -0.299  -4.277  1.00 40.06 ? 202 EDO B C1  1 
HETATM 1582 O O1  . EDO C 3 .   ? -23.239 -0.806  -4.349  1.00 33.13 ? 202 EDO B O1  1 
HETATM 1583 C C2  . EDO C 3 .   ? -24.587 1.155   -4.086  1.00 40.75 ? 202 EDO B C2  1 
HETATM 1584 O O2  . EDO C 3 .   ? -24.171 1.793   -5.264  1.00 48.15 ? 202 EDO B O2  1 
HETATM 1585 S S   . SO4 D 4 .   ? -16.537 1.943   7.529   1.00 41.72 ? 203 SO4 B S   1 
HETATM 1586 O O1  . SO4 D 4 .   ? -15.866 0.905   6.800   1.00 24.81 ? 203 SO4 B O1  1 
HETATM 1587 O O2  . SO4 D 4 .   ? -17.890 1.544   7.806   1.00 45.63 ? 203 SO4 B O2  1 
HETATM 1588 O O3  . SO4 D 4 .   ? -15.834 2.156   8.782   1.00 46.15 ? 203 SO4 B O3  1 
HETATM 1589 O O4  . SO4 D 4 .   ? -16.551 3.184   6.778   1.00 41.42 ? 203 SO4 B O4  1 
HETATM 1590 O O   . HOH E 5 .   ? -5.956  14.502  1.881   1.00 32.97 ? 301 HOH B O   1 
HETATM 1591 O O   . HOH E 5 .   ? 4.294   7.813   -15.694 1.00 37.37 ? 302 HOH B O   1 
HETATM 1592 O O   . HOH E 5 .   ? -12.744 -3.341  -21.652 1.00 22.41 ? 303 HOH B O   1 
HETATM 1593 O O   . HOH E 5 .   ? 13.484  9.791   -4.507  1.00 28.06 ? 304 HOH B O   1 
HETATM 1594 O O   . HOH E 5 .   ? 2.789   9.677   -17.003 1.00 25.64 ? 305 HOH B O   1 
HETATM 1595 O O   . HOH E 5 .   ? -7.251  -4.936  15.764  1.00 25.33 ? 306 HOH B O   1 
HETATM 1596 O O   . HOH E 5 .   ? 3.171   -12.088 -14.555 1.00 34.60 ? 307 HOH B O   1 
HETATM 1597 O O   . HOH E 5 .   ? -7.146  5.140   -23.421 1.00 39.30 ? 308 HOH B O   1 
HETATM 1598 O O   . HOH E 5 .   ? 0.418   14.111  -12.578 1.00 35.53 ? 309 HOH B O   1 
HETATM 1599 O O   . HOH E 5 .   ? -2.808  -7.855  -14.483 1.00 19.01 ? 310 HOH B O   1 
HETATM 1600 O O   . HOH E 5 .   ? -11.757 -16.930 1.873   1.00 38.76 ? 311 HOH B O   1 
HETATM 1601 O O   . HOH E 5 .   ? -6.824  -12.994 -1.468  1.00 23.78 ? 312 HOH B O   1 
HETATM 1602 O O   . HOH E 5 .   ? 4.588   -13.793 15.490  1.00 15.59 ? 313 HOH B O   1 
HETATM 1603 O O   . HOH E 5 .   ? -0.758  -15.519 11.552  1.00 17.25 ? 314 HOH B O   1 
HETATM 1604 O O   . HOH E 5 .   ? -0.868  16.754  -11.451 1.00 29.59 ? 315 HOH B O   1 
HETATM 1605 O O   . HOH E 5 .   ? 16.649  3.263   0.790   1.00 33.52 ? 316 HOH B O   1 
HETATM 1606 O O   . HOH E 5 .   ? 10.482  -14.097 12.784  1.00 44.21 ? 317 HOH B O   1 
HETATM 1607 O O   . HOH E 5 .   ? -11.590 5.092   -18.661 1.00 38.33 ? 318 HOH B O   1 
HETATM 1608 O O   . HOH E 5 .   ? -2.362  4.060   -16.247 1.00 19.78 ? 319 HOH B O   1 
HETATM 1609 O O   . HOH E 5 .   ? -9.444  6.236   8.274   1.00 24.98 ? 320 HOH B O   1 
HETATM 1610 O O   . HOH E 5 .   ? -12.035 -3.865  3.646   1.00 28.94 ? 321 HOH B O   1 
HETATM 1611 O O   . HOH E 5 .   ? -8.731  14.291  11.665  1.00 37.13 ? 322 HOH B O   1 
HETATM 1612 O O   . HOH E 5 .   ? -4.061  -0.422  19.615  1.00 40.30 ? 323 HOH B O   1 
HETATM 1613 O O   . HOH E 5 .   ? -15.134 -11.504 -0.818  1.00 29.09 ? 324 HOH B O   1 
HETATM 1614 O O   . HOH E 5 .   ? -12.672 11.820  -15.971 1.00 27.62 ? 325 HOH B O   1 
HETATM 1615 O O   . HOH E 5 .   ? -14.366 -3.753  6.800   1.00 34.32 ? 326 HOH B O   1 
HETATM 1616 O O   . HOH E 5 .   ? -5.644  17.109  -14.839 1.00 23.70 ? 327 HOH B O   1 
HETATM 1617 O O   . HOH E 5 .   ? 4.216   11.704  -3.139  1.00 14.50 ? 328 HOH B O   1 
HETATM 1618 O O   . HOH E 5 .   ? 3.100   3.246   21.512  1.00 30.35 ? 329 HOH B O   1 
HETATM 1619 O O   . HOH E 5 .   ? -21.139 -0.288  -2.765  1.00 21.52 ? 330 HOH B O   1 
HETATM 1620 O O   . HOH E 5 .   ? 10.938  -2.302  15.634  1.00 28.60 ? 331 HOH B O   1 
HETATM 1621 O O   . HOH E 5 .   ? 9.829   1.831   13.248  1.00 25.20 ? 332 HOH B O   1 
HETATM 1622 O O   . HOH E 5 .   ? 9.131   5.417   14.925  1.00 18.43 ? 333 HOH B O   1 
HETATM 1623 O O   . HOH E 5 .   ? -4.914  2.601   7.865   1.00 12.04 ? 334 HOH B O   1 
HETATM 1624 O O   . HOH E 5 .   ? 17.197  7.733   1.189   1.00 33.67 ? 335 HOH B O   1 
HETATM 1625 O O   . HOH E 5 .   ? -15.711 3.559   -5.481  1.00 31.14 ? 336 HOH B O   1 
HETATM 1626 O O   . HOH E 5 .   ? 11.267  10.143  -9.529  1.00 26.59 ? 337 HOH B O   1 
HETATM 1627 O O   . HOH E 5 .   ? -9.094  17.697  0.541   1.00 21.83 ? 338 HOH B O   1 
HETATM 1628 O O   . HOH E 5 .   ? 10.425  -5.542  -2.661  1.00 18.34 ? 339 HOH B O   1 
HETATM 1629 O O   . HOH E 5 .   ? -13.001 2.866   10.523  1.00 39.83 ? 340 HOH B O   1 
HETATM 1630 O O   . HOH E 5 .   ? 14.696  -9.884  8.676   1.00 42.70 ? 341 HOH B O   1 
HETATM 1631 O O   . HOH E 5 .   ? 4.025   -1.177  19.616  1.00 19.76 ? 342 HOH B O   1 
HETATM 1632 O O   . HOH E 5 .   ? -4.566  5.659   -11.468 1.00 14.82 ? 343 HOH B O   1 
HETATM 1633 O O   . HOH E 5 .   ? 5.239   6.349   -11.163 1.00 27.12 ? 344 HOH B O   1 
HETATM 1634 O O   . HOH E 5 .   ? -1.617  5.417   15.111  1.00 16.88 ? 345 HOH B O   1 
HETATM 1635 O O   . HOH E 5 .   ? -7.072  -12.558 9.578   1.00 26.42 ? 346 HOH B O   1 
HETATM 1636 O O   . HOH E 5 .   ? 9.605   -10.454 -10.031 1.00 31.95 ? 347 HOH B O   1 
HETATM 1637 O O   . HOH E 5 .   ? 10.775  -2.755  -2.867  1.00 15.91 ? 348 HOH B O   1 
HETATM 1638 O O   . HOH E 5 .   ? -2.444  15.312  -4.981  1.00 15.97 ? 349 HOH B O   1 
HETATM 1639 O O   . HOH E 5 .   ? -14.826 -7.439  -8.327  1.00 29.24 ? 350 HOH B O   1 
HETATM 1640 O O   . HOH E 5 .   ? -9.491  -13.584 -20.317 1.00 28.33 ? 351 HOH B O   1 
HETATM 1641 O O   . HOH E 5 .   ? 9.923   -3.655  -12.666 1.00 26.34 ? 352 HOH B O   1 
HETATM 1642 O O   . HOH E 5 .   ? 0.050   -17.408 9.588   1.00 30.76 ? 353 HOH B O   1 
HETATM 1643 O O   . HOH E 5 .   ? -11.590 -11.244 2.647   1.00 32.85 ? 354 HOH B O   1 
HETATM 1644 O O   . HOH E 5 .   ? 10.213  -8.897  15.223  1.00 31.03 ? 355 HOH B O   1 
HETATM 1645 O O   . HOH E 5 .   ? -12.064 -5.286  6.650   1.00 18.75 ? 356 HOH B O   1 
HETATM 1646 O O   . HOH E 5 .   ? 13.309  9.405   -7.770  1.00 33.19 ? 357 HOH B O   1 
HETATM 1647 O O   . HOH E 5 .   ? -1.400  -11.554 15.715  1.00 19.42 ? 358 HOH B O   1 
HETATM 1648 O O   . HOH E 5 .   ? -6.704  -2.796  14.752  1.00 33.38 ? 359 HOH B O   1 
HETATM 1649 O O   . HOH E 5 .   ? -13.759 -10.130 5.766   1.00 38.46 ? 360 HOH B O   1 
HETATM 1650 O O   . HOH E 5 .   ? -6.872  -6.754  -13.042 1.00 18.93 ? 361 HOH B O   1 
HETATM 1651 O O   . HOH E 5 .   ? 10.922  -6.075  18.106  1.00 31.49 ? 362 HOH B O   1 
HETATM 1652 O O   . HOH E 5 .   ? 10.050  -12.916 14.775  1.00 38.85 ? 363 HOH B O   1 
HETATM 1653 O O   . HOH E 5 .   ? 4.182   -17.067 12.581  1.00 29.26 ? 364 HOH B O   1 
HETATM 1654 O O   . HOH E 5 .   ? -17.563 2.885   -3.680  1.00 34.22 ? 365 HOH B O   1 
HETATM 1655 O O   . HOH E 5 .   ? 10.888  13.034  10.186  1.00 17.99 ? 366 HOH B O   1 
HETATM 1656 O O   . HOH E 5 .   ? -14.275 -2.841  -2.596  1.00 14.51 ? 367 HOH B O   1 
HETATM 1657 O O   . HOH E 5 .   ? -10.587 -9.265  9.401   1.00 23.95 ? 368 HOH B O   1 
HETATM 1658 O O   . HOH E 5 .   ? 4.717   13.328  8.857   1.00 16.05 ? 369 HOH B O   1 
HETATM 1659 O O   . HOH E 5 .   ? 0.964   12.615  -16.047 1.00 37.44 ? 370 HOH B O   1 
HETATM 1660 O O   . HOH E 5 .   ? -5.683  15.538  -8.400  1.00 24.27 ? 371 HOH B O   1 
HETATM 1661 O O   . HOH E 5 .   ? 17.926  11.323  0.201   1.00 39.26 ? 372 HOH B O   1 
HETATM 1662 O O   . HOH E 5 .   ? -2.355  4.069   -12.180 1.00 13.63 ? 373 HOH B O   1 
HETATM 1663 O O   . HOH E 5 .   ? 9.742   -2.093  -10.517 1.00 30.10 ? 374 HOH B O   1 
HETATM 1664 O O   . HOH E 5 .   ? -6.291  18.334  0.861   1.00 26.90 ? 375 HOH B O   1 
HETATM 1665 O O   . HOH E 5 .   ? 9.501   13.261  5.274   1.00 19.20 ? 376 HOH B O   1 
HETATM 1666 O O   . HOH E 5 .   ? 3.006   10.820  -5.501  1.00 13.35 ? 377 HOH B O   1 
HETATM 1667 O O   . HOH E 5 .   ? -14.786 -9.475  -14.206 1.00 22.63 ? 378 HOH B O   1 
HETATM 1668 O O   . HOH E 5 .   ? -20.991 -0.925  0.271   1.00 26.15 ? 379 HOH B O   1 
HETATM 1669 O O   . HOH E 5 .   ? 1.605   14.869  -7.402  1.00 42.48 ? 380 HOH B O   1 
HETATM 1670 O O   . HOH E 5 .   ? -8.676  5.494   -0.205  1.00 34.71 ? 381 HOH B O   1 
HETATM 1671 O O   . HOH E 5 .   ? 1.308   -16.118 7.319   1.00 28.41 ? 382 HOH B O   1 
HETATM 1672 O O   . HOH E 5 .   ? 0.356   10.243  -12.983 1.00 17.03 ? 383 HOH B O   1 
HETATM 1673 O O   . HOH E 5 .   ? -6.245  -11.952 -12.807 1.00 26.26 ? 384 HOH B O   1 
HETATM 1674 O O   . HOH E 5 .   ? -10.384 -14.632 -11.527 1.00 23.02 ? 385 HOH B O   1 
HETATM 1675 O O   . HOH E 5 .   ? 16.219  16.042  1.021   1.00 40.17 ? 386 HOH B O   1 
HETATM 1676 O O   . HOH E 5 .   ? -5.941  5.752   -16.404 1.00 32.48 ? 387 HOH B O   1 
HETATM 1677 O O   . HOH E 5 .   ? -6.094  14.049  -5.608  1.00 21.51 ? 388 HOH B O   1 
HETATM 1678 O O   . HOH E 5 .   ? -2.283  -9.252  16.823  1.00 16.67 ? 389 HOH B O   1 
HETATM 1679 O O   . HOH E 5 .   ? 0.344   16.754  4.157   1.00 22.16 ? 390 HOH B O   1 
HETATM 1680 O O   . HOH E 5 .   ? -23.635 4.131   -6.877  1.00 42.47 ? 391 HOH B O   1 
HETATM 1681 O O   . HOH E 5 .   ? 2.764   -1.723  0.426   1.00 13.11 ? 392 HOH B O   1 
HETATM 1682 O O   . HOH E 5 .   ? -1.508  10.894  -15.823 1.00 16.84 ? 393 HOH B O   1 
HETATM 1683 O O   . HOH E 5 .   ? 2.554   -18.641 10.517  1.00 26.61 ? 394 HOH B O   1 
HETATM 1684 O O   . HOH E 5 .   ? -4.046  1.514   -20.593 1.00 41.51 ? 395 HOH B O   1 
HETATM 1685 O O   . HOH E 5 .   ? 1.796   -2.356  -15.122 1.00 22.50 ? 396 HOH B O   1 
HETATM 1686 O O   . HOH E 5 .   ? -15.994 -2.942  -14.289 1.00 23.05 ? 397 HOH B O   1 
HETATM 1687 O O   . HOH E 5 .   ? 5.936   -14.839 8.487   1.00 29.59 ? 398 HOH B O   1 
HETATM 1688 O O   . HOH E 5 .   ? -14.115 -8.653  -11.707 1.00 31.33 ? 399 HOH B O   1 
HETATM 1689 O O   . HOH E 5 .   ? 0.262   4.682   17.014  1.00 22.46 ? 400 HOH B O   1 
HETATM 1690 O O   . HOH E 5 .   ? -4.091  -1.654  15.381  1.00 18.20 ? 401 HOH B O   1 
HETATM 1691 O O   . HOH E 5 .   ? 12.869  -10.875 10.705  1.00 28.66 ? 402 HOH B O   1 
HETATM 1692 O O   . HOH E 5 .   ? -9.432  -14.291 -15.794 1.00 37.52 ? 403 HOH B O   1 
HETATM 1693 O O   . HOH E 5 .   ? 1.872   18.104  -1.508  1.00 45.59 ? 404 HOH B O   1 
HETATM 1694 O O   . HOH E 5 .   ? 8.966   16.038  7.042   1.00 30.26 ? 405 HOH B O   1 
HETATM 1695 O O   . HOH E 5 .   ? 4.471   -6.468  -18.654 1.00 33.01 ? 406 HOH B O   1 
HETATM 1696 O O   . HOH E 5 .   ? 7.654   13.427  7.380   1.00 17.32 ? 407 HOH B O   1 
HETATM 1697 O O   . HOH E 5 .   ? 0.893   -4.054  19.816  1.00 28.07 ? 408 HOH B O   1 
HETATM 1698 O O   . HOH E 5 .   ? 13.288  11.229  10.827  1.00 23.30 ? 409 HOH B O   1 
HETATM 1699 O O   . HOH E 5 .   ? -9.684  4.836   -3.830  1.00 29.21 ? 410 HOH B O   1 
HETATM 1700 O O   . HOH E 5 .   ? 6.023   -17.022 10.561  1.00 36.33 ? 411 HOH B O   1 
HETATM 1701 O O   . HOH E 5 .   ? 4.210   -15.736 1.904   1.00 26.03 ? 412 HOH B O   1 
HETATM 1702 O O   . HOH E 5 .   ? -15.342 -1.207  -18.772 0.50 22.29 ? 413 HOH B O   1 
HETATM 1703 O O   . HOH E 5 .   ? 3.320   -0.210  -15.166 1.00 23.95 ? 414 HOH B O   1 
HETATM 1704 O O   . HOH E 5 .   ? 2.358   16.220  -3.400  1.00 30.45 ? 415 HOH B O   1 
HETATM 1705 O O   . HOH E 5 .   ? -18.249 -13.768 -9.363  1.00 37.69 ? 416 HOH B O   1 
HETATM 1706 O O   . HOH E 5 .   ? 10.342  15.713  4.168   1.00 25.75 ? 417 HOH B O   1 
HETATM 1707 O O   . HOH E 5 .   ? -12.871 -5.823  -9.497  1.00 22.62 ? 418 HOH B O   1 
HETATM 1708 O O   . HOH E 5 .   ? -4.981  9.759   -18.458 1.00 22.28 ? 419 HOH B O   1 
HETATM 1709 O O   . HOH E 5 .   ? 12.394  -11.860 0.118   1.00 35.45 ? 420 HOH B O   1 
HETATM 1710 O O   . HOH E 5 .   ? -16.936 -13.361 -13.909 1.00 23.54 ? 421 HOH B O   1 
HETATM 1711 O O   . HOH E 5 .   ? 7.667   -6.860  -16.466 1.00 31.86 ? 422 HOH B O   1 
HETATM 1712 O O   . HOH E 5 .   ? -6.132  -0.002  -20.713 1.00 33.08 ? 423 HOH B O   1 
HETATM 1713 O O   . HOH E 5 .   ? 14.487  8.173   10.019  1.00 36.84 ? 424 HOH B O   1 
HETATM 1714 O O   . HOH E 5 .   ? -8.291  8.442   -6.164  1.00 14.35 ? 425 HOH B O   1 
HETATM 1715 O O   . HOH E 5 .   ? 16.672  10.887  8.199   1.00 49.16 ? 426 HOH B O   1 
HETATM 1716 O O   . HOH E 5 .   ? 1.051   -14.356 -6.956  1.00 36.60 ? 427 HOH B O   1 
HETATM 1717 O O   . HOH E 5 .   ? -7.167  -4.297  -22.273 1.00 33.78 ? 428 HOH B O   1 
HETATM 1718 O O   . HOH E 5 .   ? 12.222  -4.316  -9.431  1.00 39.81 ? 429 HOH B O   1 
HETATM 1719 O O   . HOH E 5 .   ? 16.476  5.740   2.738   1.00 36.43 ? 430 HOH B O   1 
HETATM 1720 O O   . HOH E 5 .   ? -12.314 -7.733  8.264   1.00 33.11 ? 431 HOH B O   1 
HETATM 1721 O O   . HOH E 5 .   ? 0.173   16.229  -4.923  1.00 29.72 ? 432 HOH B O   1 
HETATM 1722 O O   . HOH E 5 .   ? 9.375   -11.279 -15.630 1.00 31.04 ? 433 HOH B O   1 
HETATM 1723 O O   . HOH E 5 .   ? 9.590   -14.513 17.174  1.00 32.13 ? 434 HOH B O   1 
HETATM 1724 O O   . HOH E 5 .   ? -3.037  5.543   -19.003 1.00 31.86 ? 435 HOH B O   1 
HETATM 1725 O O   . HOH E 5 .   ? -4.157  0.562   16.500  1.00 34.27 ? 436 HOH B O   1 
HETATM 1726 O O   . HOH E 5 .   ? 11.375  -0.152  -10.993 1.00 36.80 ? 437 HOH B O   1 
HETATM 1727 O O   . HOH E 5 .   ? -17.362 -12.138 -1.550  1.00 37.06 ? 438 HOH B O   1 
HETATM 1728 O O   . HOH E 5 .   ? -8.979  -15.245 -18.286 1.00 40.19 ? 439 HOH B O   1 
HETATM 1729 O O   . HOH E 5 .   ? 9.429   2.781   16.060  1.00 28.93 ? 440 HOH B O   1 
HETATM 1730 O O   . HOH E 5 .   ? -4.077  5.741   16.252  1.00 25.73 ? 441 HOH B O   1 
HETATM 1731 O O   . HOH E 5 .   ? 6.478   0.417   19.852  1.00 38.24 ? 442 HOH B O   1 
HETATM 1732 O O   . HOH E 5 .   ? -6.455  -1.568  19.065  1.00 30.43 ? 443 HOH B O   1 
HETATM 1733 O O   . HOH E 5 .   ? -11.987 6.089   -3.198  1.00 29.49 ? 444 HOH B O   1 
# 
